data_5HFJ
#
_entry.id   5HFJ
#
_cell.length_a   135.603
_cell.length_b   135.603
_cell.length_c   265.146
_cell.angle_alpha   90.00
_cell.angle_beta   90.00
_cell.angle_gamma   120.00
#
_symmetry.space_group_name_H-M   'P 65'
#
loop_
_entity.id
_entity.type
_entity.pdbx_description
1 polymer 'Adenine specific DNA methyltransferase (DpnA)'
2 non-polymer S-ADENOSYLMETHIONINE
#
_entity_poly.entity_id   1
_entity_poly.type   'polypeptide(L)'
_entity_poly.pdbx_seq_one_letter_code
;MIQIYHADAFEIIKDFYQQNLKVDAIITDPPYNISVKNNFPTLKSAKRQGIDFGEWDKNFKLLEWIARYAPLVNPNGCMV
IFCSYRFISYIADFLEENGFVVKDFIQWVKNNPMPRNIHRRYVQDTEFALWAVKKKAKWVFNKPKNEKYLRPLILKSPVV
SGLEKTKHPTQKSLALMEKIISIHTNPNDIVLDPFMGSGTTGLACKNLERNFIGIESEKEYFQTAKKRLNLF
;
_entity_poly.pdbx_strand_id   A,B,C,D,E,F,G,H
#
loop_
_chem_comp.id
_chem_comp.type
_chem_comp.name
_chem_comp.formula
SAM non-polymer S-ADENOSYLMETHIONINE 'C15 H22 N6 O5 S'
#
# COMPACT_ATOMS: atom_id res chain seq x y z
N MET A 1 9.15 29.89 -39.37
CA MET A 1 8.50 30.87 -40.22
C MET A 1 7.12 31.22 -39.68
N ILE A 2 6.73 32.48 -39.79
CA ILE A 2 5.39 32.86 -39.38
C ILE A 2 4.73 33.79 -40.39
N GLN A 3 3.63 33.34 -40.98
CA GLN A 3 2.88 34.19 -41.88
C GLN A 3 1.42 34.22 -41.46
N ILE A 4 0.87 35.41 -41.35
CA ILE A 4 -0.54 35.56 -41.01
C ILE A 4 -1.27 36.33 -42.09
N TYR A 5 -2.50 35.92 -42.37
CA TYR A 5 -3.32 36.60 -43.35
C TYR A 5 -4.54 37.17 -42.69
N HIS A 6 -5.00 38.32 -43.13
CA HIS A 6 -6.33 38.72 -42.70
C HIS A 6 -7.32 38.51 -43.82
N ALA A 7 -8.13 37.47 -43.64
CA ALA A 7 -9.09 37.07 -44.65
C ALA A 7 -10.18 36.20 -44.05
N ASP A 8 -11.23 36.01 -44.82
CA ASP A 8 -12.24 35.02 -44.52
C ASP A 8 -11.69 33.68 -45.00
N ALA A 9 -11.55 32.73 -44.08
CA ALA A 9 -10.92 31.44 -44.35
C ALA A 9 -11.53 30.69 -45.54
N PHE A 10 -12.83 30.89 -45.75
CA PHE A 10 -13.55 30.23 -46.83
C PHE A 10 -13.17 30.89 -48.15
N GLU A 11 -12.77 32.15 -48.05
CA GLU A 11 -12.32 32.91 -49.22
C GLU A 11 -10.85 32.72 -49.55
N ILE A 12 -10.03 32.48 -48.54
CA ILE A 12 -8.59 32.28 -48.76
C ILE A 12 -8.21 30.82 -49.12
N ILE A 13 -9.11 29.87 -48.85
CA ILE A 13 -8.83 28.46 -49.15
C ILE A 13 -8.69 28.18 -50.65
N LYS A 14 -9.39 28.95 -51.49
CA LYS A 14 -9.30 28.80 -52.93
C LYS A 14 -7.94 29.24 -53.42
N ASP A 15 -7.42 30.28 -52.78
CA ASP A 15 -6.10 30.79 -53.08
C ASP A 15 -5.07 29.76 -52.69
N PHE A 16 -5.25 29.14 -51.53
CA PHE A 16 -4.35 28.09 -51.08
C PHE A 16 -4.43 26.87 -51.99
N TYR A 17 -5.57 26.68 -52.64
CA TYR A 17 -5.74 25.53 -53.52
C TYR A 17 -4.79 25.57 -54.71
N GLN A 18 -4.85 26.66 -55.46
CA GLN A 18 -4.01 26.88 -56.65
C GLN A 18 -2.56 27.27 -56.29
N GLN A 19 -2.36 27.95 -55.16
CA GLN A 19 -1.00 28.21 -54.67
C GLN A 19 -0.34 26.88 -54.29
N ASN A 20 -1.12 25.81 -54.34
CA ASN A 20 -0.66 24.45 -54.02
C ASN A 20 -0.03 24.38 -52.63
N LEU A 21 -0.65 25.10 -51.70
CA LEU A 21 -0.19 25.11 -50.32
C LEU A 21 -0.38 23.73 -49.72
N LYS A 22 0.62 23.27 -48.98
CA LYS A 22 0.52 22.00 -48.27
C LYS A 22 0.95 22.21 -46.83
N VAL A 23 0.06 21.91 -45.89
CA VAL A 23 0.39 22.08 -44.49
C VAL A 23 0.44 20.73 -43.79
N ASP A 24 1.26 20.63 -42.75
CA ASP A 24 1.43 19.37 -42.04
C ASP A 24 0.31 19.10 -41.05
N ALA A 25 -0.05 20.10 -40.26
CA ALA A 25 -1.09 19.91 -39.26
C ALA A 25 -1.98 21.12 -39.12
N ILE A 26 -3.29 20.89 -39.15
CA ILE A 26 -4.23 21.95 -38.87
C ILE A 26 -4.60 21.89 -37.40
N ILE A 27 -4.14 22.87 -36.64
CA ILE A 27 -4.47 22.95 -35.23
C ILE A 27 -5.20 24.27 -35.01
N THR A 28 -6.50 24.15 -34.75
CA THR A 28 -7.38 25.30 -34.79
C THR A 28 -8.43 25.29 -33.71
N ASP A 29 -9.01 26.46 -33.47
CA ASP A 29 -10.09 26.63 -32.52
C ASP A 29 -11.21 27.39 -33.22
N PRO A 30 -12.05 26.67 -33.97
CA PRO A 30 -13.13 27.29 -34.75
C PRO A 30 -14.15 28.04 -33.89
N PRO A 31 -14.94 28.94 -34.51
CA PRO A 31 -15.99 29.65 -33.78
C PRO A 31 -17.27 28.83 -33.71
N TYR A 32 -18.12 29.11 -32.73
CA TYR A 32 -19.40 28.42 -32.60
C TYR A 32 -20.51 29.40 -32.21
N ASN A 59 -29.12 25.47 -41.29
CA ASN A 59 -28.34 26.69 -41.49
C ASN A 59 -26.84 26.41 -41.65
N PHE A 60 -26.13 26.29 -40.53
CA PHE A 60 -24.72 25.94 -40.59
C PHE A 60 -24.34 24.95 -39.47
N LYS A 61 -23.68 23.84 -39.81
CA LYS A 61 -22.62 23.72 -40.83
C LYS A 61 -21.50 24.77 -40.72
N LEU A 62 -20.88 24.88 -39.54
CA LEU A 62 -19.49 25.30 -39.62
C LEU A 62 -18.74 24.02 -39.35
N LEU A 63 -19.02 23.06 -40.22
CA LEU A 63 -18.26 21.84 -40.34
C LEU A 63 -17.60 21.76 -41.72
N GLU A 64 -18.05 22.64 -42.61
CA GLU A 64 -17.68 22.61 -44.03
C GLU A 64 -16.22 22.94 -44.26
N TRP A 65 -15.70 23.90 -43.49
CA TRP A 65 -14.30 24.27 -43.60
C TRP A 65 -13.41 23.02 -43.53
N ILE A 66 -13.83 22.05 -42.72
CA ILE A 66 -13.11 20.79 -42.61
C ILE A 66 -13.01 20.09 -43.96
N ALA A 67 -14.13 20.03 -44.67
CA ALA A 67 -14.17 19.41 -45.99
C ALA A 67 -13.21 20.11 -46.94
N ARG A 68 -13.15 21.44 -46.83
CA ARG A 68 -12.35 22.25 -47.73
C ARG A 68 -10.86 22.32 -47.37
N TYR A 69 -10.54 22.21 -46.09
CA TYR A 69 -9.15 22.31 -45.66
C TYR A 69 -8.46 20.95 -45.55
N ALA A 70 -9.23 19.87 -45.72
CA ALA A 70 -8.67 18.52 -45.72
C ALA A 70 -7.61 18.28 -46.81
N PRO A 71 -7.84 18.75 -48.05
CA PRO A 71 -6.82 18.49 -49.07
C PRO A 71 -5.42 19.04 -48.77
N LEU A 72 -5.33 20.07 -47.94
CA LEU A 72 -4.04 20.71 -47.67
C LEU A 72 -3.12 19.88 -46.77
N VAL A 73 -3.64 18.82 -46.17
CA VAL A 73 -2.87 18.10 -45.16
C VAL A 73 -2.04 16.99 -45.78
N ASN A 74 -0.76 16.94 -45.38
CA ASN A 74 0.18 15.95 -45.86
C ASN A 74 -0.21 14.52 -45.47
N PRO A 75 0.26 13.52 -46.23
CA PRO A 75 -0.10 12.13 -46.00
C PRO A 75 0.07 11.68 -44.55
N ASN A 76 1.07 12.21 -43.85
CA ASN A 76 1.32 11.89 -42.45
C ASN A 76 0.74 12.90 -41.47
N GLY A 77 -0.01 13.88 -41.99
CA GLY A 77 -0.49 14.97 -41.17
C GLY A 77 -1.69 14.67 -40.30
N CYS A 78 -2.16 15.68 -39.59
CA CYS A 78 -3.25 15.51 -38.62
C CYS A 78 -4.03 16.79 -38.35
N MET A 79 -5.20 16.65 -37.73
CA MET A 79 -5.96 17.80 -37.27
C MET A 79 -6.20 17.75 -35.76
N VAL A 80 -6.19 18.93 -35.13
CA VAL A 80 -6.64 19.07 -33.75
C VAL A 80 -7.67 20.19 -33.70
N ILE A 81 -8.91 19.83 -33.39
CA ILE A 81 -10.01 20.77 -33.46
C ILE A 81 -10.72 20.97 -32.13
N PHE A 82 -10.66 22.19 -31.60
CA PHE A 82 -11.37 22.52 -30.37
C PHE A 82 -12.86 22.53 -30.63
N CYS A 83 -13.63 21.96 -29.70
CA CYS A 83 -15.07 21.90 -29.85
C CYS A 83 -15.77 21.73 -28.52
N SER A 84 -17.04 22.09 -28.48
CA SER A 84 -17.90 21.78 -27.35
C SER A 84 -18.33 20.33 -27.48
N TYR A 85 -18.68 19.69 -26.38
CA TYR A 85 -19.11 18.30 -26.40
C TYR A 85 -20.42 18.17 -27.18
N ARG A 86 -21.06 19.31 -27.45
CA ARG A 86 -22.28 19.36 -28.25
C ARG A 86 -21.98 19.21 -29.74
N PHE A 87 -20.80 19.65 -30.17
CA PHE A 87 -20.39 19.48 -31.58
C PHE A 87 -19.46 18.30 -31.84
N ILE A 88 -18.89 17.72 -30.79
CA ILE A 88 -17.75 16.81 -30.95
C ILE A 88 -18.06 15.56 -31.78
N SER A 89 -19.28 15.02 -31.64
CA SER A 89 -19.65 13.83 -32.39
C SER A 89 -19.81 14.12 -33.87
N TYR A 90 -20.42 15.27 -34.17
CA TYR A 90 -20.60 15.72 -35.55
C TYR A 90 -19.25 15.92 -36.24
N ILE A 91 -18.36 16.65 -35.57
CA ILE A 91 -17.03 16.92 -36.10
C ILE A 91 -16.29 15.61 -36.37
N ALA A 92 -16.43 14.66 -35.45
CA ALA A 92 -15.77 13.36 -35.59
C ALA A 92 -16.23 12.61 -36.82
N ASP A 93 -17.54 12.52 -37.01
CA ASP A 93 -18.09 11.80 -38.15
C ASP A 93 -17.77 12.47 -39.48
N PHE A 94 -17.85 13.80 -39.52
CA PHE A 94 -17.53 14.54 -40.74
C PHE A 94 -16.07 14.35 -41.11
N LEU A 95 -15.19 14.47 -40.12
CA LEU A 95 -13.77 14.23 -40.30
C LEU A 95 -13.50 12.89 -40.98
N GLU A 96 -14.22 11.86 -40.52
CA GLU A 96 -14.02 10.52 -41.03
C GLU A 96 -14.69 10.29 -42.38
N GLU A 97 -15.54 11.22 -42.79
CA GLU A 97 -16.11 11.18 -44.13
C GLU A 97 -15.22 11.89 -45.14
N ASN A 98 -14.31 12.70 -44.63
CA ASN A 98 -13.39 13.46 -45.46
C ASN A 98 -12.01 12.84 -45.63
N GLY A 99 -11.83 11.61 -45.15
CA GLY A 99 -10.58 10.92 -45.33
C GLY A 99 -9.63 10.95 -44.15
N PHE A 100 -10.19 11.24 -42.97
CA PHE A 100 -9.40 11.22 -41.74
C PHE A 100 -9.86 10.11 -40.81
N VAL A 101 -8.96 9.67 -39.93
CA VAL A 101 -9.31 8.69 -38.92
C VAL A 101 -9.19 9.33 -37.54
N VAL A 102 -10.29 9.35 -36.79
CA VAL A 102 -10.25 9.97 -35.48
C VAL A 102 -9.60 9.00 -34.51
N LYS A 103 -8.46 9.41 -33.95
CA LYS A 103 -7.73 8.56 -33.04
C LYS A 103 -8.28 8.71 -31.62
N ASP A 104 -8.58 9.95 -31.25
CA ASP A 104 -8.97 10.26 -29.88
C ASP A 104 -9.39 11.72 -29.68
N PHE A 105 -9.80 12.01 -28.45
CA PHE A 105 -10.08 13.36 -28.01
C PHE A 105 -9.02 13.80 -27.02
N ILE A 106 -8.74 15.09 -26.97
CA ILE A 106 -7.85 15.63 -25.95
C ILE A 106 -8.63 16.65 -25.16
N GLN A 107 -8.17 16.97 -23.97
CA GLN A 107 -8.98 17.82 -23.10
C GLN A 107 -8.16 18.66 -22.11
N TRP A 108 -8.65 19.84 -21.79
CA TRP A 108 -7.95 20.74 -20.88
C TRP A 108 -8.83 21.21 -19.72
N VAL A 109 -8.27 21.28 -18.51
CA VAL A 109 -9.00 21.71 -17.32
C VAL A 109 -8.38 22.91 -16.64
N LYS A 110 -9.22 23.89 -16.31
CA LYS A 110 -8.74 25.07 -15.62
C LYS A 110 -8.52 24.77 -14.15
N ASN A 111 -7.49 25.41 -13.60
CA ASN A 111 -7.23 25.38 -12.18
C ASN A 111 -8.13 26.41 -11.53
N ASN A 112 -8.59 27.36 -12.34
CA ASN A 112 -9.34 28.48 -11.81
C ASN A 112 -10.68 28.67 -12.49
N PRO A 113 -11.66 27.83 -12.17
CA PRO A 113 -12.97 28.18 -12.75
C PRO A 113 -13.47 29.41 -12.01
N MET A 114 -14.57 30.03 -12.40
CA MET A 114 -14.88 31.34 -11.83
C MET A 114 -15.17 31.34 -10.33
N PRO A 115 -16.04 30.45 -9.83
CA PRO A 115 -17.06 29.54 -10.38
C PRO A 115 -18.43 30.20 -10.57
N ARG A 116 -19.28 29.62 -11.40
CA ARG A 116 -20.66 30.10 -11.56
C ARG A 116 -21.69 29.01 -11.25
N ASN A 117 -22.84 29.45 -10.73
CA ASN A 117 -23.95 28.57 -10.39
C ASN A 117 -23.60 27.30 -9.63
N ILE A 118 -22.64 27.40 -8.71
CA ILE A 118 -22.17 26.26 -7.92
C ILE A 118 -23.25 25.39 -7.31
N HIS A 119 -23.98 25.94 -6.36
CA HIS A 119 -24.98 25.18 -5.61
C HIS A 119 -25.96 24.41 -6.49
N ARG A 120 -26.29 24.95 -7.67
CA ARG A 120 -27.23 24.28 -8.56
C ARG A 120 -26.62 23.51 -9.74
N ARG A 121 -25.31 23.58 -9.94
CA ARG A 121 -24.75 23.08 -11.20
C ARG A 121 -23.25 22.76 -11.15
N TYR A 122 -22.79 22.00 -12.15
CA TYR A 122 -21.37 21.70 -12.30
C TYR A 122 -20.65 22.96 -12.73
N VAL A 123 -19.43 23.15 -12.23
CA VAL A 123 -18.63 24.28 -12.66
C VAL A 123 -18.13 24.00 -14.06
N GLN A 124 -17.80 25.04 -14.83
CA GLN A 124 -17.33 24.74 -16.18
C GLN A 124 -15.83 24.94 -16.18
N ASP A 125 -15.08 23.84 -16.03
CA ASP A 125 -13.63 23.89 -16.00
C ASP A 125 -12.94 23.30 -17.24
N THR A 126 -13.74 22.78 -18.17
CA THR A 126 -13.19 21.92 -19.22
C THR A 126 -13.29 22.52 -20.62
N GLU A 127 -12.27 22.25 -21.43
CA GLU A 127 -12.30 22.57 -22.85
C GLU A 127 -11.93 21.33 -23.67
N PHE A 128 -12.73 21.02 -24.68
CA PHE A 128 -12.53 19.80 -25.46
C PHE A 128 -11.90 20.10 -26.82
N ALA A 129 -11.11 19.14 -27.31
CA ALA A 129 -10.62 19.19 -28.67
C ALA A 129 -10.58 17.79 -29.28
N LEU A 130 -10.65 17.72 -30.61
CA LEU A 130 -10.67 16.45 -31.31
C LEU A 130 -9.39 16.22 -32.10
N TRP A 131 -8.81 15.03 -31.95
CA TRP A 131 -7.59 14.69 -32.67
C TRP A 131 -7.81 13.61 -33.72
N ALA A 132 -7.68 13.98 -34.99
CA ALA A 132 -7.78 13.04 -36.09
C ALA A 132 -6.52 13.11 -36.94
N VAL A 133 -6.24 12.04 -37.68
CA VAL A 133 -5.09 12.00 -38.56
C VAL A 133 -5.56 11.63 -39.95
N LYS A 134 -4.72 11.87 -40.96
CA LYS A 134 -5.09 11.49 -42.32
C LYS A 134 -5.05 9.96 -42.34
N LYS A 135 -5.77 9.34 -43.27
CA LYS A 135 -6.17 7.95 -43.14
C LYS A 135 -5.07 6.89 -42.99
N LYS A 136 -4.14 6.85 -43.94
CA LYS A 136 -3.04 5.88 -43.89
C LYS A 136 -1.78 6.46 -43.28
N ALA A 137 -1.91 7.64 -42.69
CA ALA A 137 -0.79 8.38 -42.11
C ALA A 137 0.06 7.60 -41.13
N LYS A 138 1.34 7.97 -41.07
CA LYS A 138 2.18 7.56 -39.96
C LYS A 138 2.27 8.84 -39.16
N TRP A 139 1.54 8.92 -38.06
CA TRP A 139 1.36 10.20 -37.38
C TRP A 139 2.46 10.50 -36.38
N VAL A 140 2.35 11.64 -35.70
CA VAL A 140 3.44 12.13 -34.86
C VAL A 140 3.37 11.71 -33.38
N PHE A 141 2.36 12.16 -32.65
CA PHE A 141 2.22 11.83 -31.22
C PHE A 141 3.38 12.38 -30.39
N ASN A 142 4.45 11.62 -30.20
CA ASN A 142 5.58 12.08 -29.38
C ASN A 142 5.20 12.14 -27.92
N LYS A 143 5.35 11.00 -27.27
CA LYS A 143 5.22 10.89 -25.84
C LYS A 143 6.61 11.06 -25.25
N PRO A 144 6.71 11.89 -24.20
CA PRO A 144 8.02 12.05 -23.57
C PRO A 144 8.35 10.73 -22.90
N LYS A 145 9.60 10.47 -22.54
CA LYS A 145 9.94 9.23 -21.81
C LYS A 145 9.11 9.02 -20.54
N ASN A 146 8.27 10.00 -20.24
CA ASN A 146 7.50 10.07 -19.01
C ASN A 146 6.12 9.36 -18.84
N GLU A 147 5.63 8.57 -19.80
CA GLU A 147 4.41 7.76 -19.56
C GLU A 147 2.96 8.36 -19.28
N LYS A 148 2.09 8.20 -20.30
CA LYS A 148 0.62 8.54 -20.46
C LYS A 148 -0.01 9.93 -20.74
N TYR A 149 -1.05 10.36 -20.00
CA TYR A 149 -2.47 10.62 -20.48
C TYR A 149 -2.49 11.65 -21.66
N LEU A 150 -3.54 12.10 -22.38
CA LEU A 150 -5.05 12.15 -22.46
C LEU A 150 -5.62 13.37 -21.70
N ARG A 151 -4.83 14.02 -20.85
CA ARG A 151 -5.26 15.32 -20.40
C ARG A 151 -4.00 16.12 -20.40
N PRO A 152 -3.71 16.74 -21.56
CA PRO A 152 -2.41 17.35 -21.81
C PRO A 152 -2.07 18.26 -20.66
N LEU A 153 -3.01 19.07 -20.22
CA LEU A 153 -2.67 20.02 -19.18
C LEU A 153 -3.82 20.47 -18.29
N ILE A 154 -3.53 20.67 -17.02
CA ILE A 154 -4.44 21.39 -16.14
C ILE A 154 -3.76 22.72 -15.84
N LEU A 155 -4.18 23.79 -16.52
CA LEU A 155 -3.52 25.09 -16.36
C LEU A 155 -4.32 26.08 -15.49
N LYS A 156 -3.82 27.31 -15.33
CA LYS A 156 -4.46 28.30 -14.43
C LYS A 156 -5.39 29.34 -15.09
N SER A 157 -5.42 29.36 -16.42
CA SER A 157 -6.22 30.28 -17.26
C SER A 157 -5.55 31.67 -17.30
N PRO A 158 -5.68 32.39 -18.45
CA PRO A 158 -4.70 33.43 -18.81
C PRO A 158 -4.82 34.72 -17.99
N VAL A 159 -3.70 35.42 -17.77
CA VAL A 159 -3.77 36.70 -17.05
C VAL A 159 -3.16 37.90 -17.80
N VAL A 160 -1.83 38.00 -17.84
CA VAL A 160 -1.17 39.14 -18.49
C VAL A 160 -0.80 38.80 -19.95
N SER A 161 -0.93 37.53 -20.30
CA SER A 161 -0.97 37.14 -21.70
C SER A 161 -2.41 37.27 -22.17
N GLY A 162 -3.33 37.40 -21.21
CA GLY A 162 -4.73 37.54 -21.51
C GLY A 162 -5.10 38.85 -22.17
N LEU A 163 -5.67 38.75 -23.37
CA LEU A 163 -6.09 39.94 -24.10
C LEU A 163 -7.54 39.91 -24.62
N GLU A 164 -8.37 40.85 -24.16
CA GLU A 164 -9.32 41.52 -25.05
C GLU A 164 -10.31 40.63 -25.81
N LYS A 165 -10.09 39.32 -25.78
CA LYS A 165 -10.94 38.35 -26.47
C LYS A 165 -11.43 37.23 -25.55
N THR A 166 -12.68 36.83 -25.72
CA THR A 166 -13.29 35.81 -24.85
C THR A 166 -13.12 34.36 -25.31
N LYS A 167 -12.76 34.19 -26.58
CA LYS A 167 -12.50 32.87 -27.14
C LYS A 167 -11.04 32.49 -26.90
N HIS A 168 -10.37 33.31 -26.08
CA HIS A 168 -8.93 33.20 -25.82
C HIS A 168 -8.58 31.95 -25.04
N SER A 173 -3.94 28.97 -21.46
CA SER A 173 -4.30 28.83 -22.86
C SER A 173 -3.06 28.61 -23.73
N LEU A 174 -1.99 29.34 -23.44
CA LEU A 174 -0.78 29.22 -24.24
C LEU A 174 -0.02 27.93 -23.97
N ALA A 175 0.19 27.62 -22.69
CA ALA A 175 0.91 26.40 -22.31
C ALA A 175 0.13 25.20 -22.85
N LEU A 176 -1.19 25.37 -22.96
CA LEU A 176 -2.04 24.35 -23.56
C LEU A 176 -1.69 24.14 -25.02
N MET A 177 -1.72 25.22 -25.79
CA MET A 177 -1.37 25.16 -27.21
C MET A 177 0.03 24.63 -27.42
N GLU A 178 0.96 25.03 -26.55
CA GLU A 178 2.33 24.56 -26.62
C GLU A 178 2.41 23.05 -26.38
N LYS A 179 1.60 22.55 -25.45
CA LYS A 179 1.60 21.11 -25.19
C LYS A 179 0.91 20.34 -26.30
N ILE A 180 -0.19 20.90 -26.79
CA ILE A 180 -0.87 20.33 -27.95
C ILE A 180 0.13 20.20 -29.10
N ILE A 181 0.90 21.26 -29.33
CA ILE A 181 1.87 21.30 -30.41
C ILE A 181 3.07 20.38 -30.17
N SER A 182 3.59 20.39 -28.95
CA SER A 182 4.72 19.53 -28.58
C SER A 182 4.40 18.07 -28.87
N ILE A 183 3.13 17.71 -28.67
CA ILE A 183 2.70 16.36 -28.93
C ILE A 183 2.49 16.13 -30.43
N HIS A 184 1.47 16.74 -31.02
CA HIS A 184 1.01 16.28 -32.31
C HIS A 184 1.77 16.85 -33.51
N THR A 185 2.82 17.63 -33.24
CA THR A 185 3.70 18.09 -34.30
C THR A 185 5.18 17.90 -33.96
N ASN A 186 6.02 18.02 -34.99
CA ASN A 186 7.47 17.96 -34.83
C ASN A 186 8.07 19.30 -35.23
N PRO A 187 9.27 19.65 -34.73
CA PRO A 187 9.83 21.00 -34.77
C PRO A 187 9.75 21.78 -36.09
N ASN A 188 9.97 21.16 -37.24
CA ASN A 188 9.93 21.89 -38.51
C ASN A 188 8.63 21.79 -39.30
N ASP A 189 7.58 21.26 -38.68
CA ASP A 189 6.32 21.02 -39.38
C ASP A 189 5.60 22.34 -39.61
N ILE A 190 4.63 22.36 -40.52
CA ILE A 190 3.87 23.57 -40.80
C ILE A 190 2.49 23.50 -40.18
N VAL A 191 2.22 24.38 -39.21
CA VAL A 191 0.96 24.37 -38.49
C VAL A 191 0.03 25.48 -38.96
N LEU A 192 -1.20 25.11 -39.29
CA LEU A 192 -2.17 26.04 -39.83
C LEU A 192 -3.37 26.23 -38.92
N ASP A 193 -3.69 27.49 -38.62
CA ASP A 193 -4.83 27.81 -37.78
C ASP A 193 -5.73 28.81 -38.52
N PRO A 194 -6.64 28.31 -39.35
CA PRO A 194 -7.52 29.11 -40.22
C PRO A 194 -8.38 30.11 -39.45
N PHE A 195 -8.73 29.78 -38.21
CA PHE A 195 -9.27 30.76 -37.30
C PHE A 195 -8.27 30.91 -36.18
N MET A 196 -7.45 31.95 -36.23
CA MET A 196 -6.32 32.00 -35.31
C MET A 196 -6.64 32.84 -34.08
N GLY A 197 -7.77 33.55 -34.12
CA GLY A 197 -8.17 34.37 -33.00
C GLY A 197 -7.08 35.37 -32.66
N SER A 198 -6.57 35.27 -31.44
CA SER A 198 -5.51 36.15 -30.99
C SER A 198 -4.13 35.65 -31.41
N GLY A 199 -4.08 34.58 -32.19
CA GLY A 199 -2.82 33.96 -32.56
C GLY A 199 -2.09 33.16 -31.50
N THR A 200 -2.81 32.58 -30.55
CA THR A 200 -2.20 31.79 -29.48
C THR A 200 -1.55 30.51 -30.00
N THR A 201 -1.94 30.09 -31.19
CA THR A 201 -1.32 28.96 -31.86
C THR A 201 -0.01 29.36 -32.53
N GLY A 202 0.00 30.54 -33.15
CA GLY A 202 1.20 31.07 -33.74
C GLY A 202 2.29 31.31 -32.71
N LEU A 203 1.92 31.96 -31.61
CA LEU A 203 2.87 32.26 -30.55
C LEU A 203 3.45 30.97 -29.96
N ALA A 204 2.59 29.96 -29.84
CA ALA A 204 3.02 28.65 -29.35
C ALA A 204 4.00 28.02 -30.33
N CYS A 205 3.69 28.11 -31.62
CA CYS A 205 4.56 27.62 -32.67
C CYS A 205 5.92 28.32 -32.67
N LYS A 206 5.89 29.63 -32.49
CA LYS A 206 7.10 30.44 -32.49
C LYS A 206 8.06 30.02 -31.39
N ASN A 207 7.53 29.86 -30.18
CA ASN A 207 8.33 29.46 -29.03
C ASN A 207 8.84 28.02 -29.16
N LEU A 208 8.09 27.20 -29.88
CA LEU A 208 8.48 25.81 -30.14
C LEU A 208 9.15 25.64 -31.50
N GLU A 209 9.37 26.75 -32.20
CA GLU A 209 10.05 26.79 -33.51
C GLU A 209 9.28 26.02 -34.59
N ARG A 210 7.96 26.16 -34.59
CA ARG A 210 7.06 25.31 -35.40
C ARG A 210 6.50 25.79 -36.75
N ASN A 211 6.96 26.91 -37.31
CA ASN A 211 6.53 27.29 -38.66
C ASN A 211 5.01 27.48 -38.85
N PHE A 212 4.47 28.58 -38.34
CA PHE A 212 3.03 28.81 -38.31
C PHE A 212 2.44 29.55 -39.52
N ILE A 213 1.25 29.13 -39.94
CA ILE A 213 0.41 29.92 -40.84
C ILE A 213 -0.96 30.12 -40.18
N GLY A 214 -1.50 31.33 -40.28
CA GLY A 214 -2.80 31.59 -39.68
C GLY A 214 -3.65 32.62 -40.38
N ILE A 215 -4.96 32.55 -40.16
CA ILE A 215 -5.91 33.44 -40.81
C ILE A 215 -6.88 33.99 -39.77
N GLU A 216 -7.27 35.25 -39.93
CA GLU A 216 -8.25 35.87 -39.05
C GLU A 216 -9.14 36.85 -39.84
N SER A 217 -10.43 36.85 -39.53
CA SER A 217 -11.40 37.71 -40.22
C SER A 217 -11.44 39.11 -39.64
N GLU A 218 -11.32 39.21 -38.32
CA GLU A 218 -11.47 40.49 -37.65
C GLU A 218 -10.07 41.11 -37.50
N LYS A 219 -9.96 42.42 -37.71
CA LYS A 219 -8.65 43.10 -37.67
C LYS A 219 -8.20 43.38 -36.22
N GLU A 220 -9.12 43.65 -35.30
CA GLU A 220 -8.68 43.82 -33.92
C GLU A 220 -8.04 42.52 -33.45
N TYR A 221 -8.62 41.39 -33.87
CA TYR A 221 -8.05 40.09 -33.55
C TYR A 221 -6.80 39.84 -34.38
N PHE A 222 -6.88 40.13 -35.69
CA PHE A 222 -5.73 39.98 -36.58
C PHE A 222 -4.52 40.79 -36.13
N GLN A 223 -4.75 42.04 -35.76
CA GLN A 223 -3.64 42.94 -35.41
C GLN A 223 -3.04 42.59 -34.06
N THR A 224 -3.88 42.16 -33.13
CA THR A 224 -3.38 41.73 -31.83
C THR A 224 -2.46 40.53 -32.01
N ALA A 225 -2.93 39.57 -32.80
CA ALA A 225 -2.13 38.39 -33.15
C ALA A 225 -0.84 38.82 -33.84
N LYS A 226 -0.98 39.83 -34.70
CA LYS A 226 0.16 40.38 -35.43
C LYS A 226 1.16 41.01 -34.46
N LYS A 227 0.66 41.62 -33.39
CA LYS A 227 1.50 42.25 -32.38
C LYS A 227 2.03 41.18 -31.42
N ARG A 228 1.36 40.03 -31.36
CA ARG A 228 1.82 38.92 -30.54
C ARG A 228 2.94 38.14 -31.22
N LEU A 229 2.97 38.20 -32.54
CA LEU A 229 3.96 37.49 -33.33
C LEU A 229 5.04 38.42 -33.87
N ASN A 230 5.06 39.65 -33.37
CA ASN A 230 6.07 40.63 -33.76
C ASN A 230 6.12 40.98 -35.24
N LEU A 231 5.15 41.77 -35.70
CA LEU A 231 5.08 42.36 -37.04
C LEU A 231 6.31 42.13 -37.93
N MET B 1 -37.82 0.64 -2.43
CA MET B 1 -38.23 -0.50 -3.24
C MET B 1 -37.20 -0.88 -4.30
N ILE B 2 -37.11 -2.18 -4.55
CA ILE B 2 -36.23 -2.68 -5.60
C ILE B 2 -36.98 -3.71 -6.43
N GLN B 3 -37.18 -3.37 -7.70
CA GLN B 3 -37.82 -4.29 -8.64
C GLN B 3 -36.93 -4.42 -9.86
N ILE B 4 -36.69 -5.65 -10.25
CA ILE B 4 -35.95 -5.89 -11.47
C ILE B 4 -36.84 -6.71 -12.39
N TYR B 5 -36.82 -6.39 -13.67
CA TYR B 5 -37.62 -7.14 -14.62
C TYR B 5 -36.67 -7.80 -15.59
N HIS B 6 -37.02 -9.00 -16.03
CA HIS B 6 -36.23 -9.62 -17.08
C HIS B 6 -37.07 -9.42 -18.32
N ALA B 7 -36.69 -8.43 -19.12
CA ALA B 7 -37.47 -8.04 -20.28
C ALA B 7 -36.70 -7.20 -21.28
N ASP B 8 -37.26 -7.08 -22.48
CA ASP B 8 -36.79 -6.13 -23.47
C ASP B 8 -37.39 -4.76 -23.17
N ALA B 9 -36.53 -3.77 -22.94
CA ALA B 9 -36.95 -2.44 -22.56
C ALA B 9 -37.95 -1.80 -23.52
N PHE B 10 -37.87 -2.15 -24.80
CA PHE B 10 -38.74 -1.54 -25.80
C PHE B 10 -40.18 -2.06 -25.82
N GLU B 11 -40.40 -3.32 -25.45
CA GLU B 11 -41.77 -3.80 -25.32
C GLU B 11 -42.37 -3.58 -23.93
N ILE B 12 -41.53 -3.56 -22.90
CA ILE B 12 -42.02 -3.43 -21.54
C ILE B 12 -42.45 -1.99 -21.25
N ILE B 13 -42.05 -1.06 -22.11
CA ILE B 13 -42.43 0.34 -21.95
C ILE B 13 -43.95 0.51 -22.09
N LYS B 14 -44.58 -0.40 -22.86
CA LYS B 14 -46.03 -0.34 -23.05
C LYS B 14 -46.77 -0.66 -21.75
N ASP B 15 -46.21 -1.58 -20.98
CA ASP B 15 -46.74 -1.89 -19.67
C ASP B 15 -46.58 -0.70 -18.73
N PHE B 16 -45.41 -0.05 -18.78
CA PHE B 16 -45.17 1.12 -17.95
C PHE B 16 -46.06 2.31 -18.35
N TYR B 17 -46.44 2.38 -19.61
CA TYR B 17 -47.31 3.43 -20.11
C TYR B 17 -48.70 3.33 -19.51
N GLN B 18 -49.28 2.14 -19.58
CA GLN B 18 -50.63 1.93 -19.07
C GLN B 18 -50.71 2.11 -17.58
N GLN B 19 -49.70 1.60 -16.89
CA GLN B 19 -49.57 1.72 -15.45
C GLN B 19 -49.36 3.16 -14.98
N ASN B 20 -49.17 4.08 -15.92
CA ASN B 20 -48.91 5.46 -15.60
C ASN B 20 -47.69 5.58 -14.68
N LEU B 21 -46.67 4.77 -14.96
CA LEU B 21 -45.46 4.77 -14.16
C LEU B 21 -44.72 6.09 -14.30
N LYS B 22 -44.30 6.64 -13.17
CA LYS B 22 -43.49 7.85 -13.23
C LYS B 22 -42.29 7.73 -12.27
N VAL B 23 -41.10 7.89 -12.83
CA VAL B 23 -39.87 7.77 -12.06
C VAL B 23 -39.18 9.12 -11.97
N ASP B 24 -38.38 9.31 -10.94
CA ASP B 24 -37.73 10.60 -10.71
C ASP B 24 -36.54 10.82 -11.62
N ALA B 25 -35.67 9.82 -11.74
CA ALA B 25 -34.47 9.98 -12.55
C ALA B 25 -34.14 8.69 -13.30
N ILE B 26 -33.86 8.83 -14.59
CA ILE B 26 -33.39 7.70 -15.37
C ILE B 26 -31.87 7.70 -15.41
N ILE B 27 -31.26 6.73 -14.75
CA ILE B 27 -29.81 6.63 -14.72
C ILE B 27 -29.40 5.30 -15.32
N THR B 28 -28.80 5.34 -16.50
CA THR B 28 -28.59 4.14 -17.30
C THR B 28 -27.29 4.12 -18.08
N ASP B 29 -26.91 2.92 -18.51
CA ASP B 29 -25.72 2.72 -19.34
C ASP B 29 -26.10 1.87 -20.55
N PRO B 30 -26.67 2.50 -21.59
CA PRO B 30 -27.14 1.80 -22.78
C PRO B 30 -26.01 1.05 -23.50
N PRO B 31 -26.37 0.08 -24.36
CA PRO B 31 -25.37 -0.66 -25.13
C PRO B 31 -25.02 0.05 -26.44
N ASN B 59 -28.97 1.59 -38.25
CA ASN B 59 -29.83 0.55 -37.69
C ASN B 59 -29.80 0.51 -36.16
N PHE B 60 -28.95 1.35 -35.59
CA PHE B 60 -28.81 1.44 -34.14
C PHE B 60 -29.49 2.67 -33.49
N LYS B 61 -30.58 2.39 -32.78
CA LYS B 61 -31.20 3.36 -31.88
C LYS B 61 -31.69 2.58 -30.66
N LEU B 62 -31.35 2.92 -29.42
CA LEU B 62 -30.30 3.81 -28.87
C LEU B 62 -30.51 5.34 -28.94
N LEU B 63 -31.28 5.87 -29.88
CA LEU B 63 -31.87 7.18 -29.62
C LEU B 63 -33.35 6.99 -29.33
N GLU B 64 -33.84 5.82 -29.70
CA GLU B 64 -35.26 5.53 -29.61
C GLU B 64 -35.78 5.32 -28.19
N TRP B 65 -35.04 4.54 -27.40
CA TRP B 65 -35.44 4.26 -26.02
C TRP B 65 -35.64 5.58 -25.27
N ILE B 66 -34.82 6.58 -25.58
CA ILE B 66 -34.93 7.90 -24.98
C ILE B 66 -36.30 8.51 -25.27
N ALA B 67 -36.74 8.42 -26.51
CA ALA B 67 -38.04 8.95 -26.90
C ALA B 67 -39.16 8.27 -26.11
N ARG B 68 -39.03 6.96 -25.93
CA ARG B 68 -40.08 6.17 -25.29
C ARG B 68 -40.05 6.23 -23.76
N TYR B 69 -38.87 6.40 -23.17
CA TYR B 69 -38.77 6.42 -21.71
C TYR B 69 -38.82 7.84 -21.13
N ALA B 70 -38.77 8.84 -21.99
CA ALA B 70 -38.89 10.25 -21.56
C ALA B 70 -40.19 10.60 -20.84
N PRO B 71 -41.36 10.13 -21.33
CA PRO B 71 -42.61 10.48 -20.63
C PRO B 71 -42.67 10.06 -19.17
N LEU B 72 -41.88 9.05 -18.81
CA LEU B 72 -41.93 8.48 -17.46
C LEU B 72 -41.33 9.37 -16.38
N VAL B 73 -40.67 10.46 -16.77
CA VAL B 73 -39.93 11.26 -15.80
C VAL B 73 -40.80 12.35 -15.18
N ASN B 74 -40.75 12.45 -13.85
CA ASN B 74 -41.49 13.50 -13.14
C ASN B 74 -40.97 14.88 -13.51
N PRO B 75 -41.83 15.91 -13.37
CA PRO B 75 -41.51 17.29 -13.80
C PRO B 75 -40.16 17.84 -13.33
N ASN B 76 -39.71 17.47 -12.14
CA ASN B 76 -38.43 17.94 -11.62
C ASN B 76 -37.29 16.98 -11.86
N GLY B 77 -37.57 15.92 -12.61
CA GLY B 77 -36.61 14.84 -12.79
C GLY B 77 -35.50 15.09 -13.78
N CYS B 78 -34.67 14.08 -13.99
CA CYS B 78 -33.48 14.20 -14.82
C CYS B 78 -33.05 12.87 -15.41
N MET B 79 -32.17 12.93 -16.40
CA MET B 79 -31.54 11.72 -16.92
C MET B 79 -30.03 11.82 -16.78
N VAL B 80 -29.38 10.69 -16.50
CA VAL B 80 -27.93 10.59 -16.58
C VAL B 80 -27.63 9.39 -17.45
N ILE B 81 -27.08 9.66 -18.63
CA ILE B 81 -26.91 8.62 -19.64
C ILE B 81 -25.46 8.44 -20.07
N PHE B 82 -24.92 7.25 -19.84
CA PHE B 82 -23.55 6.94 -20.26
C PHE B 82 -23.47 6.85 -21.78
N CYS B 83 -22.41 7.41 -22.36
CA CYS B 83 -22.25 7.40 -23.80
C CYS B 83 -20.78 7.57 -24.22
N SER B 84 -20.47 7.14 -25.44
CA SER B 84 -19.18 7.45 -26.07
C SER B 84 -19.24 8.87 -26.64
N TYR B 85 -18.07 9.51 -26.75
CA TYR B 85 -18.03 10.87 -27.30
C TYR B 85 -18.41 10.90 -28.78
N ARG B 86 -18.45 9.73 -29.41
CA ARG B 86 -18.83 9.63 -30.80
C ARG B 86 -20.35 9.78 -30.92
N PHE B 87 -21.06 9.36 -29.89
CA PHE B 87 -22.52 9.48 -29.86
C PHE B 87 -23.05 10.67 -29.05
N ILE B 88 -22.18 11.30 -28.25
CA ILE B 88 -22.65 12.20 -27.19
C ILE B 88 -23.41 13.44 -27.70
N SER B 89 -23.00 13.99 -28.82
CA SER B 89 -23.64 15.17 -29.37
C SER B 89 -25.05 14.86 -29.85
N TYR B 90 -25.20 13.68 -30.47
CA TYR B 90 -26.49 13.21 -30.96
C TYR B 90 -27.50 13.08 -29.84
N ILE B 91 -27.11 12.36 -28.80
CA ILE B 91 -27.95 12.13 -27.63
C ILE B 91 -28.38 13.45 -26.99
N ALA B 92 -27.43 14.39 -26.89
CA ALA B 92 -27.73 15.70 -26.30
C ALA B 92 -28.80 16.43 -27.10
N ASP B 93 -28.62 16.48 -28.41
CA ASP B 93 -29.59 17.16 -29.28
C ASP B 93 -30.92 16.43 -29.26
N PHE B 94 -30.86 15.10 -29.26
CA PHE B 94 -32.07 14.29 -29.25
C PHE B 94 -32.87 14.50 -27.97
N LEU B 95 -32.17 14.45 -26.84
CA LEU B 95 -32.77 14.71 -25.53
C LEU B 95 -33.54 16.03 -25.52
N GLU B 96 -32.95 17.05 -26.14
CA GLU B 96 -33.54 18.38 -26.12
C GLU B 96 -34.72 18.54 -27.09
N GLU B 97 -34.92 17.54 -27.94
CA GLU B 97 -36.13 17.52 -28.77
C GLU B 97 -37.26 16.79 -28.04
N ASN B 98 -36.89 16.06 -26.98
CA ASN B 98 -37.84 15.29 -26.20
C ASN B 98 -38.33 15.99 -24.93
N GLY B 99 -37.99 17.25 -24.77
CA GLY B 99 -38.48 18.01 -23.63
C GLY B 99 -37.51 18.06 -22.49
N PHE B 100 -36.24 17.78 -22.78
CA PHE B 100 -35.20 17.86 -21.78
C PHE B 100 -34.21 18.96 -22.11
N VAL B 101 -33.54 19.46 -21.08
CA VAL B 101 -32.47 20.43 -21.28
C VAL B 101 -31.18 19.77 -20.85
N VAL B 102 -30.22 19.67 -21.76
CA VAL B 102 -28.97 19.02 -21.42
C VAL B 102 -28.18 20.04 -20.60
N LYS B 103 -27.93 19.68 -19.34
CA LYS B 103 -27.27 20.60 -18.44
C LYS B 103 -25.75 20.56 -18.58
N ASP B 104 -25.21 19.36 -18.71
CA ASP B 104 -23.77 19.19 -18.70
C ASP B 104 -23.37 17.76 -19.07
N PHE B 105 -22.06 17.55 -19.09
CA PHE B 105 -21.49 16.22 -19.24
C PHE B 105 -20.85 15.83 -17.93
N ILE B 106 -20.82 14.55 -17.63
CA ILE B 106 -20.01 14.08 -16.51
C ILE B 106 -19.09 13.03 -17.08
N GLN B 107 -17.98 12.78 -16.40
CA GLN B 107 -16.99 11.83 -16.89
C GLN B 107 -16.25 11.17 -15.75
N TRP B 108 -15.81 9.93 -15.99
CA TRP B 108 -15.08 9.16 -15.01
C TRP B 108 -13.74 8.63 -15.54
N VAL B 109 -12.71 8.71 -14.71
CA VAL B 109 -11.37 8.23 -15.07
C VAL B 109 -10.83 7.19 -14.06
N LYS B 110 -10.36 6.07 -14.59
CA LYS B 110 -9.77 4.96 -13.82
C LYS B 110 -8.32 5.30 -13.43
N ASN B 111 -7.78 4.85 -12.29
CA ASN B 111 -6.37 5.17 -12.08
C ASN B 111 -5.49 4.23 -12.82
N ASN B 112 -6.02 3.08 -13.22
CA ASN B 112 -5.13 2.10 -13.82
C ASN B 112 -5.61 1.55 -15.15
N PRO B 113 -5.40 2.32 -16.22
CA PRO B 113 -5.78 1.79 -17.53
C PRO B 113 -4.82 0.68 -17.94
N MET B 114 -5.31 -0.41 -18.51
CA MET B 114 -4.39 -1.33 -19.19
C MET B 114 -3.95 -0.59 -20.45
N PRO B 115 -2.65 -0.30 -20.57
CA PRO B 115 -2.26 0.56 -21.69
C PRO B 115 -2.15 -0.19 -23.02
N ARG B 116 -2.67 0.45 -24.06
CA ARG B 116 -2.59 -0.03 -25.43
C ARG B 116 -2.00 1.05 -26.34
N ASN B 117 -1.08 0.63 -27.22
CA ASN B 117 -0.40 1.55 -28.13
C ASN B 117 0.10 2.81 -27.43
N ILE B 118 0.69 2.61 -26.26
CA ILE B 118 1.17 3.66 -25.37
C ILE B 118 1.98 4.73 -26.10
N HIS B 119 2.82 4.28 -27.01
CA HIS B 119 3.71 5.17 -27.75
C HIS B 119 3.09 5.90 -28.92
N ARG B 120 2.10 5.31 -29.59
CA ARG B 120 1.50 5.95 -30.77
C ARG B 120 0.19 6.67 -30.49
N ARG B 121 -0.31 6.56 -29.26
CA ARG B 121 -1.68 7.01 -29.00
C ARG B 121 -1.92 7.28 -27.52
N TYR B 122 -2.99 8.01 -27.21
CA TYR B 122 -3.37 8.27 -25.83
C TYR B 122 -3.95 7.00 -25.23
N VAL B 123 -3.67 6.74 -23.95
CA VAL B 123 -4.29 5.60 -23.28
C VAL B 123 -5.74 5.96 -23.02
N GLN B 124 -6.62 4.97 -22.88
CA GLN B 124 -8.02 5.29 -22.67
C GLN B 124 -8.46 5.01 -21.23
N ASP B 125 -8.52 6.08 -20.43
CA ASP B 125 -8.93 6.01 -19.03
C ASP B 125 -10.33 6.58 -18.79
N THR B 126 -10.98 7.09 -19.84
CA THR B 126 -12.14 7.96 -19.64
C THR B 126 -13.44 7.29 -20.04
N GLU B 127 -14.50 7.58 -19.28
CA GLU B 127 -15.85 7.16 -19.60
C GLU B 127 -16.77 8.37 -19.53
N PHE B 128 -17.61 8.58 -20.56
CA PHE B 128 -18.45 9.78 -20.64
C PHE B 128 -19.91 9.49 -20.28
N ALA B 129 -20.57 10.48 -19.70
CA ALA B 129 -22.01 10.43 -19.51
C ALA B 129 -22.65 11.82 -19.67
N LEU B 130 -23.93 11.83 -20.01
CA LEU B 130 -24.67 13.07 -20.22
C LEU B 130 -25.71 13.29 -19.14
N TRP B 131 -25.76 14.50 -18.58
CA TRP B 131 -26.76 14.82 -17.58
C TRP B 131 -27.75 15.84 -18.14
N ALA B 132 -29.00 15.41 -18.31
CA ALA B 132 -30.04 16.31 -18.75
C ALA B 132 -31.17 16.31 -17.74
N VAL B 133 -31.94 17.40 -17.73
CA VAL B 133 -33.08 17.54 -16.83
C VAL B 133 -34.31 17.90 -17.63
N LYS B 134 -35.49 17.74 -17.03
CA LYS B 134 -36.70 18.10 -17.73
C LYS B 134 -36.76 19.61 -17.89
N LYS B 135 -37.49 20.05 -18.91
CA LYS B 135 -37.35 21.41 -19.43
C LYS B 135 -37.67 22.52 -18.42
N LYS B 136 -38.83 22.48 -17.77
CA LYS B 136 -39.16 23.48 -16.76
C LYS B 136 -38.79 23.03 -15.35
N ALA B 137 -38.08 21.91 -15.24
CA ALA B 137 -37.71 21.32 -13.95
C ALA B 137 -36.93 22.21 -12.99
N LYS B 138 -37.15 21.95 -11.70
CA LYS B 138 -36.25 22.43 -10.66
C LYS B 138 -35.55 21.17 -10.16
N TRP B 139 -34.30 20.98 -10.57
CA TRP B 139 -33.64 19.69 -10.40
C TRP B 139 -32.89 19.49 -9.09
N VAL B 140 -32.34 18.29 -8.94
CA VAL B 140 -31.58 17.89 -7.76
C VAL B 140 -30.09 18.00 -8.05
N PHE B 141 -29.32 18.58 -7.14
CA PHE B 141 -27.88 18.65 -7.36
C PHE B 141 -27.06 18.14 -6.17
N ASN B 142 -27.24 18.74 -5.00
CA ASN B 142 -26.57 18.26 -3.78
C ASN B 142 -25.05 18.29 -3.80
N LYS B 143 -24.50 19.45 -3.44
CA LYS B 143 -23.06 19.59 -3.20
C LYS B 143 -22.79 19.50 -1.70
N PRO B 144 -21.81 18.67 -1.29
CA PRO B 144 -21.48 18.62 0.13
C PRO B 144 -20.77 19.92 0.48
N LYS B 145 -20.72 20.37 1.73
CA LYS B 145 -19.92 21.56 1.97
C LYS B 145 -18.53 21.24 1.43
N ASN B 146 -18.19 21.96 0.37
CA ASN B 146 -17.06 21.68 -0.50
C ASN B 146 -17.25 22.64 -1.66
N GLU B 147 -16.33 22.66 -2.62
CA GLU B 147 -16.56 23.52 -3.79
C GLU B 147 -16.44 22.86 -5.16
N LYS B 148 -17.16 23.47 -6.10
CA LYS B 148 -17.24 23.11 -7.50
C LYS B 148 -17.55 21.64 -7.82
N TYR B 149 -17.02 21.13 -8.93
CA TYR B 149 -17.30 19.77 -9.45
C TYR B 149 -16.60 19.29 -10.76
N LEU B 150 -17.24 18.27 -11.34
CA LEU B 150 -17.28 17.90 -12.78
C LEU B 150 -16.36 16.76 -13.25
N ARG B 151 -15.52 16.24 -12.39
CA ARG B 151 -14.96 14.94 -12.68
C ARG B 151 -15.35 14.28 -11.38
N PRO B 152 -16.50 13.60 -11.41
CA PRO B 152 -17.04 13.08 -10.16
C PRO B 152 -16.00 12.22 -9.46
N LEU B 153 -15.23 11.41 -10.18
CA LEU B 153 -14.49 10.42 -9.44
C LEU B 153 -13.11 10.00 -9.90
N ILE B 154 -12.32 9.73 -8.87
CA ILE B 154 -10.96 9.25 -8.95
C ILE B 154 -10.81 7.74 -9.11
N LEU B 155 -11.91 7.00 -9.15
CA LEU B 155 -11.89 5.55 -8.86
C LEU B 155 -10.91 4.62 -9.64
N LYS B 156 -10.52 3.55 -8.96
CA LYS B 156 -9.49 2.63 -9.39
C LYS B 156 -10.06 1.46 -10.19
N LYS B 165 -15.00 -7.47 -9.54
CA LYS B 165 -16.27 -7.97 -9.04
C LYS B 165 -16.95 -8.93 -10.02
N THR B 166 -17.68 -8.34 -10.95
CA THR B 166 -18.51 -9.12 -11.88
C THR B 166 -17.77 -9.80 -13.01
N LYS B 167 -18.53 -10.60 -13.75
CA LYS B 167 -17.99 -11.20 -14.95
C LYS B 167 -18.52 -10.40 -16.18
N HIS B 168 -19.26 -9.30 -15.96
CA HIS B 168 -19.91 -8.59 -17.09
C HIS B 168 -18.84 -7.95 -17.96
N PRO B 169 -19.06 -7.92 -19.29
CA PRO B 169 -18.06 -7.34 -20.19
C PRO B 169 -17.88 -5.84 -20.00
N THR B 170 -18.98 -5.10 -20.00
CA THR B 170 -18.94 -3.69 -19.64
C THR B 170 -19.75 -3.44 -18.38
N GLN B 171 -19.08 -3.35 -17.23
CA GLN B 171 -19.78 -2.94 -16.03
C GLN B 171 -19.24 -1.62 -15.57
N LYS B 172 -20.15 -0.74 -15.21
CA LYS B 172 -19.77 0.50 -14.60
C LYS B 172 -19.67 0.19 -13.12
N SER B 173 -18.61 0.70 -12.50
CA SER B 173 -18.30 0.43 -11.12
C SER B 173 -19.32 0.97 -10.15
N LEU B 174 -19.25 0.48 -8.92
CA LEU B 174 -20.20 0.85 -7.89
C LEU B 174 -19.98 2.25 -7.34
N ALA B 175 -18.74 2.57 -6.98
CA ALA B 175 -18.41 3.87 -6.39
C ALA B 175 -18.76 5.01 -7.33
N LEU B 176 -18.63 4.76 -8.63
CA LEU B 176 -19.01 5.74 -9.64
C LEU B 176 -20.52 5.95 -9.61
N MET B 177 -21.26 4.87 -9.74
CA MET B 177 -22.71 4.91 -9.72
C MET B 177 -23.24 5.50 -8.40
N GLU B 178 -22.59 5.17 -7.29
CA GLU B 178 -23.00 5.73 -6.00
C GLU B 178 -22.83 7.25 -5.95
N LYS B 179 -21.78 7.78 -6.58
CA LYS B 179 -21.58 9.23 -6.58
C LYS B 179 -22.56 9.92 -7.49
N ILE B 180 -22.81 9.31 -8.65
CA ILE B 180 -23.79 9.83 -9.59
C ILE B 180 -25.13 10.03 -8.88
N ILE B 181 -25.53 9.01 -8.13
CA ILE B 181 -26.81 9.00 -7.44
C ILE B 181 -26.89 10.00 -6.27
N SER B 182 -25.84 10.07 -5.45
CA SER B 182 -25.78 11.02 -4.35
C SER B 182 -25.97 12.45 -4.84
N ILE B 183 -25.45 12.71 -6.04
CA ILE B 183 -25.56 14.02 -6.65
C ILE B 183 -26.95 14.25 -7.23
N HIS B 184 -27.31 13.48 -8.25
CA HIS B 184 -28.47 13.82 -9.08
C HIS B 184 -29.80 13.29 -8.54
N THR B 185 -29.76 12.61 -7.39
CA THR B 185 -30.99 12.19 -6.72
C THR B 185 -30.96 12.52 -5.22
N ASN B 186 -32.12 12.39 -4.58
CA ASN B 186 -32.32 12.69 -3.16
C ASN B 186 -32.70 11.42 -2.36
N PRO B 187 -32.55 11.44 -1.01
CA PRO B 187 -32.52 10.22 -0.19
C PRO B 187 -33.52 9.12 -0.54
N ASN B 188 -34.77 9.41 -0.87
CA ASN B 188 -35.48 8.40 -1.67
C ASN B 188 -36.27 9.03 -2.82
N ASP B 189 -35.81 8.72 -4.02
CA ASP B 189 -36.34 9.17 -5.29
C ASP B 189 -36.54 7.89 -6.06
N ILE B 190 -37.25 7.89 -7.18
CA ILE B 190 -37.39 6.63 -7.89
C ILE B 190 -36.43 6.61 -9.07
N VAL B 191 -35.43 5.73 -9.02
CA VAL B 191 -34.42 5.67 -10.08
C VAL B 191 -34.65 4.47 -11.00
N LEU B 192 -34.68 4.72 -12.30
CA LEU B 192 -34.95 3.70 -13.29
C LEU B 192 -33.78 3.46 -14.24
N ASP B 193 -33.39 2.20 -14.38
CA ASP B 193 -32.29 1.82 -15.26
C ASP B 193 -32.74 0.74 -16.25
N PRO B 194 -33.29 1.17 -17.40
CA PRO B 194 -33.84 0.28 -18.43
C PRO B 194 -32.83 -0.75 -18.95
N PHE B 195 -31.55 -0.39 -19.00
CA PHE B 195 -30.52 -1.40 -19.23
C PHE B 195 -29.60 -1.48 -18.02
N MET B 196 -29.82 -2.48 -17.17
CA MET B 196 -29.11 -2.51 -15.90
C MET B 196 -27.88 -3.40 -15.88
N GLY B 197 -27.69 -4.23 -16.89
CA GLY B 197 -26.53 -5.11 -16.93
C GLY B 197 -26.44 -5.99 -15.70
N SER B 198 -25.36 -5.78 -14.96
CA SER B 198 -25.08 -6.48 -13.71
C SER B 198 -25.82 -5.83 -12.56
N GLY B 199 -26.74 -4.92 -12.90
CA GLY B 199 -27.31 -4.03 -11.91
C GLY B 199 -26.28 -2.96 -11.62
N THR B 200 -25.86 -2.87 -10.36
CA THR B 200 -24.86 -1.88 -9.91
C THR B 200 -25.38 -0.45 -9.97
N THR B 201 -26.46 -0.22 -10.73
CA THR B 201 -27.17 1.05 -10.65
C THR B 201 -28.12 0.92 -9.47
N GLY B 202 -28.73 -0.25 -9.40
CA GLY B 202 -29.60 -0.65 -8.30
C GLY B 202 -28.86 -0.79 -7.00
N LEU B 203 -27.73 -1.48 -7.05
CA LEU B 203 -26.95 -1.73 -5.84
C LEU B 203 -26.51 -0.41 -5.24
N ALA B 204 -26.19 0.55 -6.09
CA ALA B 204 -25.85 1.88 -5.61
C ALA B 204 -27.08 2.50 -4.95
N CYS B 205 -28.24 2.36 -5.60
CA CYS B 205 -29.50 2.83 -5.05
C CYS B 205 -29.87 2.18 -3.72
N LYS B 206 -29.68 0.86 -3.63
CA LYS B 206 -30.02 0.12 -2.42
C LYS B 206 -29.20 0.64 -1.24
N ASN B 207 -27.89 0.78 -1.46
CA ASN B 207 -26.98 1.25 -0.43
C ASN B 207 -27.26 2.70 -0.05
N LEU B 208 -27.77 3.47 -1.00
CA LEU B 208 -28.12 4.86 -0.76
C LEU B 208 -29.61 5.06 -0.47
N GLU B 209 -30.34 3.95 -0.39
CA GLU B 209 -31.78 3.94 -0.05
C GLU B 209 -32.62 4.65 -1.12
N ARG B 210 -32.25 4.45 -2.38
CA ARG B 210 -32.77 5.25 -3.47
C ARG B 210 -33.91 4.69 -4.36
N ASN B 211 -34.53 3.58 -3.97
CA ASN B 211 -35.72 3.07 -4.68
C ASN B 211 -35.52 2.73 -6.16
N PHE B 212 -34.88 1.60 -6.44
CA PHE B 212 -34.51 1.25 -7.80
C PHE B 212 -35.54 0.41 -8.57
N ILE B 213 -35.68 0.72 -9.86
CA ILE B 213 -36.35 -0.15 -10.82
C ILE B 213 -35.36 -0.40 -11.95
N GLY B 214 -35.28 -1.64 -12.43
CA GLY B 214 -34.35 -1.96 -13.50
C GLY B 214 -34.80 -3.07 -14.43
N ILE B 215 -34.23 -3.06 -15.63
CA ILE B 215 -34.61 -4.00 -16.67
C ILE B 215 -33.38 -4.63 -17.32
N GLU B 216 -33.50 -5.91 -17.69
CA GLU B 216 -32.46 -6.61 -18.41
C GLU B 216 -33.11 -7.58 -19.38
N SER B 217 -32.57 -7.68 -20.59
CA SER B 217 -33.15 -8.54 -21.61
C SER B 217 -32.70 -9.98 -21.47
N GLU B 218 -31.42 -10.15 -21.15
CA GLU B 218 -30.78 -11.45 -21.09
C GLU B 218 -30.76 -12.02 -19.67
N LYS B 219 -30.83 -13.35 -19.55
CA LYS B 219 -31.03 -14.01 -18.25
C LYS B 219 -29.83 -14.08 -17.30
N GLU B 220 -28.63 -14.32 -17.81
CA GLU B 220 -27.45 -14.39 -16.96
C GLU B 220 -27.13 -13.05 -16.30
N TYR B 221 -27.32 -11.95 -17.03
CA TYR B 221 -27.08 -10.63 -16.45
C TYR B 221 -28.17 -10.28 -15.45
N PHE B 222 -29.42 -10.57 -15.81
CA PHE B 222 -30.57 -10.34 -14.93
C PHE B 222 -30.40 -11.01 -13.57
N GLN B 223 -29.95 -12.26 -13.59
CA GLN B 223 -29.77 -13.03 -12.37
C GLN B 223 -28.52 -12.57 -11.62
N THR B 224 -27.51 -12.12 -12.36
CA THR B 224 -26.32 -11.55 -11.73
C THR B 224 -26.75 -10.34 -10.91
N ALA B 225 -27.53 -9.46 -11.55
CA ALA B 225 -28.09 -8.30 -10.88
C ALA B 225 -29.00 -8.70 -9.72
N LYS B 226 -29.79 -9.76 -9.92
CA LYS B 226 -30.75 -10.20 -8.90
C LYS B 226 -30.19 -10.69 -7.56
N LYS B 227 -29.16 -11.52 -7.59
CA LYS B 227 -28.56 -12.02 -6.35
C LYS B 227 -27.52 -11.07 -5.76
N ARG B 228 -27.09 -10.07 -6.54
CA ARG B 228 -26.21 -9.02 -6.03
C ARG B 228 -27.12 -8.11 -5.19
N LEU B 229 -28.43 -8.23 -5.44
CA LEU B 229 -29.48 -7.54 -4.69
C LEU B 229 -30.17 -8.56 -3.80
N MET C 1 -1.91 47.31 -1.54
CA MET C 1 -0.98 48.40 -1.78
C MET C 1 0.36 47.94 -2.32
N ILE C 2 0.94 48.76 -3.19
CA ILE C 2 2.27 48.49 -3.72
C ILE C 2 3.09 49.77 -3.64
N GLN C 3 4.17 49.73 -2.88
CA GLN C 3 5.05 50.89 -2.77
C GLN C 3 6.48 50.45 -3.07
N ILE C 4 7.11 51.14 -4.01
CA ILE C 4 8.50 50.84 -4.36
C ILE C 4 9.43 52.05 -4.22
N TYR C 5 10.65 51.77 -3.75
CA TYR C 5 11.68 52.80 -3.64
C TYR C 5 12.87 52.49 -4.51
N HIS C 6 13.50 53.54 -5.04
CA HIS C 6 14.78 53.37 -5.71
C HIS C 6 15.82 53.88 -4.74
N ALA C 7 16.53 52.95 -4.10
CA ALA C 7 17.48 53.30 -3.05
C ALA C 7 18.47 52.19 -2.75
N ASP C 8 19.52 52.54 -2.02
CA ASP C 8 20.41 51.54 -1.46
C ASP C 8 19.78 51.04 -0.16
N ALA C 9 19.50 49.75 -0.10
CA ALA C 9 18.79 49.14 1.03
C ALA C 9 19.45 49.42 2.38
N PHE C 10 20.78 49.56 2.38
CA PHE C 10 21.51 49.74 3.63
C PHE C 10 21.38 51.15 4.21
N GLU C 11 21.14 52.15 3.35
CA GLU C 11 20.88 53.51 3.82
C GLU C 11 19.41 53.79 4.14
N ILE C 12 18.50 53.17 3.39
CA ILE C 12 17.07 53.42 3.56
C ILE C 12 16.49 52.69 4.78
N ILE C 13 17.21 51.69 5.27
CA ILE C 13 16.77 50.95 6.46
C ILE C 13 16.71 51.87 7.66
N LYS C 14 17.56 52.91 7.65
CA LYS C 14 17.55 53.89 8.72
C LYS C 14 16.25 54.69 8.70
N ASP C 15 15.76 54.95 7.50
CA ASP C 15 14.47 55.62 7.33
C ASP C 15 13.31 54.76 7.80
N PHE C 16 13.34 53.47 7.47
CA PHE C 16 12.28 52.56 7.89
C PHE C 16 12.28 52.44 9.41
N TYR C 17 13.46 52.62 10.00
CA TYR C 17 13.64 52.56 11.44
C TYR C 17 12.87 53.70 12.11
N GLN C 18 13.12 54.90 11.61
CA GLN C 18 12.53 56.13 12.14
C GLN C 18 11.03 56.19 11.89
N GLN C 19 10.62 55.75 10.71
CA GLN C 19 9.20 55.66 10.36
C GLN C 19 8.47 54.62 11.20
N ASN C 20 9.25 53.84 11.97
CA ASN C 20 8.74 52.76 12.79
C ASN C 20 7.94 51.78 11.93
N LEU C 21 8.44 51.56 10.71
CA LEU C 21 7.80 50.61 9.79
C LEU C 21 7.95 49.19 10.28
N LYS C 22 6.85 48.45 10.30
CA LYS C 22 6.84 47.03 10.66
C LYS C 22 6.11 46.26 9.58
N VAL C 23 6.82 45.31 8.98
CA VAL C 23 6.30 44.50 7.88
C VAL C 23 6.18 43.05 8.30
N ASP C 24 5.30 42.29 7.64
CA ASP C 24 5.06 40.90 8.03
C ASP C 24 6.13 39.92 7.57
N ALA C 25 6.53 39.98 6.30
CA ALA C 25 7.49 39.01 5.78
C ALA C 25 8.49 39.61 4.82
N ILE C 26 9.76 39.27 5.03
CA ILE C 26 10.80 39.64 4.08
C ILE C 26 11.03 38.51 3.09
N ILE C 27 10.65 38.74 1.85
CA ILE C 27 10.83 37.75 0.80
C ILE C 27 11.72 38.37 -0.27
N THR C 28 12.95 37.87 -0.35
CA THR C 28 13.96 38.56 -1.13
C THR C 28 14.92 37.63 -1.86
N ASP C 29 15.61 38.20 -2.84
CA ASP C 29 16.62 37.47 -3.58
C ASP C 29 17.88 38.33 -3.62
N PRO C 30 18.65 38.34 -2.53
CA PRO C 30 19.85 39.21 -2.45
C PRO C 30 20.91 38.89 -3.50
N PRO C 31 21.84 39.83 -3.74
CA PRO C 31 22.94 39.58 -4.68
C PRO C 31 24.14 38.93 -3.98
N ASP C 57 36.91 41.47 0.16
CA ASP C 57 36.33 40.49 1.07
C ASP C 57 35.20 41.07 1.95
N LYS C 58 34.33 41.92 1.43
CA LYS C 58 33.13 42.08 2.24
C LYS C 58 31.99 41.69 1.27
N ASN C 59 31.80 40.38 1.36
CA ASN C 59 30.69 39.59 0.90
C ASN C 59 29.89 39.35 2.15
N PHE C 60 30.53 39.83 3.20
CA PHE C 60 30.00 39.90 4.53
C PHE C 60 28.69 40.64 4.47
N LYS C 61 28.62 41.66 3.61
CA LYS C 61 27.45 42.52 3.55
C LYS C 61 26.17 41.78 3.19
N LEU C 62 26.27 40.49 2.84
CA LEU C 62 25.12 39.80 2.31
C LEU C 62 24.48 39.05 3.46
N LEU C 63 25.18 39.04 4.59
CA LEU C 63 24.57 38.62 5.85
C LEU C 63 24.23 39.84 6.68
N GLU C 64 24.75 41.01 6.30
CA GLU C 64 24.56 42.21 7.09
C GLU C 64 23.12 42.74 7.04
N TRP C 65 22.56 42.81 5.84
CA TRP C 65 21.19 43.28 5.64
C TRP C 65 20.21 42.50 6.51
N ILE C 66 20.46 41.21 6.70
CA ILE C 66 19.62 40.37 7.55
C ILE C 66 19.59 40.91 8.98
N ALA C 67 20.76 41.24 9.49
CA ALA C 67 20.88 41.78 10.84
C ALA C 67 20.10 43.08 10.98
N ARG C 68 20.15 43.90 9.95
CA ARG C 68 19.53 45.21 9.98
C ARG C 68 18.03 45.19 9.66
N TYR C 69 17.59 44.25 8.85
CA TYR C 69 16.18 44.18 8.45
C TYR C 69 15.33 43.28 9.34
N ALA C 70 15.98 42.56 10.25
CA ALA C 70 15.26 41.72 11.21
C ALA C 70 14.25 42.50 12.08
N PRO C 71 14.62 43.69 12.58
CA PRO C 71 13.65 44.41 13.43
C PRO C 71 12.31 44.78 12.77
N LEU C 72 12.28 44.86 11.44
CA LEU C 72 11.06 45.28 10.74
C LEU C 72 9.95 44.23 10.77
N VAL C 73 10.26 43.03 11.21
CA VAL C 73 9.33 41.90 11.09
C VAL C 73 8.42 41.76 12.31
N ASN C 74 7.12 41.59 12.05
CA ASN C 74 6.12 41.37 13.10
C ASN C 74 6.37 40.06 13.84
N PRO C 75 5.89 39.95 15.09
CA PRO C 75 6.12 38.79 15.95
C PRO C 75 5.80 37.44 15.30
N ASN C 76 4.79 37.38 14.44
CA ASN C 76 4.42 36.13 13.77
C ASN C 76 5.02 35.99 12.37
N GLY C 77 5.88 36.94 12.00
CA GLY C 77 6.40 36.99 10.64
C GLY C 77 7.51 36.00 10.34
N CYS C 78 8.03 36.08 9.12
CA CYS C 78 9.03 35.15 8.64
C CYS C 78 9.88 35.76 7.52
N MET C 79 11.00 35.11 7.22
CA MET C 79 11.80 35.49 6.06
C MET C 79 11.92 34.33 5.09
N VAL C 80 11.95 34.65 3.81
CA VAL C 80 12.30 33.67 2.79
C VAL C 80 13.41 34.27 1.93
N ILE C 81 14.59 33.67 2.01
CA ILE C 81 15.77 34.24 1.38
C ILE C 81 16.39 33.30 0.37
N PHE C 82 16.42 33.70 -0.89
CA PHE C 82 17.06 32.92 -1.93
C PHE C 82 18.57 32.93 -1.74
N CYS C 83 19.19 31.78 -1.91
CA CYS C 83 20.64 31.66 -1.75
C CYS C 83 21.19 30.45 -2.48
N SER C 84 22.47 30.49 -2.79
CA SER C 84 23.20 29.33 -3.27
C SER C 84 23.59 28.45 -2.09
N TYR C 85 23.79 27.17 -2.35
CA TYR C 85 24.19 26.23 -1.30
C TYR C 85 25.57 26.58 -0.72
N ARG C 86 26.28 27.48 -1.39
CA ARG C 86 27.58 27.93 -0.92
C ARG C 86 27.41 28.93 0.24
N PHE C 87 26.33 29.70 0.20
CA PHE C 87 26.01 30.63 1.28
C PHE C 87 24.96 30.13 2.28
N ILE C 88 24.26 29.05 1.95
CA ILE C 88 23.01 28.71 2.66
C ILE C 88 23.20 28.41 4.15
N SER C 89 24.29 27.73 4.50
CA SER C 89 24.55 27.38 5.88
C SER C 89 24.87 28.64 6.69
N TYR C 90 25.63 29.52 6.06
CA TYR C 90 26.01 30.80 6.66
C TYR C 90 24.79 31.65 6.99
N ILE C 91 23.90 31.82 6.02
CA ILE C 91 22.67 32.59 6.22
C ILE C 91 21.80 32.03 7.34
N ALA C 92 21.69 30.70 7.40
CA ALA C 92 20.88 30.04 8.42
C ALA C 92 21.37 30.35 9.82
N ASP C 93 22.68 30.21 10.04
CA ASP C 93 23.26 30.46 11.34
C ASP C 93 23.15 31.92 11.75
N PHE C 94 23.36 32.83 10.80
CA PHE C 94 23.23 34.25 11.09
C PHE C 94 21.80 34.60 11.47
N LEU C 95 20.85 34.08 10.69
CA LEU C 95 19.43 34.23 10.97
C LEU C 95 19.10 33.81 12.39
N GLU C 96 19.69 32.69 12.83
CA GLU C 96 19.38 32.14 14.14
C GLU C 96 20.09 32.91 15.25
N GLU C 97 21.03 33.77 14.88
CA GLU C 97 21.66 34.67 15.83
C GLU C 97 20.91 35.99 15.93
N ASN C 98 20.04 36.24 14.95
CA ASN C 98 19.30 37.49 14.88
C ASN C 98 17.87 37.41 15.44
N GLY C 99 17.53 36.29 16.05
CA GLY C 99 16.23 36.16 16.68
C GLY C 99 15.25 35.45 15.78
N PHE C 100 15.78 34.73 14.80
CA PHE C 100 14.95 33.93 13.91
C PHE C 100 15.24 32.45 14.10
N VAL C 101 14.26 31.61 13.78
CA VAL C 101 14.46 30.17 13.82
C VAL C 101 14.32 29.60 12.42
N VAL C 102 15.36 28.94 11.92
CA VAL C 102 15.31 28.40 10.58
C VAL C 102 14.49 27.11 10.59
N LYS C 103 13.37 27.13 9.88
CA LYS C 103 12.49 25.97 9.83
C LYS C 103 12.92 24.98 8.76
N ASP C 104 13.32 25.48 7.61
CA ASP C 104 13.59 24.60 6.48
C ASP C 104 14.23 25.33 5.30
N PHE C 105 14.52 24.56 4.25
CA PHE C 105 14.94 25.10 2.98
C PHE C 105 13.83 24.84 1.98
N ILE C 106 13.68 25.71 1.00
CA ILE C 106 12.78 25.42 -0.11
C ILE C 106 13.56 25.51 -1.40
N GLN C 107 13.07 24.88 -2.46
CA GLN C 107 13.79 24.88 -3.72
C GLN C 107 12.89 24.79 -4.95
N TRP C 108 13.39 25.34 -6.04
CA TRP C 108 12.68 25.38 -7.32
C TRP C 108 13.53 24.72 -8.40
N VAL C 109 12.89 23.95 -9.27
CA VAL C 109 13.60 23.20 -10.29
C VAL C 109 13.12 23.58 -11.68
N LYS C 110 14.05 23.90 -12.59
CA LYS C 110 13.66 24.25 -13.94
C LYS C 110 13.34 23.03 -14.80
N ASN C 111 12.35 23.19 -15.67
CA ASN C 111 12.03 22.17 -16.65
C ASN C 111 12.98 22.29 -17.83
N ASN C 112 13.52 23.49 -18.02
CA ASN C 112 14.39 23.71 -19.16
C ASN C 112 15.71 24.35 -18.77
N PRO C 113 16.61 23.58 -18.15
CA PRO C 113 17.93 24.17 -17.91
C PRO C 113 18.56 24.27 -19.29
N MET C 114 19.68 24.96 -19.46
CA MET C 114 20.03 25.45 -20.81
C MET C 114 20.18 24.40 -21.92
N PRO C 115 20.77 23.23 -21.63
CA PRO C 115 21.75 22.68 -20.70
C PRO C 115 23.18 22.87 -21.20
N ARG C 116 24.15 23.15 -20.33
CA ARG C 116 25.53 23.24 -20.77
C ARG C 116 26.52 22.31 -20.04
N ASN C 117 27.36 21.64 -20.84
CA ASN C 117 28.37 20.69 -20.37
C ASN C 117 27.80 19.43 -19.74
N ILE C 118 26.63 19.02 -20.21
CA ILE C 118 25.94 17.85 -19.68
C ILE C 118 26.76 16.55 -19.61
N HIS C 119 27.82 16.44 -20.41
CA HIS C 119 28.62 15.22 -20.39
C HIS C 119 29.60 15.16 -19.21
N ARG C 120 30.11 16.31 -18.80
CA ARG C 120 31.10 16.35 -17.73
C ARG C 120 30.53 16.73 -16.36
N ARG C 121 29.25 17.09 -16.32
CA ARG C 121 28.73 17.73 -15.12
C ARG C 121 27.22 17.65 -14.97
N TYR C 122 26.75 17.93 -13.75
CA TYR C 122 25.32 18.02 -13.48
C TYR C 122 24.82 19.29 -14.14
N VAL C 123 23.61 19.25 -14.69
CA VAL C 123 23.02 20.46 -15.25
C VAL C 123 22.60 21.33 -14.08
N GLN C 124 22.47 22.64 -14.27
CA GLN C 124 22.07 23.43 -13.13
C GLN C 124 20.60 23.79 -13.34
N ASP C 125 19.72 23.02 -12.71
CA ASP C 125 18.29 23.23 -12.82
C ASP C 125 17.67 23.80 -11.55
N THR C 126 18.50 23.98 -10.53
CA THR C 126 17.98 24.21 -9.18
C THR C 126 18.26 25.61 -8.66
N GLU C 127 17.30 26.16 -7.93
CA GLU C 127 17.49 27.41 -7.21
C GLU C 127 17.04 27.20 -5.76
N PHE C 128 17.87 27.60 -4.81
CA PHE C 128 17.59 27.36 -3.39
C PHE C 128 17.12 28.61 -2.66
N ALA C 129 16.29 28.42 -1.65
CA ALA C 129 15.92 29.50 -0.76
C ALA C 129 15.84 29.01 0.69
N LEU C 130 16.03 29.94 1.62
CA LEU C 130 16.02 29.62 3.04
C LEU C 130 14.81 30.24 3.73
N TRP C 131 14.09 29.44 4.51
CA TRP C 131 12.91 29.91 5.23
C TRP C 131 13.10 29.91 6.75
N ALA C 132 13.10 31.10 7.35
CA ALA C 132 13.17 31.23 8.80
C ALA C 132 11.99 32.03 9.33
N VAL C 133 11.67 31.84 10.61
CA VAL C 133 10.59 32.57 11.26
C VAL C 133 11.10 33.23 12.53
N LYS C 134 10.35 34.21 13.04
CA LYS C 134 10.73 34.88 14.28
C LYS C 134 10.57 33.88 15.43
N LYS C 135 11.25 34.11 16.54
CA LYS C 135 11.47 33.04 17.53
C LYS C 135 10.24 32.37 18.12
N LYS C 136 9.36 33.15 18.74
CA LYS C 136 8.12 32.63 19.33
C LYS C 136 6.92 32.79 18.40
N ALA C 137 7.22 33.12 17.14
CA ALA C 137 6.21 33.38 16.13
C ALA C 137 5.20 32.26 15.95
N LYS C 138 3.99 32.66 15.54
CA LYS C 138 3.03 31.70 15.03
C LYS C 138 3.02 31.94 13.53
N TRP C 139 3.63 31.04 12.77
CA TRP C 139 3.88 31.36 11.37
C TRP C 139 2.67 31.04 10.51
N VAL C 140 2.80 31.27 9.21
CA VAL C 140 1.66 31.21 8.29
C VAL C 140 1.46 29.83 7.65
N PHE C 141 2.37 29.43 6.76
CA PHE C 141 2.31 28.13 6.07
C PHE C 141 1.09 27.93 5.15
N ASN C 142 0.01 27.29 5.61
CA ASN C 142 -1.17 27.06 4.75
C ASN C 142 -1.00 26.02 3.64
N LYS C 143 -1.32 24.78 4.01
CA LYS C 143 -1.40 23.67 3.07
C LYS C 143 -2.82 23.49 2.51
N PRO C 144 -2.91 23.35 1.18
CA PRO C 144 -4.03 23.13 0.25
C PRO C 144 -4.65 21.74 0.29
N LYS C 145 -5.25 21.41 -0.85
CA LYS C 145 -5.89 20.14 -1.15
C LYS C 145 -5.07 18.92 -0.65
N ASN C 146 -3.78 18.88 -1.01
CA ASN C 146 -2.86 17.75 -0.77
C ASN C 146 -2.30 17.57 0.67
N GLU C 147 -1.29 16.71 0.81
CA GLU C 147 -0.65 16.40 2.11
C GLU C 147 0.82 16.84 2.31
N LYS C 148 1.78 16.11 1.72
CA LYS C 148 3.22 16.41 1.89
C LYS C 148 3.74 17.58 1.00
N TYR C 149 5.00 17.96 1.23
CA TYR C 149 5.67 19.15 0.66
C TYR C 149 7.16 19.09 0.28
N LEU C 150 7.75 20.29 0.21
CA LEU C 150 9.21 20.62 0.21
C LEU C 150 9.93 20.93 -1.10
N ARG C 151 9.26 20.85 -2.24
CA ARG C 151 9.84 21.43 -3.45
C ARG C 151 8.67 22.05 -4.20
N PRO C 152 8.40 23.33 -3.90
CA PRO C 152 7.18 24.05 -4.26
C PRO C 152 6.85 23.93 -5.73
N LEU C 153 7.82 24.09 -6.62
CA LEU C 153 7.45 24.10 -8.03
C LEU C 153 8.55 23.62 -8.99
N ILE C 154 8.08 22.90 -10.01
CA ILE C 154 8.86 22.42 -11.15
C ILE C 154 8.61 23.26 -12.42
N LEU C 155 8.08 24.47 -12.27
CA LEU C 155 7.66 25.31 -13.40
C LEU C 155 8.54 25.26 -14.63
N LYS C 156 7.87 25.20 -15.78
CA LYS C 156 8.53 25.04 -17.05
C LYS C 156 9.56 26.13 -17.26
N SER C 157 9.09 27.39 -17.22
CA SER C 157 9.98 28.50 -17.45
C SER C 157 11.18 28.54 -16.51
N PRO C 158 12.36 28.81 -17.09
CA PRO C 158 13.57 29.27 -16.37
C PRO C 158 13.44 30.74 -16.02
N SER C 161 11.71 32.06 -19.02
CA SER C 161 10.83 33.23 -18.97
C SER C 161 10.55 33.75 -20.37
N GLY C 162 9.41 33.37 -20.93
CA GLY C 162 9.05 33.81 -22.26
C GLY C 162 8.70 35.28 -22.40
N LEU C 163 7.68 35.74 -21.70
CA LEU C 163 7.31 37.16 -21.78
C LEU C 163 7.58 37.91 -20.47
N GLU C 164 8.00 37.19 -19.43
CA GLU C 164 8.38 37.86 -18.21
C GLU C 164 9.63 38.66 -18.53
N LYS C 165 10.51 38.04 -19.32
CA LYS C 165 11.66 38.70 -19.94
C LYS C 165 12.52 39.47 -18.93
N THR C 166 12.54 40.79 -19.05
CA THR C 166 13.27 41.73 -18.18
C THR C 166 14.80 41.63 -18.01
N LYS C 167 15.53 41.03 -18.95
CA LYS C 167 16.94 41.39 -19.16
C LYS C 167 17.91 41.22 -17.98
N HIS C 168 17.46 40.66 -16.86
CA HIS C 168 18.05 41.05 -15.59
C HIS C 168 19.54 40.67 -15.39
N PRO C 169 19.93 39.41 -15.64
CA PRO C 169 19.30 38.09 -15.90
C PRO C 169 18.62 37.51 -14.67
N THR C 170 19.16 37.81 -13.49
CA THR C 170 18.96 37.03 -12.27
C THR C 170 17.50 36.92 -11.82
N GLN C 171 16.61 37.54 -12.58
CA GLN C 171 15.17 37.49 -12.32
C GLN C 171 14.65 36.10 -12.02
N LYS C 172 13.92 35.99 -10.91
CA LYS C 172 13.25 34.77 -10.55
C LYS C 172 11.86 34.75 -11.15
N SER C 173 11.42 33.57 -11.57
CA SER C 173 10.15 33.43 -12.26
C SER C 173 8.97 33.81 -11.39
N LEU C 174 7.85 34.11 -12.06
CA LEU C 174 6.64 34.58 -11.39
C LEU C 174 5.91 33.47 -10.65
N ALA C 175 5.72 32.33 -11.33
CA ALA C 175 4.97 31.21 -10.77
C ALA C 175 5.57 30.68 -9.47
N LEU C 176 6.89 30.73 -9.36
CA LEU C 176 7.57 30.35 -8.13
C LEU C 176 7.24 31.32 -7.00
N MET C 177 7.47 32.60 -7.26
CA MET C 177 7.22 33.65 -6.29
C MET C 177 5.78 33.64 -5.80
N GLU C 178 4.85 33.37 -6.70
CA GLU C 178 3.45 33.28 -6.34
C GLU C 178 3.16 32.12 -5.39
N LYS C 179 3.83 30.98 -5.60
CA LYS C 179 3.57 29.83 -4.76
C LYS C 179 4.23 29.99 -3.39
N ILE C 180 5.44 30.53 -3.37
CA ILE C 180 6.13 30.85 -2.12
C ILE C 180 5.25 31.73 -1.24
N ILE C 181 4.67 32.76 -1.86
CA ILE C 181 3.83 33.73 -1.18
C ILE C 181 2.50 33.13 -0.74
N SER C 182 1.90 32.31 -1.61
CA SER C 182 0.65 31.62 -1.29
C SER C 182 0.81 30.83 -0.01
N ILE C 183 2.00 30.27 0.19
CA ILE C 183 2.30 29.52 1.39
C ILE C 183 2.63 30.44 2.58
N HIS C 184 3.75 31.15 2.49
CA HIS C 184 4.34 31.75 3.68
C HIS C 184 3.74 33.10 4.07
N THR C 185 2.71 33.53 3.35
CA THR C 185 1.96 34.72 3.73
C THR C 185 0.44 34.49 3.69
N ASN C 186 -0.30 35.43 4.25
CA ASN C 186 -1.77 35.37 4.29
C ASN C 186 -2.34 36.50 3.41
N PRO C 187 -3.59 36.36 2.95
CA PRO C 187 -4.05 37.17 1.81
C PRO C 187 -3.69 38.66 1.79
N ASN C 188 -3.83 39.44 2.85
CA ASN C 188 -3.15 40.73 2.82
C ASN C 188 -2.19 40.87 3.99
N ASP C 189 -0.89 40.81 3.69
CA ASP C 189 0.18 40.89 4.67
C ASP C 189 1.18 41.84 4.07
N ILE C 190 2.14 42.34 4.83
CA ILE C 190 3.09 43.23 4.20
C ILE C 190 4.37 42.48 3.88
N VAL C 191 4.62 42.34 2.58
CA VAL C 191 5.76 41.58 2.08
C VAL C 191 6.81 42.55 1.60
N LEU C 192 8.04 42.37 2.09
CA LEU C 192 9.13 43.28 1.79
C LEU C 192 10.25 42.60 1.04
N ASP C 193 10.65 43.23 -0.08
CA ASP C 193 11.75 42.70 -0.88
C ASP C 193 12.80 43.78 -1.07
N PRO C 194 13.74 43.87 -0.11
CA PRO C 194 14.77 44.91 -0.09
C PRO C 194 15.63 44.96 -1.35
N PHE C 195 15.85 43.81 -1.98
CA PHE C 195 16.42 43.80 -3.32
C PHE C 195 15.39 43.18 -4.25
N MET C 196 14.67 44.00 -5.01
CA MET C 196 13.56 43.46 -5.79
C MET C 196 13.86 43.17 -7.26
N GLY C 197 14.99 43.64 -7.76
CA GLY C 197 15.32 43.42 -9.17
C GLY C 197 14.24 43.97 -10.08
N SER C 198 13.64 43.06 -10.85
CA SER C 198 12.55 43.38 -11.77
C SER C 198 11.23 43.37 -11.00
N GLY C 199 11.32 43.34 -9.68
CA GLY C 199 10.18 43.03 -8.84
C GLY C 199 9.93 41.54 -8.88
N THR C 200 8.73 41.16 -9.31
CA THR C 200 8.28 39.76 -9.41
C THR C 200 7.91 39.25 -8.02
N THR C 201 8.41 39.92 -6.99
CA THR C 201 7.94 39.71 -5.63
C THR C 201 6.70 40.57 -5.48
N GLY C 202 6.79 41.78 -6.02
CA GLY C 202 5.67 42.70 -6.05
C GLY C 202 4.54 42.21 -6.93
N LEU C 203 4.87 41.79 -8.14
CA LEU C 203 3.89 41.31 -9.09
C LEU C 203 3.16 40.08 -8.55
N ALA C 204 3.91 39.21 -7.90
CA ALA C 204 3.32 38.02 -7.28
C ALA C 204 2.40 38.44 -6.15
N CYS C 205 2.85 39.40 -5.36
CA CYS C 205 2.04 39.98 -4.29
C CYS C 205 0.76 40.63 -4.82
N LYS C 206 0.89 41.36 -5.92
CA LYS C 206 -0.26 42.06 -6.51
C LYS C 206 -1.36 41.10 -6.94
N ASN C 207 -0.99 40.06 -7.65
CA ASN C 207 -1.95 39.07 -8.14
C ASN C 207 -2.61 38.28 -7.00
N LEU C 208 -1.88 38.15 -5.90
CA LEU C 208 -2.36 37.44 -4.72
C LEU C 208 -2.95 38.36 -3.64
N GLU C 209 -3.08 39.64 -3.97
CA GLU C 209 -3.68 40.67 -3.12
C GLU C 209 -2.82 40.90 -1.86
N ARG C 210 -1.50 40.84 -2.02
CA ARG C 210 -0.57 40.76 -0.90
C ARG C 210 0.18 41.99 -0.35
N ASN C 211 -0.13 43.22 -0.77
CA ASN C 211 0.48 44.40 -0.11
C ASN C 211 2.02 44.46 -0.13
N PHE C 212 2.61 44.78 -1.27
CA PHE C 212 4.08 44.73 -1.44
C PHE C 212 4.83 46.02 -1.13
N ILE C 213 6.01 45.87 -0.53
CA ILE C 213 7.01 46.95 -0.46
C ILE C 213 8.34 46.45 -1.04
N GLY C 214 9.00 47.29 -1.84
CA GLY C 214 10.26 46.88 -2.42
C GLY C 214 11.26 48.00 -2.69
N ILE C 215 12.52 47.63 -2.77
CA ILE C 215 13.62 48.59 -2.96
C ILE C 215 14.56 48.08 -4.04
N GLU C 216 15.12 49.01 -4.83
CA GLU C 216 16.07 48.67 -5.87
C GLU C 216 17.14 49.75 -6.04
N SER C 217 18.38 49.33 -6.27
CA SER C 217 19.49 50.26 -6.42
C SER C 217 19.62 50.84 -7.83
N GLU C 218 19.36 50.00 -8.82
CA GLU C 218 19.61 50.39 -10.20
C GLU C 218 18.41 51.04 -10.84
N LYS C 219 18.68 51.99 -11.73
CA LYS C 219 17.62 52.78 -12.34
C LYS C 219 16.89 51.97 -13.38
N GLU C 220 17.62 51.18 -14.15
CA GLU C 220 17.00 50.33 -15.15
C GLU C 220 16.10 49.27 -14.54
N TYR C 221 16.53 48.68 -13.43
CA TYR C 221 15.75 47.65 -12.78
C TYR C 221 14.52 48.24 -12.09
N PHE C 222 14.71 49.35 -11.38
CA PHE C 222 13.61 50.05 -10.73
C PHE C 222 12.51 50.44 -11.71
N GLN C 223 12.92 50.92 -12.87
CA GLN C 223 11.99 51.41 -13.89
C GLN C 223 11.26 50.22 -14.50
N THR C 224 12.00 49.12 -14.67
CA THR C 224 11.45 47.87 -15.17
C THR C 224 10.38 47.28 -14.26
N ALA C 225 10.69 47.19 -12.97
CA ALA C 225 9.75 46.70 -11.96
C ALA C 225 8.50 47.56 -11.92
N LYS C 226 8.71 48.87 -12.03
CA LYS C 226 7.64 49.85 -12.00
C LYS C 226 6.74 49.72 -13.23
N LYS C 227 7.28 49.31 -14.37
CA LYS C 227 6.46 49.17 -15.57
C LYS C 227 5.69 47.85 -15.47
N ARG C 228 6.18 46.97 -14.63
CA ARG C 228 5.49 45.72 -14.32
C ARG C 228 4.39 45.99 -13.32
N LEU C 229 4.60 47.01 -12.50
CA LEU C 229 3.64 47.40 -11.44
C LEU C 229 2.80 48.69 -11.67
N ASN C 230 2.88 49.30 -12.86
CA ASN C 230 2.10 50.51 -13.19
C ASN C 230 2.25 51.84 -12.41
N LEU C 231 3.21 52.63 -12.86
CA LEU C 231 3.37 54.04 -12.51
C LEU C 231 2.03 54.77 -12.65
N MET D 1 28.52 -12.77 -14.13
CA MET D 1 27.96 -12.12 -15.30
C MET D 1 26.47 -12.42 -15.44
N ILE D 2 25.71 -11.45 -15.93
CA ILE D 2 24.28 -11.60 -16.12
C ILE D 2 23.88 -11.14 -17.52
N GLN D 3 23.27 -12.04 -18.28
CA GLN D 3 22.86 -11.77 -19.65
C GLN D 3 21.37 -12.00 -19.87
N ILE D 4 20.72 -11.03 -20.51
CA ILE D 4 19.33 -11.17 -20.86
C ILE D 4 19.17 -11.08 -22.37
N TYR D 5 18.30 -11.92 -22.93
CA TYR D 5 18.05 -11.93 -24.36
C TYR D 5 16.60 -11.63 -24.66
N HIS D 6 16.34 -10.90 -25.74
CA HIS D 6 14.96 -10.80 -26.19
C HIS D 6 14.82 -11.68 -27.43
N ALA D 7 14.22 -12.85 -27.23
CA ALA D 7 14.11 -13.85 -28.27
C ALA D 7 13.05 -14.88 -27.93
N ASP D 8 12.66 -15.68 -28.92
CA ASP D 8 11.86 -16.85 -28.66
C ASP D 8 12.81 -17.94 -28.20
N ALA D 9 12.57 -18.48 -27.00
CA ALA D 9 13.44 -19.47 -26.40
C ALA D 9 13.69 -20.63 -27.35
N PHE D 10 12.71 -20.90 -28.21
CA PHE D 10 12.78 -22.02 -29.14
C PHE D 10 13.71 -21.77 -30.33
N GLU D 11 13.89 -20.52 -30.75
CA GLU D 11 14.86 -20.27 -31.83
C GLU D 11 16.28 -20.03 -31.31
N ILE D 12 16.40 -19.43 -30.13
CA ILE D 12 17.71 -19.10 -29.57
C ILE D 12 18.40 -20.32 -28.95
N ILE D 13 17.62 -21.37 -28.71
CA ILE D 13 18.17 -22.61 -28.16
C ILE D 13 19.17 -23.20 -29.16
N LYS D 14 18.95 -22.96 -30.45
CA LYS D 14 19.84 -23.44 -31.49
C LYS D 14 21.17 -22.70 -31.46
N ASP D 15 21.12 -21.42 -31.14
CA ASP D 15 22.32 -20.61 -30.96
C ASP D 15 23.14 -21.09 -29.78
N PHE D 16 22.46 -21.41 -28.69
CA PHE D 16 23.13 -21.93 -27.50
C PHE D 16 23.80 -23.29 -27.77
N TYR D 17 23.26 -24.00 -28.76
CA TYR D 17 23.82 -25.29 -29.18
C TYR D 17 25.22 -25.19 -29.81
N GLN D 18 25.39 -24.30 -30.78
CA GLN D 18 26.67 -24.18 -31.47
C GLN D 18 27.73 -23.66 -30.52
N GLN D 19 27.33 -22.71 -29.68
CA GLN D 19 28.20 -22.17 -28.65
C GLN D 19 28.58 -23.22 -27.60
N ASN D 20 27.92 -24.38 -27.69
CA ASN D 20 28.14 -25.49 -26.78
C ASN D 20 27.98 -25.04 -25.33
N LEU D 21 26.97 -24.21 -25.12
CA LEU D 21 26.70 -23.65 -23.80
C LEU D 21 26.28 -24.73 -22.80
N LYS D 22 26.84 -24.64 -21.60
CA LYS D 22 26.45 -25.50 -20.49
C LYS D 22 26.18 -24.69 -19.23
N VAL D 23 24.97 -24.82 -18.71
CA VAL D 23 24.54 -24.07 -17.53
C VAL D 23 24.34 -25.00 -16.34
N ASP D 24 24.44 -24.46 -15.14
CA ASP D 24 24.32 -25.26 -13.92
C ASP D 24 22.88 -25.60 -13.56
N ALA D 25 22.01 -24.60 -13.56
CA ALA D 25 20.64 -24.84 -13.15
C ALA D 25 19.63 -24.04 -13.97
N ILE D 26 18.59 -24.73 -14.44
CA ILE D 26 17.48 -24.06 -15.10
C ILE D 26 16.37 -23.82 -14.08
N ILE D 27 16.14 -22.55 -13.74
CA ILE D 27 15.09 -22.20 -12.80
C ILE D 27 14.11 -21.28 -13.50
N THR D 28 12.92 -21.80 -13.79
CA THR D 28 12.00 -21.08 -14.67
C THR D 28 10.54 -21.28 -14.30
N ASP D 29 9.71 -20.38 -14.83
CA ASP D 29 8.26 -20.42 -14.67
C ASP D 29 7.63 -20.30 -16.05
N PRO D 30 7.55 -21.41 -16.79
CA PRO D 30 7.07 -21.44 -18.18
C PRO D 30 5.64 -20.95 -18.35
N PRO D 31 5.27 -20.57 -19.59
CA PRO D 31 3.92 -20.11 -19.89
C PRO D 31 2.99 -21.27 -20.24
N PHE D 60 2.48 -30.97 -27.31
CA PHE D 60 2.10 -29.58 -27.17
C PHE D 60 3.45 -28.89 -26.83
N LYS D 61 3.48 -27.61 -26.47
CA LYS D 61 4.75 -26.95 -26.27
C LYS D 61 5.27 -27.12 -24.82
N LEU D 62 4.43 -26.90 -23.79
CA LEU D 62 4.54 -27.68 -22.52
C LEU D 62 5.94 -28.07 -22.08
N LEU D 63 6.07 -29.38 -22.21
CA LEU D 63 7.27 -30.18 -22.15
C LEU D 63 8.27 -30.09 -23.30
N GLU D 64 7.92 -29.45 -24.42
CA GLU D 64 8.86 -29.41 -25.56
C GLU D 64 10.13 -28.63 -25.24
N TRP D 65 9.98 -27.44 -24.68
CA TRP D 65 11.11 -26.62 -24.28
C TRP D 65 12.03 -27.42 -23.35
N ILE D 66 11.41 -28.26 -22.51
CA ILE D 66 12.15 -29.13 -21.62
C ILE D 66 13.08 -30.07 -22.38
N ALA D 67 12.55 -30.69 -23.43
CA ALA D 67 13.32 -31.61 -24.25
C ALA D 67 14.53 -30.95 -24.89
N ARG D 68 14.34 -29.72 -25.35
CA ARG D 68 15.40 -29.00 -26.04
C ARG D 68 16.42 -28.34 -25.11
N TYR D 69 16.00 -27.97 -23.90
CA TYR D 69 16.89 -27.29 -22.97
C TYR D 69 17.61 -28.23 -21.99
N ALA D 70 17.27 -29.51 -22.01
CA ALA D 70 17.95 -30.50 -21.18
C ALA D 70 19.46 -30.63 -21.41
N PRO D 71 19.93 -30.62 -22.69
CA PRO D 71 21.38 -30.76 -22.91
C PRO D 71 22.25 -29.68 -22.28
N LEU D 72 21.69 -28.52 -21.98
CA LEU D 72 22.46 -27.39 -21.46
C LEU D 72 22.92 -27.59 -20.02
N VAL D 73 22.41 -28.62 -19.36
CA VAL D 73 22.65 -28.78 -17.92
C VAL D 73 23.92 -29.59 -17.61
N ASN D 74 24.72 -29.05 -16.70
CA ASN D 74 25.95 -29.70 -16.24
C ASN D 74 25.69 -31.03 -15.56
N PRO D 75 26.69 -31.93 -15.55
CA PRO D 75 26.52 -33.26 -14.96
C PRO D 75 25.95 -33.23 -13.54
N ASN D 76 26.30 -32.21 -12.76
CA ASN D 76 25.81 -32.08 -11.38
C ASN D 76 24.61 -31.14 -11.25
N GLY D 77 24.10 -30.66 -12.39
CA GLY D 77 23.06 -29.65 -12.38
C GLY D 77 21.65 -30.14 -12.10
N CYS D 78 20.69 -29.22 -12.16
CA CYS D 78 19.31 -29.53 -11.82
C CYS D 78 18.34 -28.58 -12.51
N MET D 79 17.05 -28.95 -12.51
CA MET D 79 15.99 -28.07 -13.00
C MET D 79 14.97 -27.79 -11.91
N VAL D 80 14.44 -26.57 -11.90
CA VAL D 80 13.29 -26.25 -11.07
C VAL D 80 12.20 -25.58 -11.93
N ILE D 81 11.08 -26.27 -12.11
CA ILE D 81 10.03 -25.82 -13.03
C ILE D 81 8.69 -25.62 -12.34
N PHE D 82 8.20 -24.38 -12.35
CA PHE D 82 6.89 -24.06 -11.78
C PHE D 82 5.76 -24.63 -12.63
N CYS D 83 4.77 -25.24 -11.98
CA CYS D 83 3.63 -25.81 -12.69
C CYS D 83 2.40 -26.00 -11.78
N SER D 84 1.22 -26.09 -12.40
CA SER D 84 0.00 -26.49 -11.70
C SER D 84 -0.07 -28.01 -11.56
N TYR D 85 -0.83 -28.47 -10.56
CA TYR D 85 -0.94 -29.91 -10.32
C TYR D 85 -1.60 -30.67 -11.47
N ARG D 86 -2.20 -29.96 -12.42
CA ARG D 86 -2.82 -30.63 -13.55
C ARG D 86 -1.79 -31.10 -14.58
N PHE D 87 -0.69 -30.36 -14.69
CA PHE D 87 0.39 -30.74 -15.59
C PHE D 87 1.57 -31.45 -14.91
N ILE D 88 1.60 -31.42 -13.57
CA ILE D 88 2.82 -31.76 -12.83
C ILE D 88 3.31 -33.20 -13.04
N SER D 89 2.39 -34.15 -13.16
CA SER D 89 2.76 -35.55 -13.36
C SER D 89 3.39 -35.73 -14.73
N TYR D 90 2.82 -35.04 -15.71
CA TYR D 90 3.30 -35.08 -17.08
C TYR D 90 4.73 -34.58 -17.20
N ILE D 91 4.98 -33.40 -16.65
CA ILE D 91 6.32 -32.79 -16.66
C ILE D 91 7.36 -33.69 -16.01
N ALA D 92 6.99 -34.29 -14.88
CA ALA D 92 7.90 -35.18 -14.14
C ALA D 92 8.34 -36.39 -14.95
N ASP D 93 7.37 -37.08 -15.56
CA ASP D 93 7.68 -38.27 -16.37
C ASP D 93 8.48 -37.90 -17.60
N PHE D 94 8.13 -36.77 -18.22
CA PHE D 94 8.84 -36.32 -19.40
C PHE D 94 10.29 -36.03 -19.05
N LEU D 95 10.48 -35.33 -17.95
CA LEU D 95 11.82 -35.07 -17.42
C LEU D 95 12.64 -36.33 -17.24
N GLU D 96 12.02 -37.38 -16.70
CA GLU D 96 12.75 -38.61 -16.41
C GLU D 96 13.00 -39.46 -17.65
N GLU D 97 12.37 -39.10 -18.76
CA GLU D 97 12.68 -39.73 -20.03
C GLU D 97 13.81 -38.98 -20.73
N ASN D 98 14.09 -37.77 -20.24
CA ASN D 98 15.11 -36.90 -20.80
C ASN D 98 16.45 -36.96 -20.08
N GLY D 99 16.59 -37.89 -19.14
CA GLY D 99 17.86 -38.06 -18.45
C GLY D 99 17.90 -37.36 -17.11
N PHE D 100 16.73 -37.04 -16.58
CA PHE D 100 16.65 -36.43 -15.25
C PHE D 100 15.96 -37.34 -14.25
N VAL D 101 16.28 -37.13 -12.98
CA VAL D 101 15.62 -37.84 -11.89
C VAL D 101 14.86 -36.85 -11.05
N VAL D 102 13.55 -37.05 -10.90
CA VAL D 102 12.77 -36.11 -10.12
C VAL D 102 13.01 -36.40 -8.65
N LYS D 103 13.59 -35.42 -7.96
CA LYS D 103 13.92 -35.56 -6.55
C LYS D 103 12.74 -35.27 -5.63
N ASP D 104 11.95 -34.27 -5.98
CA ASP D 104 10.90 -33.80 -5.10
C ASP D 104 10.01 -32.74 -5.74
N PHE D 105 8.96 -32.36 -5.01
CA PHE D 105 8.12 -31.24 -5.39
C PHE D 105 8.37 -30.15 -4.36
N ILE D 106 8.27 -28.89 -4.77
CA ILE D 106 8.28 -27.82 -3.80
C ILE D 106 7.04 -26.95 -3.99
N GLN D 107 6.68 -26.22 -2.96
CA GLN D 107 5.48 -25.40 -3.01
C GLN D 107 5.63 -24.17 -2.13
N TRP D 108 5.01 -23.08 -2.54
CA TRP D 108 5.01 -21.86 -1.74
C TRP D 108 3.55 -21.43 -1.61
N VAL D 109 3.18 -20.92 -0.43
CA VAL D 109 1.79 -20.60 -0.18
C VAL D 109 1.59 -19.12 0.11
N LYS D 110 0.60 -18.54 -0.57
CA LYS D 110 0.30 -17.13 -0.43
C LYS D 110 -0.46 -16.85 0.87
N ASN D 111 -0.17 -15.71 1.45
CA ASN D 111 -0.86 -15.20 2.63
C ASN D 111 -2.13 -14.48 2.21
N ASN D 112 -2.22 -14.18 0.92
CA ASN D 112 -3.32 -13.37 0.40
C ASN D 112 -4.03 -14.07 -0.72
N PRO D 113 -4.93 -14.99 -0.36
CA PRO D 113 -5.75 -15.76 -1.29
C PRO D 113 -6.75 -14.86 -1.99
N MET D 114 -7.57 -15.40 -2.90
CA MET D 114 -8.41 -14.59 -3.81
C MET D 114 -9.36 -13.61 -3.12
N PRO D 115 -9.90 -13.99 -1.95
CA PRO D 115 -10.39 -15.21 -1.33
C PRO D 115 -11.92 -15.41 -1.39
N ARG D 116 -12.56 -15.61 -2.54
CA ARG D 116 -14.00 -15.90 -2.48
C ARG D 116 -14.51 -17.17 -3.15
N ASN D 117 -15.83 -17.34 -3.05
CA ASN D 117 -16.53 -18.61 -3.25
C ASN D 117 -16.09 -19.52 -2.11
N ILE D 118 -15.77 -18.87 -0.99
CA ILE D 118 -15.29 -19.50 0.24
C ILE D 118 -16.17 -20.66 0.69
N HIS D 119 -17.43 -20.36 1.03
CA HIS D 119 -18.34 -21.34 1.62
C HIS D 119 -18.45 -22.69 0.93
N ARG D 120 -18.38 -22.71 -0.40
CA ARG D 120 -18.48 -23.98 -1.12
C ARG D 120 -17.18 -24.58 -1.69
N ARG D 121 -16.05 -23.91 -1.53
CA ARG D 121 -14.83 -24.35 -2.23
C ARG D 121 -13.57 -23.92 -1.50
N TYR D 122 -12.47 -24.61 -1.80
CA TYR D 122 -11.17 -24.26 -1.22
C TYR D 122 -10.66 -23.00 -1.90
N VAL D 123 -10.06 -22.11 -1.12
CA VAL D 123 -9.45 -20.92 -1.68
C VAL D 123 -8.13 -21.35 -2.32
N GLN D 124 -7.59 -20.56 -3.26
CA GLN D 124 -6.38 -21.00 -3.93
C GLN D 124 -5.17 -20.25 -3.36
N ASP D 125 -4.43 -20.88 -2.44
CA ASP D 125 -3.25 -20.23 -1.85
C ASP D 125 -1.90 -20.79 -2.31
N THR D 126 -1.91 -21.85 -3.12
CA THR D 126 -0.69 -22.64 -3.34
C THR D 126 -0.18 -22.56 -4.78
N GLU D 127 1.15 -22.54 -4.94
CA GLU D 127 1.78 -22.65 -6.24
C GLU D 127 2.85 -23.74 -6.21
N PHE D 128 2.85 -24.62 -7.20
CA PHE D 128 3.75 -25.78 -7.22
C PHE D 128 4.94 -25.61 -8.15
N ALA D 129 6.05 -26.25 -7.78
CA ALA D 129 7.21 -26.35 -8.68
C ALA D 129 7.87 -27.73 -8.57
N LEU D 130 8.58 -28.13 -9.62
CA LEU D 130 9.23 -29.44 -9.68
C LEU D 130 10.76 -29.34 -9.60
N TRP D 131 11.36 -30.15 -8.75
CA TRP D 131 12.82 -30.19 -8.65
C TRP D 131 13.35 -31.52 -9.14
N ALA D 132 14.06 -31.48 -10.26
CA ALA D 132 14.71 -32.66 -10.81
C ALA D 132 16.20 -32.40 -10.98
N VAL D 133 16.98 -33.48 -11.01
CA VAL D 133 18.41 -33.38 -11.22
C VAL D 133 18.75 -34.31 -12.37
N LYS D 134 19.89 -34.13 -13.02
CA LYS D 134 20.27 -35.04 -14.09
C LYS D 134 20.58 -36.37 -13.42
N LYS D 135 20.52 -37.45 -14.18
CA LYS D 135 20.38 -38.79 -13.61
C LYS D 135 21.48 -39.20 -12.62
N LYS D 136 22.74 -39.10 -13.02
CA LYS D 136 23.85 -39.47 -12.14
C LYS D 136 24.47 -38.30 -11.37
N ALA D 137 23.79 -37.16 -11.46
CA ALA D 137 24.24 -35.92 -10.84
C ALA D 137 24.49 -36.02 -9.34
N LYS D 138 25.45 -35.23 -8.88
CA LYS D 138 25.60 -34.94 -7.46
C LYS D 138 25.13 -33.50 -7.29
N TRP D 139 23.95 -33.33 -6.71
CA TRP D 139 23.27 -32.05 -6.74
C TRP D 139 23.74 -31.11 -5.64
N VAL D 140 23.12 -29.93 -5.57
CA VAL D 140 23.58 -28.88 -4.69
C VAL D 140 22.89 -28.95 -3.32
N PHE D 141 21.66 -28.45 -3.25
CA PHE D 141 20.87 -28.49 -2.00
C PHE D 141 21.50 -27.86 -0.77
N ASN D 142 21.53 -26.54 -0.68
CA ASN D 142 22.07 -25.90 0.52
C ASN D 142 21.04 -25.84 1.65
N LYS D 143 21.38 -26.58 2.68
CA LYS D 143 20.68 -26.68 3.94
C LYS D 143 21.39 -25.83 5.00
N PRO D 144 20.72 -24.74 5.45
CA PRO D 144 21.17 -23.76 6.46
C PRO D 144 21.20 -24.40 7.85
N LYS D 145 21.74 -23.77 8.91
CA LYS D 145 21.75 -24.48 10.21
C LYS D 145 20.38 -24.75 10.89
N ASN D 146 20.11 -26.03 11.03
CA ASN D 146 18.89 -26.69 11.57
C ASN D 146 17.49 -26.12 11.25
N GLU D 147 17.31 -25.89 9.96
CA GLU D 147 16.04 -25.67 9.31
C GLU D 147 16.01 -26.70 8.17
N LYS D 148 15.13 -27.70 8.27
CA LYS D 148 15.03 -28.82 7.29
C LYS D 148 14.12 -28.57 6.10
N TYR D 149 12.87 -28.29 6.47
CA TYR D 149 11.68 -27.99 5.66
C TYR D 149 11.24 -28.86 4.47
N LEU D 150 10.35 -28.29 3.67
CA LEU D 150 9.97 -28.69 2.31
C LEU D 150 9.57 -27.51 1.44
N ARG D 151 8.46 -26.91 1.88
CA ARG D 151 7.87 -25.69 1.36
C ARG D 151 8.61 -24.43 1.82
N PRO D 152 9.39 -23.86 0.89
CA PRO D 152 10.37 -22.79 1.11
C PRO D 152 9.85 -21.55 1.81
N LEU D 153 8.70 -21.07 1.36
CA LEU D 153 8.26 -19.76 1.81
C LEU D 153 6.77 -19.57 1.84
N ILE D 154 6.32 -18.83 2.84
CA ILE D 154 4.95 -18.39 2.90
C ILE D 154 4.93 -16.87 2.65
N LEU D 155 4.51 -16.31 1.51
CA LEU D 155 4.63 -14.84 1.56
C LEU D 155 3.42 -13.94 1.24
N LYS D 156 3.41 -13.27 0.10
CA LYS D 156 2.43 -12.22 -0.17
C LYS D 156 2.07 -12.07 -1.64
N SER D 157 3.12 -11.76 -2.41
CA SER D 157 3.14 -11.38 -3.84
C SER D 157 2.97 -9.87 -3.95
N SER D 173 7.44 -13.92 -6.76
CA SER D 173 8.14 -12.87 -6.02
C SER D 173 9.65 -13.03 -5.96
N LEU D 174 10.30 -12.04 -5.35
CA LEU D 174 11.74 -12.02 -5.23
C LEU D 174 12.20 -13.01 -4.16
N ALA D 175 11.57 -12.92 -2.99
CA ALA D 175 11.92 -13.74 -1.84
C ALA D 175 11.79 -15.23 -2.12
N LEU D 176 10.81 -15.61 -2.93
CA LEU D 176 10.66 -17.01 -3.29
C LEU D 176 11.86 -17.49 -4.10
N MET D 177 12.15 -16.78 -5.19
CA MET D 177 13.27 -17.11 -6.07
C MET D 177 14.62 -17.13 -5.36
N GLU D 178 14.83 -16.20 -4.43
CA GLU D 178 16.09 -16.17 -3.69
C GLU D 178 16.30 -17.42 -2.83
N LYS D 179 15.21 -17.93 -2.26
CA LYS D 179 15.30 -19.11 -1.41
C LYS D 179 15.54 -20.36 -2.25
N ILE D 180 14.85 -20.43 -3.38
CA ILE D 180 15.06 -21.51 -4.35
C ILE D 180 16.52 -21.57 -4.75
N ILE D 181 17.07 -20.41 -5.06
CA ILE D 181 18.45 -20.30 -5.51
C ILE D 181 19.47 -20.57 -4.38
N SER D 182 19.20 -20.03 -3.20
CA SER D 182 20.06 -20.25 -2.04
C SER D 182 20.23 -21.74 -1.76
N ILE D 183 19.17 -22.49 -1.98
CA ILE D 183 19.17 -23.93 -1.77
C ILE D 183 19.83 -24.66 -2.94
N HIS D 184 19.22 -24.58 -4.11
CA HIS D 184 19.55 -25.49 -5.22
C HIS D 184 20.72 -25.04 -6.10
N THR D 185 21.34 -23.92 -5.77
CA THR D 185 22.56 -23.50 -6.45
C THR D 185 23.63 -23.06 -5.47
N ASN D 186 24.86 -22.92 -5.98
CA ASN D 186 25.99 -22.49 -5.18
C ASN D 186 26.44 -21.13 -5.68
N PRO D 187 27.14 -20.35 -4.82
CA PRO D 187 27.33 -18.92 -5.06
C PRO D 187 27.73 -18.46 -6.46
N ASN D 188 28.60 -19.16 -7.17
CA ASN D 188 28.96 -18.72 -8.52
C ASN D 188 28.35 -19.52 -9.70
N ASP D 189 27.38 -20.40 -9.40
CA ASP D 189 26.80 -21.28 -10.43
C ASP D 189 26.05 -20.49 -11.50
N ILE D 190 25.76 -21.10 -12.65
CA ILE D 190 25.05 -20.42 -13.73
C ILE D 190 23.56 -20.78 -13.84
N VAL D 191 22.71 -19.78 -13.64
CA VAL D 191 21.26 -19.97 -13.64
C VAL D 191 20.61 -19.48 -14.94
N LEU D 192 19.78 -20.34 -15.53
CA LEU D 192 19.14 -20.03 -16.81
C LEU D 192 17.61 -19.96 -16.70
N ASP D 193 17.02 -18.88 -17.18
CA ASP D 193 15.57 -18.72 -17.16
C ASP D 193 15.03 -18.34 -18.55
N PRO D 194 14.73 -19.35 -19.38
CA PRO D 194 14.26 -19.14 -20.76
C PRO D 194 12.99 -18.31 -20.86
N PHE D 195 12.14 -18.38 -19.84
CA PHE D 195 11.04 -17.42 -19.75
C PHE D 195 11.21 -16.57 -18.50
N MET D 196 11.77 -15.38 -18.65
CA MET D 196 12.12 -14.61 -17.46
C MET D 196 11.11 -13.54 -17.06
N GLY D 197 10.17 -13.23 -17.95
CA GLY D 197 9.20 -12.18 -17.65
C GLY D 197 9.89 -10.87 -17.32
N SER D 198 9.68 -10.42 -16.09
CA SER D 198 10.25 -9.19 -15.56
C SER D 198 11.65 -9.43 -15.02
N GLY D 199 12.21 -10.59 -15.33
CA GLY D 199 13.42 -11.07 -14.68
C GLY D 199 13.09 -11.61 -13.30
N THR D 200 13.61 -10.96 -12.27
CA THR D 200 13.39 -11.34 -10.86
C THR D 200 14.06 -12.68 -10.51
N THR D 201 14.37 -13.49 -11.52
CA THR D 201 15.23 -14.64 -11.33
C THR D 201 16.66 -14.15 -11.43
N GLY D 202 16.89 -13.26 -12.40
CA GLY D 202 18.15 -12.58 -12.57
C GLY D 202 18.48 -11.67 -11.41
N LEU D 203 17.51 -10.88 -11.01
CA LEU D 203 17.66 -9.94 -9.90
C LEU D 203 18.00 -10.71 -8.63
N ALA D 204 17.39 -11.88 -8.48
CA ALA D 204 17.67 -12.76 -7.36
C ALA D 204 19.10 -13.27 -7.45
N CYS D 205 19.51 -13.63 -8.66
CA CYS D 205 20.88 -14.07 -8.92
C CYS D 205 21.87 -12.97 -8.56
N LYS D 206 21.53 -11.73 -8.91
CA LYS D 206 22.39 -10.58 -8.63
C LYS D 206 22.65 -10.38 -7.14
N ASN D 207 21.59 -10.41 -6.35
CA ASN D 207 21.73 -10.20 -4.91
C ASN D 207 22.52 -11.34 -4.28
N LEU D 208 22.39 -12.51 -4.88
CA LEU D 208 23.11 -13.70 -4.42
C LEU D 208 24.35 -14.05 -5.25
N GLU D 209 24.70 -13.20 -6.22
CA GLU D 209 25.90 -13.37 -7.06
C GLU D 209 25.88 -14.64 -7.92
N ARG D 210 24.72 -14.96 -8.47
CA ARG D 210 24.50 -16.27 -9.09
C ARG D 210 24.64 -16.40 -10.62
N ASN D 211 25.15 -15.40 -11.32
CA ASN D 211 25.47 -15.56 -12.75
C ASN D 211 24.29 -15.98 -13.63
N PHE D 212 23.41 -15.03 -13.92
CA PHE D 212 22.15 -15.33 -14.61
C PHE D 212 22.22 -15.24 -16.13
N ILE D 213 21.54 -16.16 -16.80
CA ILE D 213 21.22 -16.02 -18.22
C ILE D 213 19.70 -16.12 -18.35
N GLY D 214 19.09 -15.25 -19.15
CA GLY D 214 17.65 -15.28 -19.30
C GLY D 214 17.14 -14.81 -20.64
N ILE D 215 15.93 -15.24 -20.98
CA ILE D 215 15.33 -14.94 -22.27
C ILE D 215 13.88 -14.48 -22.10
N GLU D 216 13.45 -13.56 -22.97
CA GLU D 216 12.05 -13.15 -22.99
C GLU D 216 11.59 -12.84 -24.41
N SER D 217 10.38 -13.28 -24.73
CA SER D 217 9.83 -13.13 -26.07
C SER D 217 9.18 -11.77 -26.26
N GLU D 218 8.51 -11.27 -25.23
CA GLU D 218 7.75 -10.04 -25.34
C GLU D 218 8.66 -8.86 -25.00
N LYS D 219 8.47 -7.74 -25.67
CA LYS D 219 9.40 -6.62 -25.50
C LYS D 219 9.18 -5.82 -24.21
N GLU D 220 7.93 -5.64 -23.80
CA GLU D 220 7.66 -4.91 -22.57
C GLU D 220 8.14 -5.67 -21.33
N TYR D 221 8.03 -7.00 -21.32
CA TYR D 221 8.55 -7.76 -20.21
C TYR D 221 10.08 -7.71 -20.23
N PHE D 222 10.66 -7.87 -21.40
CA PHE D 222 12.12 -7.80 -21.54
C PHE D 222 12.76 -6.52 -21.02
N GLN D 223 12.16 -5.37 -21.35
CA GLN D 223 12.75 -4.09 -20.97
C GLN D 223 12.62 -3.75 -19.49
N THR D 224 11.53 -4.16 -18.85
CA THR D 224 11.41 -3.95 -17.41
C THR D 224 12.58 -4.64 -16.73
N ALA D 225 12.79 -5.89 -17.11
CA ALA D 225 13.92 -6.67 -16.62
C ALA D 225 15.24 -5.99 -16.96
N LYS D 226 15.32 -5.45 -18.18
CA LYS D 226 16.51 -4.74 -18.64
C LYS D 226 16.71 -3.46 -17.84
N LYS D 227 15.60 -2.83 -17.46
CA LYS D 227 15.66 -1.60 -16.69
C LYS D 227 15.90 -1.94 -15.22
N ARG D 228 15.63 -3.18 -14.85
CA ARG D 228 15.91 -3.61 -13.48
C ARG D 228 17.39 -3.97 -13.28
N LEU D 229 18.06 -4.45 -14.33
CA LEU D 229 19.46 -4.84 -14.16
C LEU D 229 20.52 -4.05 -14.95
N ASN D 230 21.20 -3.07 -14.35
CA ASN D 230 22.34 -2.42 -15.03
C ASN D 230 23.58 -2.24 -14.12
N LEU D 231 24.62 -3.08 -14.18
CA LEU D 231 24.53 -4.53 -14.36
C LEU D 231 24.23 -5.00 -15.79
N MET E 1 39.53 -5.81 -4.93
CA MET E 1 39.73 -6.11 -3.52
C MET E 1 38.77 -5.30 -2.65
N ILE E 2 38.31 -5.92 -1.56
CA ILE E 2 37.41 -5.26 -0.62
C ILE E 2 37.92 -5.48 0.80
N GLN E 3 38.22 -4.37 1.46
CA GLN E 3 38.74 -4.40 2.82
C GLN E 3 37.94 -3.53 3.77
N ILE E 4 37.62 -4.09 4.92
CA ILE E 4 36.96 -3.32 5.96
C ILE E 4 37.84 -3.31 7.20
N TYR E 5 37.93 -2.15 7.84
CA TYR E 5 38.72 -2.00 9.05
C TYR E 5 37.82 -1.60 10.21
N HIS E 6 38.11 -2.09 11.40
CA HIS E 6 37.42 -1.60 12.59
C HIS E 6 38.38 -0.68 13.29
N ALA E 7 38.17 0.62 13.17
CA ALA E 7 39.13 1.58 13.70
C ALA E 7 38.53 2.96 13.86
N ASP E 8 39.23 3.80 14.60
CA ASP E 8 38.92 5.22 14.64
C ASP E 8 39.52 5.78 13.38
N ALA E 9 38.66 6.36 12.54
CA ALA E 9 39.08 6.87 11.23
C ALA E 9 40.22 7.83 11.42
N PHE E 10 40.20 8.54 12.55
CA PHE E 10 41.20 9.55 12.84
C PHE E 10 42.56 8.97 13.25
N GLU E 11 42.57 7.75 13.80
CA GLU E 11 43.84 7.09 14.11
C GLU E 11 44.44 6.27 12.95
N ILE E 12 43.59 5.74 12.08
CA ILE E 12 44.07 4.87 11.00
C ILE E 12 44.71 5.62 9.82
N ILE E 13 44.49 6.94 9.69
CA ILE E 13 45.15 7.68 8.60
C ILE E 13 46.66 7.70 8.76
N LYS E 14 47.09 7.67 10.02
CA LYS E 14 48.50 7.74 10.31
C LYS E 14 49.12 6.47 9.76
N ASP E 15 48.37 5.38 9.88
CA ASP E 15 48.74 4.11 9.27
C ASP E 15 48.66 4.18 7.75
N PHE E 16 47.57 4.77 7.23
CA PHE E 16 47.40 4.93 5.80
C PHE E 16 48.43 5.89 5.20
N TYR E 17 48.89 6.85 6.01
CA TYR E 17 49.89 7.80 5.55
C TYR E 17 51.24 7.16 5.23
N GLN E 18 51.79 6.39 6.17
CA GLN E 18 53.09 5.77 5.93
C GLN E 18 52.99 4.70 4.87
N GLN E 19 51.88 3.95 4.87
CA GLN E 19 51.65 2.96 3.83
C GLN E 19 51.50 3.63 2.47
N ASN E 20 51.42 4.96 2.48
CA ASN E 20 51.31 5.77 1.26
C ASN E 20 50.12 5.33 0.40
N LEU E 21 49.00 5.04 1.06
CA LEU E 21 47.78 4.63 0.37
C LEU E 21 47.23 5.76 -0.49
N LYS E 22 46.83 5.44 -1.71
CA LYS E 22 46.17 6.43 -2.53
C LYS E 22 44.92 5.82 -3.17
N VAL E 23 43.78 6.45 -2.89
CA VAL E 23 42.49 5.97 -3.37
C VAL E 23 41.87 6.94 -4.36
N ASP E 24 40.98 6.43 -5.21
CA ASP E 24 40.37 7.24 -6.26
C ASP E 24 39.27 8.15 -5.75
N ALA E 25 38.37 7.64 -4.92
CA ALA E 25 37.25 8.46 -4.47
C ALA E 25 36.89 8.25 -3.01
N ILE E 26 36.70 9.35 -2.30
CA ILE E 26 36.17 9.26 -0.95
C ILE E 26 34.67 9.44 -1.03
N ILE E 27 33.94 8.37 -0.80
CA ILE E 27 32.49 8.44 -0.82
C ILE E 27 31.99 7.99 0.55
N THR E 28 31.50 8.94 1.31
CA THR E 28 31.23 8.68 2.71
C THR E 28 30.02 9.44 3.24
N ASP E 29 29.52 8.97 4.38
CA ASP E 29 28.41 9.64 5.05
C ASP E 29 28.83 9.81 6.51
N PRO E 30 29.58 10.87 6.80
CA PRO E 30 30.09 11.11 8.16
C PRO E 30 28.98 11.29 9.19
N PRO E 31 29.31 11.12 10.48
CA PRO E 31 28.31 11.30 11.52
C PRO E 31 28.19 12.76 11.97
N ASN E 59 32.23 20.03 18.46
CA ASN E 59 33.34 19.57 17.60
C ASN E 59 33.55 20.22 16.23
N PHE E 60 34.83 20.33 15.92
CA PHE E 60 35.30 20.80 14.65
C PHE E 60 35.66 19.58 13.79
N LYS E 61 35.48 18.38 14.35
CA LYS E 61 35.88 17.13 13.69
C LYS E 61 35.33 16.94 12.28
N LEU E 62 34.03 17.14 12.09
CA LEU E 62 33.40 16.75 10.83
C LEU E 62 34.00 17.52 9.68
N LEU E 63 34.75 18.54 10.05
CA LEU E 63 35.53 19.31 9.12
C LEU E 63 37.02 18.90 9.11
N GLU E 64 37.46 18.17 10.13
CA GLU E 64 38.84 17.66 10.29
C GLU E 64 39.05 16.49 9.34
N TRP E 65 38.02 15.67 9.27
CA TRP E 65 37.99 14.51 8.40
C TRP E 65 38.36 14.88 6.95
N ILE E 66 37.99 16.06 6.49
CA ILE E 66 38.35 16.49 5.17
C ILE E 66 39.87 16.59 4.99
N ALA E 67 40.46 17.32 5.92
CA ALA E 67 41.87 17.69 5.91
C ALA E 67 42.83 16.53 5.92
N ARG E 68 42.50 15.52 6.69
CA ARG E 68 43.38 14.39 6.86
C ARG E 68 43.28 13.36 5.74
N TYR E 69 42.10 13.20 5.14
CA TYR E 69 41.96 12.19 4.10
C TYR E 69 42.17 12.74 2.69
N ALA E 70 42.30 14.05 2.55
CA ALA E 70 42.56 14.67 1.26
C ALA E 70 43.85 14.16 0.59
N PRO E 71 44.96 14.00 1.35
CA PRO E 71 46.17 13.51 0.69
C PRO E 71 46.02 12.14 0.03
N LEU E 72 45.06 11.34 0.49
CA LEU E 72 44.88 9.97 -0.02
C LEU E 72 44.27 9.90 -1.43
N VAL E 73 43.79 11.03 -1.95
CA VAL E 73 43.04 10.99 -3.21
C VAL E 73 43.95 11.16 -4.42
N ASN E 74 43.77 10.28 -5.41
CA ASN E 74 44.53 10.36 -6.65
C ASN E 74 44.25 11.67 -7.37
N PRO E 75 45.20 12.14 -8.20
CA PRO E 75 45.08 13.44 -8.88
C PRO E 75 43.76 13.66 -9.63
N ASN E 76 43.19 12.61 -10.19
CA ASN E 76 41.93 12.73 -10.93
C ASN E 76 40.71 12.35 -10.10
N GLY E 77 40.95 12.10 -8.81
CA GLY E 77 39.91 11.60 -7.92
C GLY E 77 38.93 12.64 -7.42
N CYS E 78 38.02 12.22 -6.55
CA CYS E 78 36.94 13.08 -6.06
C CYS E 78 36.42 12.65 -4.69
N MET E 79 35.65 13.54 -4.06
CA MET E 79 34.94 13.20 -2.83
C MET E 79 33.42 13.40 -3.00
N VAL E 80 32.63 12.51 -2.39
CA VAL E 80 31.18 12.70 -2.28
C VAL E 80 30.76 12.52 -0.83
N ILE E 81 30.25 13.60 -0.24
CA ILE E 81 30.04 13.68 1.20
C ILE E 81 28.58 13.96 1.58
N PHE E 82 27.90 13.04 2.26
CA PHE E 82 26.54 13.32 2.70
C PHE E 82 26.54 14.34 3.84
N CYS E 83 25.63 15.31 3.79
CA CYS E 83 25.54 16.33 4.85
C CYS E 83 24.17 17.01 4.87
N SER E 84 23.84 17.63 6.01
CA SER E 84 22.66 18.48 6.10
C SER E 84 22.97 19.86 5.52
N TYR E 85 21.95 20.57 5.06
CA TYR E 85 22.15 21.90 4.47
C TYR E 85 22.68 22.89 5.49
N ARG E 86 22.65 22.51 6.76
CA ARG E 86 23.17 23.37 7.82
C ARG E 86 24.69 23.37 7.86
N PHE E 87 25.30 22.25 7.48
CA PHE E 87 26.76 22.17 7.41
C PHE E 87 27.35 22.32 6.01
N ILE E 88 26.51 22.24 4.98
CA ILE E 88 27.02 22.02 3.62
C ILE E 88 27.92 23.13 3.08
N SER E 89 27.61 24.37 3.40
CA SER E 89 28.39 25.50 2.90
C SER E 89 29.78 25.52 3.53
N TYR E 90 29.84 25.22 4.83
CA TYR E 90 31.10 25.18 5.54
C TYR E 90 32.01 24.13 4.92
N ILE E 91 31.47 22.92 4.75
CA ILE E 91 32.18 21.79 4.16
C ILE E 91 32.69 22.13 2.77
N ALA E 92 31.85 22.81 1.99
CA ALA E 92 32.20 23.21 0.63
C ALA E 92 33.42 24.14 0.63
N ASP E 93 33.40 25.15 1.47
CA ASP E 93 34.52 26.10 1.54
C ASP E 93 35.79 25.42 2.02
N PHE E 94 35.65 24.55 3.02
CA PHE E 94 36.81 23.84 3.55
C PHE E 94 37.47 22.89 2.57
N LEU E 95 36.65 22.08 1.89
CA LEU E 95 37.13 21.21 0.84
C LEU E 95 38.01 21.99 -0.11
N GLU E 96 37.58 23.20 -0.42
CA GLU E 96 38.29 24.03 -1.38
C GLU E 96 39.55 24.69 -0.79
N GLU E 97 39.69 24.64 0.53
CA GLU E 97 40.94 25.05 1.17
C GLU E 97 41.91 23.89 1.30
N ASN E 98 41.41 22.67 1.13
CA ASN E 98 42.23 21.47 1.25
C ASN E 98 42.74 20.92 -0.07
N GLY E 99 42.53 21.67 -1.14
CA GLY E 99 43.04 21.28 -2.43
C GLY E 99 42.01 20.61 -3.32
N PHE E 100 40.73 20.82 -3.00
CA PHE E 100 39.65 20.31 -3.83
C PHE E 100 38.83 21.44 -4.45
N VAL E 101 38.17 21.13 -5.55
CA VAL E 101 37.25 22.07 -6.18
C VAL E 101 35.85 21.51 -6.09
N VAL E 102 34.94 22.25 -5.44
CA VAL E 102 33.58 21.76 -5.30
C VAL E 102 32.84 21.98 -6.61
N LYS E 103 32.43 20.88 -7.24
CA LYS E 103 31.74 20.95 -8.52
C LYS E 103 30.25 21.19 -8.38
N ASP E 104 29.62 20.53 -7.41
CA ASP E 104 28.16 20.55 -7.32
C ASP E 104 27.63 19.94 -6.03
N PHE E 105 26.31 19.98 -5.90
CA PHE E 105 25.61 19.26 -4.84
C PHE E 105 24.80 18.16 -5.49
N ILE E 106 24.61 17.06 -4.79
CA ILE E 106 23.66 16.05 -5.27
C ILE E 106 22.67 15.83 -4.14
N GLN E 107 21.50 15.29 -4.46
CA GLN E 107 20.49 15.13 -3.43
C GLN E 107 19.60 13.92 -3.70
N TRP E 108 19.08 13.33 -2.64
CA TRP E 108 18.24 12.15 -2.73
C TRP E 108 16.90 12.45 -2.07
N VAL E 109 15.81 12.02 -2.69
CA VAL E 109 14.48 12.31 -2.19
C VAL E 109 13.71 11.01 -1.94
N LYS E 110 13.10 10.90 -0.77
CA LYS E 110 12.35 9.70 -0.39
C LYS E 110 10.94 9.70 -1.00
N ASN E 111 10.46 8.53 -1.42
CA ASN E 111 9.09 8.37 -1.91
C ASN E 111 8.04 8.20 -0.81
N ASN E 112 8.49 7.70 0.33
CA ASN E 112 7.60 7.46 1.44
C ASN E 112 8.26 8.06 2.69
N PRO E 113 8.16 9.40 2.82
CA PRO E 113 8.69 10.00 4.06
C PRO E 113 7.73 9.77 5.21
N MET E 114 8.19 9.92 6.45
CA MET E 114 7.29 10.01 7.59
C MET E 114 6.72 11.43 7.63
N PRO E 115 5.40 11.57 7.49
CA PRO E 115 4.87 12.94 7.39
C PRO E 115 4.55 13.58 8.74
N ARG E 116 5.57 13.99 9.47
CA ARG E 116 5.37 14.74 10.72
C ARG E 116 5.12 16.23 10.43
N ASN E 117 4.45 16.90 11.37
CA ASN E 117 4.10 18.32 11.25
C ASN E 117 3.60 18.78 9.89
N ILE E 118 2.76 17.94 9.27
CA ILE E 118 2.23 18.21 7.93
C ILE E 118 1.69 19.63 7.81
N HIS E 119 0.58 19.87 8.51
CA HIS E 119 -0.13 21.13 8.48
C HIS E 119 0.71 22.38 8.77
N ARG E 120 1.72 22.26 9.63
CA ARG E 120 2.47 23.45 10.00
C ARG E 120 3.80 23.69 9.27
N ARG E 121 4.28 22.70 8.53
CA ARG E 121 5.62 22.81 7.96
C ARG E 121 5.87 21.78 6.85
N TYR E 122 7.01 21.91 6.19
CA TYR E 122 7.42 20.99 5.14
C TYR E 122 7.78 19.61 5.72
N VAL E 123 7.43 18.56 4.99
CA VAL E 123 7.83 17.20 5.36
C VAL E 123 9.31 17.09 5.06
N GLN E 124 10.03 16.16 5.68
CA GLN E 124 11.45 16.08 5.40
C GLN E 124 11.71 14.89 4.47
N ASP E 125 11.81 15.15 3.16
CA ASP E 125 12.07 14.07 2.21
C ASP E 125 13.48 14.06 1.61
N THR E 126 14.30 15.05 1.95
CA THR E 126 15.53 15.27 1.19
C THR E 126 16.81 15.04 2.00
N GLU E 127 17.82 14.46 1.35
CA GLU E 127 19.17 14.41 1.90
C GLU E 127 20.19 14.86 0.86
N PHE E 128 21.11 15.70 1.32
CA PHE E 128 22.07 16.37 0.47
C PHE E 128 23.44 15.71 0.53
N ALA E 129 24.17 15.77 -0.58
CA ALA E 129 25.57 15.37 -0.58
C ALA E 129 26.37 16.33 -1.45
N LEU E 130 27.67 16.42 -1.17
CA LEU E 130 28.54 17.35 -1.87
C LEU E 130 29.49 16.61 -2.80
N TRP E 131 29.59 17.09 -4.04
CA TRP E 131 30.53 16.48 -4.97
C TRP E 131 31.66 17.45 -5.25
N ALA E 132 32.86 17.08 -4.81
CA ALA E 132 34.04 17.86 -5.08
C ALA E 132 35.06 16.98 -5.77
N VAL E 133 35.97 17.61 -6.50
CA VAL E 133 37.02 16.90 -7.22
C VAL E 133 38.36 17.52 -6.83
N LYS E 134 39.45 16.81 -7.11
CA LYS E 134 40.76 17.37 -6.83
C LYS E 134 40.96 18.51 -7.82
N LYS E 135 41.79 19.48 -7.47
CA LYS E 135 41.73 20.78 -8.15
C LYS E 135 42.01 20.76 -9.66
N LYS E 136 43.15 20.19 -10.05
CA LYS E 136 43.54 20.14 -11.46
C LYS E 136 43.09 18.83 -12.12
N ALA E 137 42.27 18.09 -11.40
CA ALA E 137 41.78 16.79 -11.84
C ALA E 137 41.04 16.78 -13.18
N LYS E 138 41.13 15.64 -13.85
CA LYS E 138 40.24 15.30 -14.95
C LYS E 138 39.32 14.25 -14.34
N TRP E 139 38.08 14.64 -14.05
CA TRP E 139 37.23 13.81 -13.21
C TRP E 139 36.48 12.75 -14.02
N VAL E 140 35.64 11.99 -13.33
CA VAL E 140 35.00 10.82 -13.92
C VAL E 140 33.65 11.17 -14.57
N PHE E 141 32.60 11.27 -13.77
CA PHE E 141 31.26 11.63 -14.24
C PHE E 141 30.71 10.85 -15.44
N ASN E 142 30.22 9.64 -15.20
CA ASN E 142 29.67 8.81 -16.27
C ASN E 142 28.17 9.04 -16.50
N LYS E 143 27.82 9.70 -17.60
CA LYS E 143 26.42 9.83 -18.01
C LYS E 143 26.04 8.85 -19.13
N PRO E 144 24.92 8.12 -18.95
CA PRO E 144 24.34 7.15 -19.89
C PRO E 144 23.67 7.76 -21.12
N LYS E 145 23.01 6.93 -21.91
CA LYS E 145 22.17 7.37 -23.03
C LYS E 145 21.14 8.42 -22.56
N ASN E 146 20.93 8.51 -21.24
CA ASN E 146 19.90 9.36 -20.65
C ASN E 146 20.33 10.83 -20.80
N GLU E 147 19.55 11.78 -20.29
CA GLU E 147 19.95 13.18 -20.41
C GLU E 147 19.90 13.94 -19.08
N LYS E 148 20.94 14.76 -18.89
CA LYS E 148 21.24 15.59 -17.71
C LYS E 148 21.24 14.83 -16.39
N TYR E 149 20.87 15.51 -15.31
CA TYR E 149 21.03 14.99 -13.95
C TYR E 149 20.41 15.78 -12.77
N LEU E 150 21.01 15.51 -11.60
CA LEU E 150 21.04 16.35 -10.38
C LEU E 150 20.05 15.96 -9.29
N ARG E 151 19.27 14.94 -9.56
CA ARG E 151 18.51 14.25 -8.53
C ARG E 151 18.64 12.81 -8.94
N PRO E 152 19.72 12.16 -8.48
CA PRO E 152 20.13 10.85 -8.97
C PRO E 152 19.01 9.84 -8.90
N LEU E 153 18.34 9.79 -7.75
CA LEU E 153 17.34 8.76 -7.56
C LEU E 153 16.24 9.13 -6.56
N ILE E 154 15.01 8.69 -6.85
CA ILE E 154 13.91 8.77 -5.89
C ILE E 154 13.52 7.33 -5.46
N LEU E 155 13.36 7.09 -4.16
CA LEU E 155 13.01 5.75 -3.68
C LEU E 155 12.36 5.71 -2.28
N LYS E 156 12.18 4.47 -1.81
CA LYS E 156 11.48 4.09 -0.60
C LYS E 156 12.55 4.01 0.50
N SER E 157 12.13 3.67 1.72
CA SER E 157 12.99 3.53 2.89
C SER E 157 13.34 4.90 3.43
N HIS E 168 19.80 1.47 12.52
CA HIS E 168 19.94 0.54 11.39
C HIS E 168 21.18 0.89 10.51
N PRO E 169 22.00 1.91 10.86
CA PRO E 169 22.43 2.86 11.89
C PRO E 169 21.42 3.91 12.43
N THR E 170 20.67 4.79 11.73
CA THR E 170 20.59 5.27 10.33
C THR E 170 20.49 4.23 9.19
N GLN E 171 20.88 4.64 7.98
CA GLN E 171 21.44 3.83 6.88
C GLN E 171 21.20 4.66 5.60
N LYS E 172 21.92 4.36 4.52
CA LYS E 172 21.63 4.94 3.21
C LYS E 172 21.19 3.83 2.27
N SER E 173 20.20 4.10 1.42
CA SER E 173 19.68 3.06 0.55
C SER E 173 20.77 2.61 -0.42
N LEU E 174 20.64 1.37 -0.90
CA LEU E 174 21.66 0.79 -1.76
C LEU E 174 21.61 1.41 -3.14
N ALA E 175 20.40 1.54 -3.68
CA ALA E 175 20.21 2.07 -5.03
C ALA E 175 20.78 3.48 -5.17
N LEU E 176 20.72 4.27 -4.09
CA LEU E 176 21.32 5.60 -4.10
C LEU E 176 22.83 5.51 -4.25
N MET E 177 23.45 4.75 -3.34
CA MET E 177 24.89 4.55 -3.34
C MET E 177 25.36 3.96 -4.67
N GLU E 178 24.54 3.06 -5.21
CA GLU E 178 24.83 2.44 -6.50
C GLU E 178 24.86 3.46 -7.62
N LYS E 179 23.98 4.45 -7.54
CA LYS E 179 23.89 5.48 -8.56
C LYS E 179 25.07 6.47 -8.46
N ILE E 180 25.38 6.85 -7.22
CA ILE E 180 26.53 7.72 -6.96
C ILE E 180 27.82 7.15 -7.53
N ILE E 181 28.04 5.87 -7.28
CA ILE E 181 29.26 5.19 -7.70
C ILE E 181 29.33 5.02 -9.22
N SER E 182 28.20 4.66 -9.84
CA SER E 182 28.13 4.52 -11.29
C SER E 182 28.56 5.81 -11.99
N ILE E 183 28.25 6.95 -11.38
CA ILE E 183 28.62 8.24 -11.92
C ILE E 183 30.08 8.59 -11.64
N HIS E 184 30.41 8.76 -10.36
CA HIS E 184 31.64 9.43 -9.96
C HIS E 184 32.87 8.53 -9.89
N THR E 185 32.70 7.26 -10.20
CA THR E 185 33.85 6.35 -10.32
C THR E 185 33.75 5.51 -11.59
N ASN E 186 34.86 4.86 -11.92
CA ASN E 186 34.94 3.99 -13.08
C ASN E 186 35.13 2.54 -12.63
N PRO E 187 34.75 1.57 -13.48
CA PRO E 187 34.58 0.17 -13.08
C PRO E 187 35.63 -0.45 -12.17
N ASN E 188 36.92 -0.20 -12.36
CA ASN E 188 37.91 -0.79 -11.46
C ASN E 188 38.55 0.16 -10.42
N ASP E 189 38.03 1.37 -10.27
CA ASP E 189 38.62 2.37 -9.36
C ASP E 189 38.50 1.92 -7.91
N ILE E 190 39.28 2.53 -7.01
CA ILE E 190 39.22 2.19 -5.58
C ILE E 190 38.49 3.24 -4.75
N VAL E 191 37.39 2.84 -4.13
CA VAL E 191 36.53 3.74 -3.36
C VAL E 191 36.71 3.58 -1.84
N LEU E 192 36.88 4.71 -1.14
CA LEU E 192 37.11 4.70 0.30
C LEU E 192 36.00 5.39 1.09
N ASP E 193 35.50 4.70 2.11
CA ASP E 193 34.45 5.21 2.98
C ASP E 193 34.90 5.15 4.44
N PRO E 194 35.57 6.21 4.91
CA PRO E 194 36.14 6.28 6.26
C PRO E 194 35.11 6.05 7.37
N PHE E 195 33.86 6.45 7.14
CA PHE E 195 32.76 6.02 8.02
C PHE E 195 31.79 5.19 7.21
N MET E 196 31.86 3.87 7.34
CA MET E 196 31.07 3.03 6.44
C MET E 196 29.74 2.55 7.01
N GLY E 197 29.52 2.71 8.31
CA GLY E 197 28.27 2.24 8.90
C GLY E 197 28.04 0.75 8.65
N SER E 198 26.94 0.46 7.95
CA SER E 198 26.55 -0.88 7.57
C SER E 198 27.26 -1.28 6.28
N GLY E 199 28.25 -0.49 5.89
CA GLY E 199 28.83 -0.56 4.56
C GLY E 199 27.91 0.11 3.56
N THR E 200 27.35 -0.68 2.64
CA THR E 200 26.44 -0.21 1.60
C THR E 200 27.14 0.66 0.54
N THR E 201 28.30 1.21 0.89
CA THR E 201 29.15 1.84 -0.11
C THR E 201 29.97 0.72 -0.73
N GLY E 202 30.43 -0.18 0.14
CA GLY E 202 31.15 -1.36 -0.26
C GLY E 202 30.30 -2.30 -1.09
N LEU E 203 29.08 -2.56 -0.62
CA LEU E 203 28.18 -3.45 -1.31
C LEU E 203 27.86 -2.89 -2.69
N ALA E 204 27.69 -1.58 -2.76
CA ALA E 204 27.46 -0.91 -4.03
C ALA E 204 28.71 -1.05 -4.89
N CYS E 205 29.86 -0.85 -4.26
CA CYS E 205 31.14 -1.05 -4.93
C CYS E 205 31.28 -2.48 -5.41
N LYS E 206 30.92 -3.42 -4.55
CA LYS E 206 31.04 -4.84 -4.85
C LYS E 206 30.15 -5.22 -6.03
N ASN E 207 28.90 -4.78 -6.01
CA ASN E 207 27.97 -5.07 -7.10
C ASN E 207 28.40 -4.36 -8.38
N LEU E 208 29.07 -3.23 -8.22
CA LEU E 208 29.59 -2.48 -9.36
C LEU E 208 31.07 -2.76 -9.63
N GLU E 209 31.64 -3.69 -8.85
CA GLU E 209 33.04 -4.14 -9.02
C GLU E 209 34.06 -3.02 -8.75
N ARG E 210 33.78 -2.19 -7.75
CA ARG E 210 34.50 -0.94 -7.52
C ARG E 210 35.63 -0.90 -6.47
N ASN E 211 36.08 -2.03 -5.93
CA ASN E 211 37.27 -2.03 -5.05
C ASN E 211 37.16 -1.16 -3.81
N PHE E 212 36.41 -1.62 -2.82
CA PHE E 212 36.09 -0.80 -1.65
C PHE E 212 37.06 -0.93 -0.47
N ILE E 213 37.32 0.19 0.19
CA ILE E 213 37.94 0.22 1.51
C ILE E 213 37.00 0.96 2.45
N GLY E 214 36.80 0.44 3.66
CA GLY E 214 35.92 1.10 4.61
C GLY E 214 36.26 0.90 6.07
N ILE E 215 35.80 1.83 6.91
CA ILE E 215 36.12 1.82 8.32
C ILE E 215 34.86 2.06 9.18
N GLU E 216 34.81 1.41 10.35
CA GLU E 216 33.72 1.59 11.32
C GLU E 216 34.23 1.50 12.76
N SER E 217 33.71 2.36 13.64
CA SER E 217 34.21 2.39 15.01
C SER E 217 33.61 1.35 15.97
N GLU E 218 32.30 1.17 15.94
CA GLU E 218 31.67 0.23 16.86
C GLU E 218 31.55 -1.05 16.04
N LYS E 219 31.75 -2.19 16.69
CA LYS E 219 31.86 -3.43 15.95
C LYS E 219 30.51 -4.02 15.49
N GLU E 220 29.41 -3.81 16.22
CA GLU E 220 28.13 -4.36 15.76
C GLU E 220 27.81 -3.83 14.35
N TYR E 221 28.13 -2.56 14.09
CA TYR E 221 27.95 -2.00 12.76
C TYR E 221 28.96 -2.61 11.80
N PHE E 222 30.20 -2.67 12.27
CA PHE E 222 31.28 -3.31 11.53
C PHE E 222 30.83 -4.72 11.22
N GLN E 223 30.16 -5.35 12.19
CA GLN E 223 29.78 -6.74 11.98
C GLN E 223 28.67 -6.79 10.92
N THR E 224 27.72 -5.86 10.94
CA THR E 224 26.65 -5.88 9.94
C THR E 224 27.28 -5.75 8.55
N ALA E 225 28.28 -4.88 8.45
CA ALA E 225 29.09 -4.81 7.24
C ALA E 225 29.83 -6.14 6.93
N LYS E 226 30.10 -6.99 7.93
CA LYS E 226 30.82 -8.26 7.65
C LYS E 226 30.06 -9.18 6.71
N LYS E 227 28.76 -9.32 6.94
CA LYS E 227 27.93 -10.23 6.18
C LYS E 227 27.29 -9.63 4.94
N ARG E 228 27.27 -8.31 4.83
CA ARG E 228 26.74 -7.69 3.62
C ARG E 228 27.80 -7.79 2.51
N LEU E 229 29.05 -7.90 2.93
CA LEU E 229 30.13 -8.03 1.97
C LEU E 229 30.65 -9.45 1.89
N ASN E 230 29.99 -10.37 2.58
CA ASN E 230 30.33 -11.79 2.56
C ASN E 230 31.83 -12.04 2.81
N MET F 1 16.05 -34.07 29.08
CA MET F 1 15.35 -34.95 30.03
C MET F 1 13.89 -34.55 30.20
N ILE F 2 13.03 -35.54 30.33
CA ILE F 2 11.62 -35.28 30.61
C ILE F 2 11.11 -36.24 31.68
N GLN F 3 10.68 -35.71 32.81
CA GLN F 3 10.11 -36.56 33.84
C GLN F 3 8.75 -36.00 34.25
N ILE F 4 7.74 -36.85 34.28
CA ILE F 4 6.40 -36.42 34.70
C ILE F 4 5.97 -37.22 35.93
N TYR F 5 5.33 -36.57 36.89
CA TYR F 5 4.89 -37.29 38.09
C TYR F 5 3.36 -37.28 38.21
N HIS F 6 2.81 -38.34 38.76
CA HIS F 6 1.39 -38.31 38.97
C HIS F 6 1.05 -38.06 40.47
N ALA F 7 0.62 -36.82 40.76
CA ALA F 7 0.35 -36.35 42.11
C ALA F 7 -0.45 -35.06 42.19
N ASP F 8 -0.84 -34.74 43.42
CA ASP F 8 -1.37 -33.44 43.74
C ASP F 8 -0.17 -32.51 43.94
N ALA F 9 -0.11 -31.44 43.15
CA ALA F 9 1.03 -30.50 43.16
C ALA F 9 1.31 -29.95 44.55
N PHE F 10 0.27 -29.86 45.36
CA PHE F 10 0.37 -29.33 46.71
C PHE F 10 1.03 -30.32 47.67
N GLU F 11 0.91 -31.62 47.39
CA GLU F 11 1.55 -32.63 48.26
C GLU F 11 3.00 -32.97 47.90
N ILE F 12 3.31 -32.98 46.61
CA ILE F 12 4.64 -33.35 46.17
C ILE F 12 5.63 -32.23 46.36
N ILE F 13 5.13 -31.02 46.59
CA ILE F 13 6.04 -29.89 46.67
C ILE F 13 7.07 -30.00 47.81
N LYS F 14 6.68 -30.48 49.00
CA LYS F 14 7.61 -30.60 50.13
C LYS F 14 8.60 -31.74 49.89
N ASP F 15 8.22 -32.74 49.10
CA ASP F 15 9.18 -33.75 48.67
C ASP F 15 10.29 -33.07 47.88
N PHE F 16 9.91 -32.13 47.03
CA PHE F 16 10.89 -31.37 46.26
C PHE F 16 11.76 -30.52 47.20
N TYR F 17 11.24 -30.15 48.37
CA TYR F 17 12.03 -29.37 49.31
C TYR F 17 13.21 -30.22 49.79
N GLN F 18 12.89 -31.44 50.22
CA GLN F 18 13.90 -32.37 50.72
C GLN F 18 14.85 -32.81 49.60
N GLN F 19 14.33 -32.97 48.39
CA GLN F 19 15.18 -33.26 47.24
C GLN F 19 16.10 -32.08 46.95
N ASN F 20 15.85 -30.95 47.62
CA ASN F 20 16.60 -29.71 47.44
C ASN F 20 16.59 -29.32 45.96
N LEU F 21 15.44 -29.53 45.34
CA LEU F 21 15.23 -29.26 43.92
C LEU F 21 15.25 -27.76 43.58
N LYS F 22 15.91 -27.43 42.47
CA LYS F 22 15.90 -26.07 41.95
C LYS F 22 15.64 -26.06 40.45
N VAL F 23 14.58 -25.36 40.03
CA VAL F 23 14.22 -25.29 38.62
C VAL F 23 14.39 -23.86 38.09
N ASP F 24 14.61 -23.75 36.78
CA ASP F 24 14.85 -22.44 36.16
C ASP F 24 13.59 -21.61 35.94
N ALA F 25 12.56 -22.22 35.39
CA ALA F 25 11.33 -21.48 35.10
C ALA F 25 10.08 -22.30 35.37
N ILE F 26 9.14 -21.71 36.08
CA ILE F 26 7.83 -22.33 36.27
C ILE F 26 6.86 -21.80 35.23
N ILE F 27 6.47 -22.66 34.30
CA ILE F 27 5.53 -22.26 33.27
C ILE F 27 4.28 -23.12 33.35
N THR F 28 3.17 -22.52 33.76
CA THR F 28 2.01 -23.33 34.12
C THR F 28 0.67 -22.74 33.77
N ASP F 29 -0.31 -23.62 33.74
CA ASP F 29 -1.70 -23.20 33.53
C ASP F 29 -2.60 -23.81 34.61
N PRO F 30 -2.68 -23.13 35.77
CA PRO F 30 -3.49 -23.53 36.93
C PRO F 30 -4.97 -23.58 36.58
N PRO F 31 -5.78 -24.27 37.41
CA PRO F 31 -7.23 -24.35 37.19
C PRO F 31 -7.93 -23.15 37.81
N ASN F 59 -11.09 -20.02 45.65
CA ASN F 59 -10.27 -20.41 46.78
C ASN F 59 -8.97 -19.63 46.75
N PHE F 60 -8.08 -19.86 47.72
CA PHE F 60 -6.78 -19.22 47.65
C PHE F 60 -5.68 -20.17 47.16
N LYS F 61 -6.02 -21.44 46.90
CA LYS F 61 -5.03 -22.39 46.36
C LYS F 61 -4.44 -21.83 45.07
N LEU F 62 -5.31 -21.19 44.31
CA LEU F 62 -4.94 -20.55 43.05
C LEU F 62 -3.78 -19.58 43.25
N LEU F 63 -3.76 -18.90 44.40
CA LEU F 63 -2.61 -18.09 44.77
C LEU F 63 -1.67 -18.78 45.75
N GLU F 64 -2.11 -19.90 46.33
CA GLU F 64 -1.28 -20.58 47.33
C GLU F 64 -0.06 -21.28 46.76
N TRP F 65 -0.26 -22.05 45.70
CA TRP F 65 0.80 -22.79 45.04
C TRP F 65 1.98 -21.88 44.67
N ILE F 66 1.67 -20.63 44.33
CA ILE F 66 2.71 -19.66 44.00
C ILE F 66 3.67 -19.47 45.18
N ALA F 67 3.11 -19.30 46.37
CA ALA F 67 3.90 -19.12 47.58
C ALA F 67 4.79 -20.32 47.89
N ARG F 68 4.26 -21.52 47.67
CA ARG F 68 4.97 -22.75 48.00
C ARG F 68 6.01 -23.14 46.95
N TYR F 69 5.74 -22.78 45.69
CA TYR F 69 6.65 -23.13 44.60
C TYR F 69 7.67 -22.04 44.29
N ALA F 70 7.52 -20.89 44.95
CA ALA F 70 8.47 -19.79 44.79
C ALA F 70 9.92 -20.15 45.14
N PRO F 71 10.16 -20.89 46.25
CA PRO F 71 11.56 -21.19 46.59
C PRO F 71 12.35 -21.99 45.54
N LEU F 72 11.67 -22.74 44.68
CA LEU F 72 12.37 -23.61 43.72
C LEU F 72 13.04 -22.89 42.57
N VAL F 73 12.77 -21.59 42.42
CA VAL F 73 13.25 -20.88 41.24
C VAL F 73 14.65 -20.33 41.45
N ASN F 74 15.51 -20.57 40.48
CA ASN F 74 16.90 -20.11 40.50
C ASN F 74 16.98 -18.59 40.52
N PRO F 75 18.09 -18.04 41.05
CA PRO F 75 18.26 -16.59 41.19
C PRO F 75 17.95 -15.79 39.93
N ASN F 76 18.24 -16.35 38.76
CA ASN F 76 17.97 -15.69 37.49
C ASN F 76 16.65 -16.14 36.84
N GLY F 77 15.89 -16.98 37.55
CA GLY F 77 14.70 -17.59 36.98
C GLY F 77 13.47 -16.71 36.91
N CYS F 78 12.38 -17.31 36.43
CA CYS F 78 11.14 -16.57 36.19
C CYS F 78 9.91 -17.47 36.25
N MET F 79 8.73 -16.86 36.34
CA MET F 79 7.48 -17.57 36.23
C MET F 79 6.64 -17.04 35.07
N VAL F 80 5.91 -17.94 34.41
CA VAL F 80 4.89 -17.54 33.45
C VAL F 80 3.59 -18.25 33.83
N ILE F 81 2.61 -17.47 34.25
CA ILE F 81 1.37 -18.03 34.81
C ILE F 81 0.13 -17.60 34.04
N PHE F 82 -0.56 -18.57 33.45
CA PHE F 82 -1.80 -18.30 32.73
C PHE F 82 -2.93 -17.90 33.67
N CYS F 83 -3.69 -16.88 33.29
CA CYS F 83 -4.82 -16.43 34.09
C CYS F 83 -5.83 -15.62 33.29
N SER F 84 -7.06 -15.56 33.79
CA SER F 84 -8.06 -14.64 33.29
C SER F 84 -7.79 -13.28 33.90
N TYR F 85 -8.26 -12.23 33.25
CA TYR F 85 -8.06 -10.86 33.74
C TYR F 85 -8.76 -10.64 35.10
N ARG F 86 -9.59 -11.60 35.49
CA ARG F 86 -10.27 -11.55 36.78
C ARG F 86 -9.35 -11.92 37.94
N PHE F 87 -8.40 -12.82 37.70
CA PHE F 87 -7.41 -13.17 38.72
C PHE F 87 -6.05 -12.49 38.58
N ILE F 88 -5.80 -11.87 37.42
CA ILE F 88 -4.42 -11.48 37.04
C ILE F 88 -3.78 -10.47 38.00
N SER F 89 -4.57 -9.53 38.51
CA SER F 89 -4.07 -8.52 39.42
C SER F 89 -3.68 -9.15 40.74
N TYR F 90 -4.50 -10.08 41.19
CA TYR F 90 -4.26 -10.81 42.43
C TYR F 90 -2.93 -11.56 42.34
N ILE F 91 -2.76 -12.31 41.25
CA ILE F 91 -1.54 -13.08 41.02
C ILE F 91 -0.31 -12.17 40.99
N ALA F 92 -0.43 -11.03 40.33
CA ALA F 92 0.66 -10.08 40.20
C ALA F 92 1.11 -9.57 41.56
N ASP F 93 0.15 -9.12 42.37
CA ASP F 93 0.45 -8.60 43.69
C ASP F 93 0.99 -9.69 44.61
N PHE F 94 0.41 -10.89 44.51
CA PHE F 94 0.87 -12.00 45.33
C PHE F 94 2.30 -12.39 44.96
N LEU F 95 2.56 -12.52 43.67
CA LEU F 95 3.90 -12.79 43.16
C LEU F 95 4.93 -11.81 43.70
N GLU F 96 4.55 -10.54 43.72
CA GLU F 96 5.47 -9.48 44.13
C GLU F 96 5.64 -9.43 45.64
N GLU F 97 4.78 -10.14 46.35
CA GLU F 97 4.97 -10.29 47.79
C GLU F 97 5.86 -11.50 48.06
N ASN F 98 6.00 -12.35 47.05
CA ASN F 98 6.75 -13.60 47.15
C ASN F 98 8.20 -13.57 46.67
N GLY F 99 8.70 -12.39 46.32
CA GLY F 99 10.10 -12.26 45.92
C GLY F 99 10.29 -12.28 44.43
N PHE F 100 9.21 -12.03 43.70
CA PHE F 100 9.27 -11.92 42.25
C PHE F 100 8.90 -10.51 41.82
N VAL F 101 9.36 -10.11 40.65
CA VAL F 101 8.98 -8.81 40.09
C VAL F 101 8.18 -9.06 38.83
N VAL F 102 6.95 -8.58 38.79
CA VAL F 102 6.12 -8.80 37.62
C VAL F 102 6.55 -7.82 36.54
N LYS F 103 7.06 -8.37 35.44
CA LYS F 103 7.57 -7.57 34.34
C LYS F 103 6.50 -7.09 33.37
N ASP F 104 5.55 -7.96 33.07
CA ASP F 104 4.59 -7.69 32.01
C ASP F 104 3.51 -8.75 31.94
N PHE F 105 2.56 -8.54 31.05
CA PHE F 105 1.57 -9.56 30.74
C PHE F 105 1.85 -10.02 29.33
N ILE F 106 1.57 -11.28 29.04
CA ILE F 106 1.61 -11.73 27.67
C ILE F 106 0.24 -12.30 27.35
N GLN F 107 -0.08 -12.36 26.07
CA GLN F 107 -1.39 -12.82 25.68
C GLN F 107 -1.37 -13.51 24.33
N TRP F 108 -2.32 -14.40 24.15
CA TRP F 108 -2.48 -15.16 22.93
C TRP F 108 -3.88 -14.94 22.38
N VAL F 109 -3.96 -14.76 21.06
CA VAL F 109 -5.22 -14.47 20.40
C VAL F 109 -5.48 -15.51 19.32
N LYS F 110 -6.69 -16.07 19.29
CA LYS F 110 -7.02 -17.10 18.30
C LYS F 110 -7.34 -16.48 16.94
N ASN F 111 -7.00 -17.20 15.86
CA ASN F 111 -7.39 -16.77 14.52
C ASN F 111 -8.83 -17.16 14.20
N ASN F 112 -9.30 -18.24 14.84
CA ASN F 112 -10.64 -18.76 14.59
C ASN F 112 -11.43 -19.12 15.84
N PRO F 113 -12.01 -18.12 16.51
CA PRO F 113 -12.83 -18.43 17.70
C PRO F 113 -14.11 -19.20 17.37
N MET F 114 -14.84 -19.60 18.40
CA MET F 114 -15.89 -20.61 18.29
C MET F 114 -16.89 -20.42 17.14
N PRO F 115 -17.43 -19.19 16.93
CA PRO F 115 -17.61 -18.02 17.79
C PRO F 115 -18.96 -18.17 18.49
N ARG F 116 -19.30 -17.33 19.46
CA ARG F 116 -20.63 -17.34 20.08
C ARG F 116 -21.16 -15.96 20.45
N ASN F 117 -22.47 -15.82 20.39
CA ASN F 117 -23.21 -14.59 20.71
C ASN F 117 -22.62 -13.29 20.17
N ILE F 118 -22.03 -13.34 18.97
CA ILE F 118 -21.41 -12.19 18.34
C ILE F 118 -22.32 -10.95 18.28
N HIS F 119 -23.63 -11.17 18.26
CA HIS F 119 -24.55 -10.04 18.15
C HIS F 119 -24.67 -9.22 19.43
N ARG F 120 -24.65 -9.87 20.59
CA ARG F 120 -24.75 -9.15 21.85
C ARG F 120 -23.44 -8.95 22.60
N ARG F 121 -22.35 -9.52 22.09
CA ARG F 121 -21.12 -9.59 22.88
C ARG F 121 -19.85 -9.72 22.05
N TYR F 122 -18.72 -9.42 22.68
CA TYR F 122 -17.43 -9.57 22.04
C TYR F 122 -17.16 -11.07 21.90
N VAL F 123 -16.52 -11.47 20.81
CA VAL F 123 -16.14 -12.88 20.68
C VAL F 123 -15.02 -13.11 21.67
N GLN F 124 -14.82 -14.33 22.15
CA GLN F 124 -13.73 -14.53 23.10
C GLN F 124 -12.57 -15.25 22.41
N ASP F 125 -11.59 -14.46 22.00
CA ASP F 125 -10.40 -14.97 21.32
C ASP F 125 -9.11 -14.95 22.14
N THR F 126 -9.18 -14.45 23.37
CA THR F 126 -7.95 -14.08 24.07
C THR F 126 -7.62 -14.97 25.25
N GLU F 127 -6.32 -15.24 25.42
CA GLU F 127 -5.83 -15.92 26.61
C GLU F 127 -4.66 -15.15 27.21
N PHE F 128 -4.72 -14.92 28.51
CA PHE F 128 -3.72 -14.11 29.19
C PHE F 128 -2.74 -14.94 29.99
N ALA F 129 -1.51 -14.46 30.09
CA ALA F 129 -0.53 -15.03 31.00
C ALA F 129 0.29 -13.92 31.63
N LEU F 130 0.84 -14.18 32.80
CA LEU F 130 1.62 -13.18 33.52
C LEU F 130 3.08 -13.58 33.56
N TRP F 131 3.96 -12.63 33.23
CA TRP F 131 5.39 -12.90 33.26
C TRP F 131 6.09 -12.13 34.38
N ALA F 132 6.59 -12.88 35.35
CA ALA F 132 7.36 -12.31 36.44
C ALA F 132 8.73 -12.99 36.51
N VAL F 133 9.69 -12.29 37.11
CA VAL F 133 11.05 -12.82 37.25
C VAL F 133 11.50 -12.72 38.70
N LYS F 134 12.59 -13.42 39.04
CA LYS F 134 13.09 -13.36 40.40
C LYS F 134 13.58 -11.93 40.60
N LYS F 135 13.55 -11.47 41.84
CA LYS F 135 13.64 -10.03 42.09
C LYS F 135 14.96 -9.44 41.61
N LYS F 136 16.07 -10.05 42.00
CA LYS F 136 17.39 -9.58 41.59
C LYS F 136 17.89 -10.30 40.35
N ALA F 137 17.03 -11.10 39.74
CA ALA F 137 17.36 -11.89 38.55
C ALA F 137 17.83 -11.06 37.37
N LYS F 138 18.69 -11.68 36.56
CA LYS F 138 18.93 -11.18 35.21
C LYS F 138 18.25 -12.22 34.34
N TRP F 139 17.12 -11.84 33.77
CA TRP F 139 16.22 -12.81 33.17
C TRP F 139 16.61 -13.19 31.75
N VAL F 140 15.78 -14.01 31.13
CA VAL F 140 16.09 -14.64 29.86
C VAL F 140 15.63 -13.80 28.66
N PHE F 141 14.33 -13.70 28.43
CA PHE F 141 13.77 -12.93 27.31
C PHE F 141 14.27 -13.49 25.95
N ASN F 142 15.19 -12.83 25.25
CA ASN F 142 15.78 -13.42 24.03
C ASN F 142 14.96 -13.77 22.76
N LYS F 143 14.71 -12.84 21.82
CA LYS F 143 14.25 -13.33 20.50
C LYS F 143 14.55 -12.24 19.39
N PRO F 144 14.37 -12.57 18.07
CA PRO F 144 15.36 -12.30 17.02
C PRO F 144 15.39 -10.84 16.63
N LYS F 145 16.09 -10.55 15.53
CA LYS F 145 15.84 -9.28 14.88
C LYS F 145 14.49 -9.59 14.20
N ASN F 146 13.71 -8.59 13.77
CA ASN F 146 12.29 -8.51 14.17
C ASN F 146 12.32 -8.15 15.63
N GLU F 147 12.61 -6.87 15.84
CA GLU F 147 12.74 -6.26 17.14
C GLU F 147 11.44 -6.14 17.95
N LYS F 148 11.56 -5.50 19.11
CA LYS F 148 10.51 -5.29 20.11
C LYS F 148 9.90 -6.61 20.58
N TYR F 149 8.60 -6.53 20.87
CA TYR F 149 7.63 -7.63 21.08
C TYR F 149 6.36 -7.09 21.73
N LEU F 150 5.24 -7.77 21.51
CA LEU F 150 3.96 -7.25 21.98
C LEU F 150 3.10 -8.30 22.66
N ARG F 151 2.46 -9.04 21.76
CA ARG F 151 1.62 -10.21 21.96
C ARG F 151 2.25 -11.37 21.21
N PRO F 152 2.82 -12.36 21.90
CA PRO F 152 3.68 -13.33 21.22
C PRO F 152 3.12 -13.95 19.93
N LEU F 153 1.88 -14.40 19.91
CA LEU F 153 1.39 -15.10 18.71
C LEU F 153 -0.13 -15.02 18.49
N ILE F 154 -0.57 -14.99 17.23
CA ILE F 154 -1.99 -15.09 16.94
C ILE F 154 -2.38 -16.52 16.53
N LEU F 155 -1.38 -17.33 16.22
CA LEU F 155 -1.54 -18.77 15.99
C LEU F 155 -2.80 -19.17 15.22
N LYS F 156 -3.46 -20.19 15.76
CA LYS F 156 -4.66 -20.87 15.26
C LYS F 156 -5.26 -21.53 16.49
N SER F 157 -6.21 -22.44 16.31
CA SER F 157 -6.79 -23.15 17.46
C SER F 157 -6.81 -24.66 17.20
N PRO F 158 -6.57 -25.46 18.25
CA PRO F 158 -6.37 -26.91 18.08
C PRO F 158 -7.69 -27.66 17.86
N PRO F 169 -10.66 -30.89 29.62
CA PRO F 169 -9.79 -30.45 28.54
C PRO F 169 -9.01 -29.17 28.86
N THR F 170 -9.58 -28.01 28.50
CA THR F 170 -9.02 -26.67 28.73
C THR F 170 -7.50 -26.69 28.57
N GLN F 171 -7.09 -26.98 27.34
CA GLN F 171 -5.68 -27.08 26.97
C GLN F 171 -5.19 -26.00 26.04
N LYS F 172 -3.97 -25.57 26.29
CA LYS F 172 -3.32 -24.59 25.45
C LYS F 172 -2.58 -25.21 24.29
N SER F 173 -2.64 -24.54 23.16
CA SER F 173 -2.05 -25.06 21.95
C SER F 173 -0.52 -25.11 22.03
N LEU F 174 0.09 -25.84 21.10
CA LEU F 174 1.53 -26.06 21.12
C LEU F 174 2.39 -24.87 20.67
N ALA F 175 2.03 -24.26 19.55
CA ALA F 175 2.81 -23.16 18.97
C ALA F 175 2.96 -21.99 19.94
N LEU F 176 1.94 -21.79 20.78
CA LEU F 176 2.01 -20.76 21.80
C LEU F 176 3.09 -21.09 22.82
N MET F 177 2.99 -22.29 23.40
CA MET F 177 3.95 -22.72 24.41
C MET F 177 5.37 -22.72 23.87
N GLU F 178 5.54 -23.11 22.61
CA GLU F 178 6.85 -23.09 21.99
C GLU F 178 7.39 -21.67 21.94
N LYS F 179 6.50 -20.71 21.69
CA LYS F 179 6.94 -19.32 21.63
C LYS F 179 7.22 -18.73 23.02
N ILE F 180 6.36 -19.05 23.99
CA ILE F 180 6.59 -18.66 25.37
C ILE F 180 7.95 -19.15 25.85
N ILE F 181 8.20 -20.42 25.57
CA ILE F 181 9.43 -21.09 25.98
C ILE F 181 10.65 -20.58 25.22
N SER F 182 10.49 -20.40 23.91
CA SER F 182 11.56 -19.86 23.07
C SER F 182 12.04 -18.53 23.63
N ILE F 183 11.11 -17.77 24.17
CA ILE F 183 11.45 -16.50 24.78
C ILE F 183 12.01 -16.69 26.19
N HIS F 184 11.19 -17.14 27.12
CA HIS F 184 11.53 -16.97 28.54
C HIS F 184 12.47 -18.04 29.10
N THR F 185 12.94 -18.95 28.26
CA THR F 185 13.96 -19.90 28.68
C THR F 185 15.11 -19.96 27.68
N ASN F 186 16.20 -20.58 28.10
CA ASN F 186 17.37 -20.78 27.25
C ASN F 186 17.51 -22.29 27.02
N PRO F 187 18.17 -22.70 25.93
CA PRO F 187 18.08 -24.07 25.42
C PRO F 187 18.14 -25.27 26.42
N ASN F 188 18.95 -25.28 27.48
CA ASN F 188 18.94 -26.40 28.45
C ASN F 188 18.31 -26.05 29.80
N ASP F 189 17.57 -24.94 29.88
CA ASP F 189 17.00 -24.53 31.17
C ASP F 189 15.98 -25.58 31.65
N ILE F 190 15.67 -25.58 32.93
CA ILE F 190 14.75 -26.56 33.50
C ILE F 190 13.36 -25.96 33.73
N VAL F 191 12.37 -26.48 33.01
CA VAL F 191 11.01 -25.94 33.06
C VAL F 191 10.04 -26.81 33.86
N LEU F 192 9.30 -26.18 34.78
CA LEU F 192 8.37 -26.89 35.65
C LEU F 192 6.92 -26.47 35.43
N ASP F 193 6.04 -27.45 35.20
CA ASP F 193 4.62 -27.19 35.00
C ASP F 193 3.80 -28.06 35.95
N PRO F 194 3.58 -27.58 37.18
CA PRO F 194 2.90 -28.30 38.27
C PRO F 194 1.49 -28.78 37.93
N PHE F 195 0.77 -28.04 37.10
CA PHE F 195 -0.47 -28.58 36.56
C PHE F 195 -0.30 -28.69 35.06
N MET F 196 0.02 -29.88 34.57
CA MET F 196 0.39 -30.01 33.17
C MET F 196 -0.70 -30.48 32.21
N GLY F 197 -1.81 -31.00 32.73
CA GLY F 197 -2.87 -31.45 31.85
C GLY F 197 -2.45 -32.46 30.80
N SER F 198 -2.60 -32.04 29.56
CA SER F 198 -2.24 -32.82 28.39
C SER F 198 -0.74 -32.68 28.10
N GLY F 199 -0.02 -32.09 29.04
CA GLY F 199 1.35 -31.67 28.80
C GLY F 199 1.41 -30.41 27.96
N THR F 200 1.98 -30.53 26.76
CA THR F 200 2.14 -29.43 25.80
C THR F 200 3.15 -28.37 26.25
N THR F 201 3.45 -28.32 27.54
CA THR F 201 4.57 -27.54 28.05
C THR F 201 5.78 -28.43 27.87
N GLY F 202 5.58 -29.72 28.19
CA GLY F 202 6.58 -30.74 28.00
C GLY F 202 6.93 -30.95 26.55
N LEU F 203 5.91 -31.10 25.71
CA LEU F 203 6.13 -31.32 24.29
C LEU F 203 6.86 -30.15 23.65
N ALA F 204 6.50 -28.94 24.07
CA ALA F 204 7.18 -27.74 23.59
C ALA F 204 8.63 -27.76 24.05
N CYS F 205 8.83 -28.11 25.31
CA CYS F 205 10.16 -28.26 25.88
C CYS F 205 10.95 -29.34 25.15
N LYS F 206 10.30 -30.46 24.85
CA LYS F 206 10.97 -31.58 24.17
C LYS F 206 11.48 -31.19 22.79
N ASN F 207 10.61 -30.59 21.99
CA ASN F 207 10.97 -30.17 20.65
C ASN F 207 11.97 -29.01 20.65
N LEU F 208 11.96 -28.20 21.69
CA LEU F 208 12.92 -27.12 21.82
C LEU F 208 14.08 -27.54 22.73
N GLU F 209 14.03 -28.80 23.14
CA GLU F 209 15.09 -29.45 23.93
C GLU F 209 15.29 -28.79 25.29
N ARG F 210 14.19 -28.45 25.93
CA ARG F 210 14.17 -27.61 27.14
C ARG F 210 14.08 -28.29 28.52
N ASN F 211 14.19 -29.62 28.61
CA ASN F 211 14.26 -30.28 29.92
C ASN F 211 13.05 -30.05 30.85
N PHE F 212 11.95 -30.73 30.55
CA PHE F 212 10.67 -30.53 31.23
C PHE F 212 10.43 -31.39 32.49
N ILE F 213 9.79 -30.77 33.48
CA ILE F 213 9.19 -31.48 34.61
C ILE F 213 7.71 -31.12 34.72
N GLY F 214 6.85 -32.11 34.97
CA GLY F 214 5.42 -31.83 35.08
C GLY F 214 4.62 -32.73 36.01
N ILE F 215 3.49 -32.20 36.48
CA ILE F 215 2.64 -32.91 37.44
C ILE F 215 1.16 -32.85 37.03
N GLU F 216 0.41 -33.91 37.32
CA GLU F 216 -1.03 -33.97 37.06
C GLU F 216 -1.74 -34.79 38.16
N SER F 217 -2.93 -34.37 38.56
CA SER F 217 -3.66 -35.04 39.63
C SER F 217 -4.44 -36.26 39.11
N GLU F 218 -5.06 -36.07 37.94
CA GLU F 218 -5.91 -37.09 37.34
C GLU F 218 -5.15 -37.94 36.32
N LYS F 219 -5.58 -39.19 36.20
CA LYS F 219 -4.91 -40.20 35.40
C LYS F 219 -5.12 -39.95 33.91
N GLU F 220 -6.31 -39.45 33.57
CA GLU F 220 -6.71 -39.18 32.18
C GLU F 220 -5.82 -38.24 31.41
N TYR F 221 -5.52 -37.11 32.05
CA TYR F 221 -4.68 -36.10 31.46
C TYR F 221 -3.26 -36.61 31.46
N PHE F 222 -2.91 -37.22 32.58
CA PHE F 222 -1.58 -37.77 32.74
C PHE F 222 -1.20 -38.78 31.66
N GLN F 223 -2.12 -39.65 31.28
CA GLN F 223 -1.79 -40.71 30.34
C GLN F 223 -1.57 -40.11 28.95
N THR F 224 -2.36 -39.10 28.62
CA THR F 224 -2.20 -38.36 27.37
C THR F 224 -0.85 -37.66 27.31
N ALA F 225 -0.50 -36.96 28.38
CA ALA F 225 0.79 -36.28 28.47
C ALA F 225 1.94 -37.25 28.31
N LYS F 226 1.81 -38.42 28.94
CA LYS F 226 2.84 -39.45 28.86
C LYS F 226 2.91 -40.00 27.42
N LYS F 227 1.77 -40.01 26.72
CA LYS F 227 1.73 -40.49 25.35
C LYS F 227 2.26 -39.44 24.37
N ARG F 228 2.20 -38.18 24.77
CA ARG F 228 2.73 -37.11 23.95
C ARG F 228 4.25 -37.02 24.11
N LEU F 229 4.72 -37.49 25.25
CA LEU F 229 6.13 -37.47 25.60
C LEU F 229 6.80 -38.83 25.46
N ASN F 230 6.10 -39.76 24.81
CA ASN F 230 6.60 -41.11 24.53
C ASN F 230 6.94 -41.94 25.76
N LEU F 231 5.89 -42.39 26.46
CA LEU F 231 6.04 -43.33 27.59
C LEU F 231 6.92 -42.82 28.73
N MET G 1 -27.48 17.04 23.83
CA MET G 1 -27.05 18.03 24.81
C MET G 1 -25.64 17.72 25.27
N ILE G 2 -24.83 18.76 25.47
CA ILE G 2 -23.45 18.59 25.93
C ILE G 2 -23.13 19.50 27.09
N GLN G 3 -22.77 18.86 28.19
CA GLN G 3 -22.42 19.49 29.47
C GLN G 3 -21.09 19.14 30.11
N ILE G 4 -20.33 20.19 30.44
CA ILE G 4 -19.09 20.04 31.19
C ILE G 4 -19.06 20.88 32.47
N TYR G 5 -18.51 20.27 33.52
CA TYR G 5 -18.36 20.92 34.83
C TYR G 5 -16.89 20.99 35.23
N HIS G 6 -16.47 22.06 35.89
CA HIS G 6 -15.14 22.05 36.50
C HIS G 6 -15.36 21.85 37.99
N ALA G 7 -15.12 20.62 38.44
CA ALA G 7 -15.42 20.26 39.82
C ALA G 7 -14.71 18.98 40.25
N ASP G 8 -14.70 18.76 41.56
CA ASP G 8 -14.29 17.47 42.10
C ASP G 8 -15.48 16.53 42.00
N ALA G 9 -15.31 15.43 41.28
CA ALA G 9 -16.39 14.48 41.03
C ALA G 9 -17.01 13.99 42.34
N PHE G 10 -16.19 13.96 43.38
CA PHE G 10 -16.63 13.44 44.68
C PHE G 10 -17.55 14.42 45.42
N GLU G 11 -17.40 15.72 45.18
CA GLU G 11 -18.31 16.68 45.78
C GLU G 11 -19.56 16.94 44.94
N ILE G 12 -19.41 16.88 43.61
CA ILE G 12 -20.52 17.18 42.71
C ILE G 12 -21.48 15.99 42.56
N ILE G 13 -21.05 14.81 42.99
CA ILE G 13 -21.89 13.62 42.94
C ILE G 13 -23.12 13.82 43.83
N LYS G 14 -22.98 14.62 44.88
CA LYS G 14 -24.07 14.91 45.79
C LYS G 14 -25.14 15.72 45.09
N ASP G 15 -24.70 16.62 44.21
CA ASP G 15 -25.62 17.39 43.37
C ASP G 15 -26.39 16.47 42.44
N PHE G 16 -25.69 15.50 41.84
CA PHE G 16 -26.34 14.56 40.95
C PHE G 16 -27.34 13.68 41.69
N TYR G 17 -27.10 13.45 42.98
CA TYR G 17 -28.02 12.65 43.80
C TYR G 17 -29.39 13.30 43.98
N GLN G 18 -29.42 14.55 44.45
CA GLN G 18 -30.71 15.21 44.68
C GLN G 18 -31.44 15.49 43.37
N GLN G 19 -30.69 15.85 42.34
CA GLN G 19 -31.27 16.06 41.02
C GLN G 19 -31.87 14.78 40.45
N ASN G 20 -31.60 13.66 41.13
CA ASN G 20 -32.09 12.36 40.70
C ASN G 20 -31.66 12.07 39.26
N LEU G 21 -30.42 12.44 38.96
CA LEU G 21 -29.82 12.27 37.65
C LEU G 21 -29.65 10.80 37.30
N LYS G 22 -29.99 10.47 36.05
CA LYS G 22 -29.81 9.13 35.49
C LYS G 22 -29.10 9.20 34.14
N VAL G 23 -27.95 8.54 34.03
CA VAL G 23 -27.19 8.52 32.79
C VAL G 23 -27.18 7.12 32.20
N ASP G 24 -26.99 7.03 30.88
CA ASP G 24 -27.04 5.75 30.20
C ASP G 24 -25.76 4.95 30.37
N ALA G 25 -24.61 5.60 30.17
CA ALA G 25 -23.34 4.91 30.27
C ALA G 25 -22.26 5.77 30.89
N ILE G 26 -21.54 5.22 31.87
CA ILE G 26 -20.37 5.90 32.38
C ILE G 26 -19.15 5.36 31.64
N ILE G 27 -18.58 6.19 30.80
CA ILE G 27 -17.41 5.81 30.02
C ILE G 27 -16.29 6.76 30.42
N THR G 28 -15.31 6.22 31.14
CA THR G 28 -14.33 7.06 31.81
C THR G 28 -12.93 6.47 31.84
N ASP G 29 -11.97 7.32 32.12
CA ASP G 29 -10.57 6.91 32.25
C ASP G 29 -10.07 7.47 33.57
N PRO G 30 -10.32 6.75 34.67
CA PRO G 30 -10.01 7.16 36.05
C PRO G 30 -8.51 7.43 36.27
N PRO G 31 -8.17 8.14 37.36
CA PRO G 31 -6.79 8.52 37.72
C PRO G 31 -5.99 7.46 38.47
N TYR G 32 -5.33 6.58 37.72
CA TYR G 32 -4.43 5.52 38.20
C TYR G 32 -5.20 4.23 38.46
N ASP G 57 2.65 3.42 55.23
CA ASP G 57 2.03 3.78 53.96
C ASP G 57 0.57 4.14 54.21
N LYS G 58 -0.07 4.73 53.21
CA LYS G 58 -1.50 5.00 53.19
C LYS G 58 -1.91 4.72 51.77
N ASN G 59 -3.04 4.06 51.50
CA ASN G 59 -3.37 4.05 50.08
C ASN G 59 -4.81 4.23 49.61
N PHE G 60 -5.06 5.38 49.01
CA PHE G 60 -6.23 5.64 48.17
C PHE G 60 -5.62 5.73 46.78
N LYS G 61 -5.89 4.88 45.78
CA LYS G 61 -6.65 3.64 45.83
C LYS G 61 -8.08 3.81 46.33
N LEU G 62 -8.81 4.68 45.63
CA LEU G 62 -10.25 4.72 45.73
C LEU G 62 -10.82 4.32 44.38
N LEU G 63 -11.46 3.17 44.41
CA LEU G 63 -12.34 2.66 43.36
C LEU G 63 -13.72 3.03 43.82
N GLU G 64 -13.73 3.82 44.89
CA GLU G 64 -14.91 4.29 45.60
C GLU G 64 -15.90 5.03 44.70
N TRP G 65 -15.39 5.87 43.81
CA TRP G 65 -16.23 6.62 42.87
C TRP G 65 -17.19 5.69 42.14
N ILE G 66 -16.73 4.47 41.85
CA ILE G 66 -17.56 3.47 41.20
C ILE G 66 -18.80 3.20 42.04
N ALA G 67 -18.59 3.02 43.34
CA ALA G 67 -19.68 2.78 44.28
C ALA G 67 -20.65 3.96 44.30
N ARG G 68 -20.09 5.16 44.20
CA ARG G 68 -20.89 6.38 44.31
C ARG G 68 -21.61 6.73 43.01
N TYR G 69 -21.01 6.38 41.88
CA TYR G 69 -21.59 6.71 40.58
C TYR G 69 -22.45 5.59 39.98
N ALA G 70 -22.45 4.43 40.61
CA ALA G 70 -23.28 3.32 40.17
C ALA G 70 -24.79 3.65 40.14
N PRO G 71 -25.31 4.33 41.18
CA PRO G 71 -26.75 4.65 41.14
C PRO G 71 -27.19 5.50 39.95
N LEU G 72 -26.28 6.26 39.35
CA LEU G 72 -26.62 7.17 38.26
C LEU G 72 -26.95 6.45 36.96
N VAL G 73 -26.67 5.15 36.91
CA VAL G 73 -26.81 4.41 35.65
C VAL G 73 -28.21 3.83 35.50
N ASN G 74 -28.81 4.02 34.32
CA ASN G 74 -30.14 3.48 34.02
C ASN G 74 -30.14 1.95 34.06
N PRO G 75 -31.32 1.34 34.30
CA PRO G 75 -31.42 -0.11 34.44
C PRO G 75 -30.78 -0.90 33.30
N ASN G 76 -30.81 -0.38 32.08
CA ASN G 76 -30.21 -1.05 30.93
C ASN G 76 -28.80 -0.57 30.58
N GLY G 77 -28.24 0.30 31.42
CA GLY G 77 -26.97 0.95 31.12
C GLY G 77 -25.73 0.10 31.36
N CYS G 78 -24.57 0.72 31.14
CA CYS G 78 -23.30 0.02 31.23
C CYS G 78 -22.14 0.95 31.57
N MET G 79 -21.02 0.38 32.00
CA MET G 79 -19.79 1.14 32.22
C MET G 79 -18.62 0.64 31.39
N VAL G 80 -17.75 1.56 30.98
CA VAL G 80 -16.47 1.19 30.40
C VAL G 80 -15.36 1.92 31.15
N ILE G 81 -14.53 1.15 31.86
CA ILE G 81 -13.52 1.71 32.74
C ILE G 81 -12.12 1.28 32.35
N PHE G 82 -11.29 2.27 32.01
CA PHE G 82 -9.89 2.04 31.65
C PHE G 82 -9.12 1.56 32.86
N CYS G 83 -8.18 0.63 32.65
CA CYS G 83 -7.44 0.07 33.78
C CYS G 83 -6.05 -0.42 33.42
N SER G 84 -5.20 -0.48 34.44
CA SER G 84 -3.94 -1.20 34.35
C SER G 84 -4.29 -2.66 34.60
N TYR G 85 -3.51 -3.58 34.07
CA TYR G 85 -3.79 -5.00 34.31
C TYR G 85 -3.54 -5.32 35.79
N ARG G 86 -2.87 -4.40 36.48
CA ARG G 86 -2.60 -4.52 37.91
C ARG G 86 -3.83 -4.18 38.77
N PHE G 87 -4.70 -3.32 38.25
CA PHE G 87 -5.95 -2.97 38.91
C PHE G 87 -7.18 -3.72 38.40
N ILE G 88 -7.07 -4.37 37.25
CA ILE G 88 -8.26 -4.79 36.50
C ILE G 88 -9.12 -5.79 37.28
N SER G 89 -8.48 -6.69 38.03
CA SER G 89 -9.21 -7.68 38.80
C SER G 89 -9.97 -7.03 39.95
N TYR G 90 -9.32 -6.07 40.61
CA TYR G 90 -9.92 -5.35 41.73
C TYR G 90 -11.17 -4.61 41.30
N ILE G 91 -11.02 -3.81 40.24
CA ILE G 91 -12.12 -3.03 39.67
C ILE G 91 -13.27 -3.94 39.24
N ALA G 92 -12.94 -5.07 38.64
CA ALA G 92 -13.93 -6.04 38.18
C ALA G 92 -14.79 -6.57 39.33
N ASP G 93 -14.14 -6.99 40.41
CA ASP G 93 -14.85 -7.54 41.57
C ASP G 93 -15.73 -6.50 42.25
N PHE G 94 -15.23 -5.27 42.35
CA PHE G 94 -15.99 -4.19 42.96
C PHE G 94 -17.27 -3.89 42.20
N LEU G 95 -17.16 -3.78 40.87
CA LEU G 95 -18.30 -3.60 40.00
C LEU G 95 -19.39 -4.62 40.29
N GLU G 96 -19.00 -5.86 40.49
CA GLU G 96 -19.97 -6.92 40.70
C GLU G 96 -20.52 -6.89 42.13
N GLU G 97 -19.87 -6.12 43.01
CA GLU G 97 -20.43 -5.87 44.34
C GLU G 97 -21.35 -4.66 44.37
N ASN G 98 -21.27 -3.80 43.35
CA ASN G 98 -22.11 -2.60 43.29
C ASN G 98 -23.33 -2.74 42.39
N GLY G 99 -23.59 -3.95 41.91
CA GLY G 99 -24.78 -4.19 41.12
C GLY G 99 -24.57 -4.18 39.63
N PHE G 100 -23.31 -4.36 39.20
CA PHE G 100 -23.03 -4.48 37.78
C PHE G 100 -22.49 -5.88 37.49
N VAL G 101 -22.67 -6.33 36.26
CA VAL G 101 -22.11 -7.61 35.85
C VAL G 101 -21.05 -7.37 34.79
N VAL G 102 -19.83 -7.82 35.05
CA VAL G 102 -18.74 -7.58 34.11
C VAL G 102 -18.84 -8.54 32.95
N LYS G 103 -19.03 -7.97 31.76
CA LYS G 103 -19.18 -8.75 30.54
C LYS G 103 -17.85 -9.14 29.93
N ASP G 104 -16.91 -8.21 29.96
CA ASP G 104 -15.64 -8.39 29.24
C ASP G 104 -14.59 -7.34 29.56
N PHE G 105 -13.44 -7.50 28.94
CA PHE G 105 -12.39 -6.50 28.94
C PHE G 105 -12.32 -6.02 27.51
N ILE G 106 -11.91 -4.77 27.31
CA ILE G 106 -11.64 -4.32 25.96
C ILE G 106 -10.19 -3.88 25.96
N GLN G 107 -9.61 -3.79 24.78
CA GLN G 107 -8.20 -3.55 24.71
C GLN G 107 -7.82 -2.68 23.53
N TRP G 108 -6.80 -1.87 23.72
CA TRP G 108 -6.33 -1.02 22.67
C TRP G 108 -4.83 -1.18 22.41
N VAL G 109 -4.45 -1.27 21.14
CA VAL G 109 -3.06 -1.48 20.76
C VAL G 109 -2.54 -0.44 19.77
N LYS G 110 -1.36 0.10 20.05
CA LYS G 110 -0.72 1.12 19.22
C LYS G 110 -0.08 0.54 17.95
N ASN G 111 0.02 1.37 16.91
CA ASN G 111 0.72 0.97 15.69
C ASN G 111 2.22 0.99 15.83
N ASN G 112 2.71 1.74 16.80
CA ASN G 112 4.08 1.63 17.21
C ASN G 112 4.26 2.50 18.44
N PRO G 113 4.74 1.88 19.51
CA PRO G 113 5.16 2.33 20.85
C PRO G 113 6.54 3.06 20.73
N MET G 114 7.27 3.41 21.80
CA MET G 114 8.43 4.26 21.69
C MET G 114 9.56 3.61 20.82
N PRO G 115 10.12 2.45 21.20
CA PRO G 115 10.18 1.47 22.31
C PRO G 115 11.33 1.84 23.25
N ARG G 116 11.49 1.17 24.40
CA ARG G 116 12.71 1.44 25.16
C ARG G 116 13.56 0.24 25.69
N ASN G 117 13.06 -0.60 26.60
CA ASN G 117 13.89 -1.68 27.19
C ASN G 117 14.01 -2.92 26.31
N ILE G 118 13.81 -2.71 25.02
CA ILE G 118 13.87 -3.73 24.00
C ILE G 118 15.15 -4.55 24.18
N HIS G 119 15.04 -5.82 23.82
CA HIS G 119 16.01 -6.91 24.01
C HIS G 119 15.89 -7.48 25.42
N ARG G 120 15.50 -6.66 26.37
CA ARG G 120 15.29 -7.17 27.72
C ARG G 120 13.82 -7.32 28.11
N ARG G 121 12.93 -6.77 27.28
CA ARG G 121 11.53 -6.64 27.72
C ARG G 121 10.52 -6.41 26.59
N TYR G 122 9.24 -6.63 26.89
CA TYR G 122 8.16 -6.35 25.95
C TYR G 122 7.95 -4.83 25.86
N VAL G 123 7.64 -4.37 24.66
CA VAL G 123 7.29 -2.97 24.46
C VAL G 123 5.89 -2.76 25.03
N GLN G 124 5.52 -1.52 25.33
CA GLN G 124 4.20 -1.33 25.89
C GLN G 124 3.27 -0.81 24.79
N ASP G 125 2.48 -1.72 24.22
CA ASP G 125 1.55 -1.35 23.15
C ASP G 125 0.10 -1.29 23.61
N THR G 126 -0.14 -1.69 24.85
CA THR G 126 -1.50 -1.99 25.27
C THR G 126 -2.06 -1.12 26.39
N GLU G 127 -3.35 -0.78 26.27
CA GLU G 127 -4.11 -0.24 27.38
C GLU G 127 -5.43 -0.99 27.49
N PHE G 128 -5.77 -1.37 28.71
CA PHE G 128 -6.94 -2.20 28.97
C PHE G 128 -8.09 -1.36 29.48
N ALA G 129 -9.30 -1.78 29.17
CA ALA G 129 -10.48 -1.19 29.79
C ALA G 129 -11.49 -2.29 30.07
N LEU G 130 -12.35 -2.06 31.04
CA LEU G 130 -13.30 -3.06 31.51
C LEU G 130 -14.74 -2.71 31.15
N TRP G 131 -15.48 -3.66 30.60
CA TRP G 131 -16.87 -3.43 30.24
C TRP G 131 -17.84 -4.21 31.13
N ALA G 132 -18.63 -3.48 31.90
CA ALA G 132 -19.66 -4.09 32.74
C ALA G 132 -21.03 -3.52 32.40
N VAL G 133 -22.08 -4.27 32.73
CA VAL G 133 -23.44 -3.83 32.50
C VAL G 133 -24.22 -3.94 33.79
N LYS G 134 -25.35 -3.27 33.89
CA LYS G 134 -26.15 -3.35 35.11
C LYS G 134 -26.77 -4.75 35.16
N LYS G 135 -27.13 -5.20 36.35
CA LYS G 135 -27.33 -6.63 36.61
C LYS G 135 -28.39 -7.32 35.75
N LYS G 136 -29.64 -6.82 35.76
CA LYS G 136 -30.70 -7.40 34.95
C LYS G 136 -30.85 -6.65 33.62
N ALA G 137 -29.91 -5.76 33.34
CA ALA G 137 -29.93 -4.93 32.15
C ALA G 137 -30.00 -5.71 30.84
N LYS G 138 -30.62 -5.09 29.85
CA LYS G 138 -30.48 -5.53 28.47
C LYS G 138 -29.64 -4.44 27.83
N TRP G 139 -28.38 -4.78 27.55
CA TRP G 139 -27.37 -3.79 27.18
C TRP G 139 -27.37 -3.46 25.68
N VAL G 140 -26.43 -2.62 25.27
CA VAL G 140 -26.43 -2.09 23.91
C VAL G 140 -25.60 -2.98 22.98
N PHE G 141 -24.29 -2.82 23.01
CA PHE G 141 -23.38 -3.59 22.14
C PHE G 141 -23.78 -3.63 20.67
N ASN G 142 -23.59 -2.53 19.95
CA ASN G 142 -23.93 -2.51 18.54
C ASN G 142 -22.86 -3.12 17.65
N LYS G 143 -23.23 -4.18 16.94
CA LYS G 143 -22.32 -4.76 15.99
C LYS G 143 -22.66 -4.39 14.54
N PRO G 144 -21.68 -3.87 13.80
CA PRO G 144 -21.95 -3.58 12.39
C PRO G 144 -22.00 -4.90 11.65
N LYS G 145 -22.63 -4.97 10.49
CA LYS G 145 -22.53 -6.23 9.76
C LYS G 145 -21.12 -6.21 9.19
N ASN G 146 -20.33 -7.12 9.75
CA ASN G 146 -18.88 -7.30 9.61
C ASN G 146 -18.69 -8.36 10.68
N GLU G 147 -17.51 -8.90 10.91
CA GLU G 147 -17.46 -9.91 11.96
C GLU G 147 -16.55 -9.77 13.18
N LYS G 148 -17.14 -10.27 14.27
CA LYS G 148 -16.59 -10.41 15.61
C LYS G 148 -15.82 -9.27 16.24
N TYR G 149 -14.91 -9.59 17.15
CA TYR G 149 -14.55 -8.59 18.15
C TYR G 149 -13.25 -8.61 19.02
N LEU G 150 -13.36 -7.76 20.05
CA LEU G 150 -12.72 -7.77 21.38
C LEU G 150 -11.43 -6.98 21.50
N ARG G 151 -10.89 -6.46 20.42
CA ARG G 151 -9.84 -5.49 20.63
C ARG G 151 -10.11 -4.47 19.54
N PRO G 152 -10.92 -3.46 19.88
CA PRO G 152 -11.63 -2.54 18.99
C PRO G 152 -10.79 -1.93 17.88
N LEU G 153 -9.58 -1.51 18.18
CA LEU G 153 -8.82 -0.76 17.19
C LEU G 153 -7.33 -0.97 17.45
N ILE G 154 -6.56 -0.94 16.36
CA ILE G 154 -5.10 -0.97 16.41
C ILE G 154 -4.65 0.48 16.24
N LEU G 155 -5.64 1.40 16.20
CA LEU G 155 -5.43 2.84 16.01
C LEU G 155 -4.44 3.11 14.89
N LYS G 156 -3.93 4.35 14.85
CA LYS G 156 -2.65 4.70 14.23
C LYS G 156 -1.87 5.70 15.12
N SER G 157 -0.86 5.25 15.87
CA SER G 157 0.00 6.11 16.73
C SER G 157 -0.81 6.85 17.81
N PRO G 158 -0.21 7.17 18.97
CA PRO G 158 -0.99 8.03 19.87
C PRO G 158 -1.00 9.51 19.48
N GLU G 164 -4.86 17.26 17.23
CA GLU G 164 -4.94 16.70 18.57
C GLU G 164 -3.62 16.95 19.32
N LYS G 165 -3.19 15.96 20.09
CA LYS G 165 -1.90 15.96 20.75
C LYS G 165 -1.74 17.15 21.70
N THR G 166 -2.58 17.18 22.73
CA THR G 166 -2.58 18.26 23.71
C THR G 166 -1.47 17.99 24.72
N LYS G 167 -1.38 18.81 25.76
CA LYS G 167 -0.34 18.59 26.76
C LYS G 167 -0.82 17.81 27.99
N HIS G 168 -2.05 17.30 27.94
CA HIS G 168 -2.54 16.43 29.00
C HIS G 168 -1.79 15.11 28.81
N PRO G 169 -1.08 14.64 29.84
CA PRO G 169 -0.17 13.50 29.68
C PRO G 169 -0.89 12.22 29.27
N THR G 170 -1.96 11.87 29.97
CA THR G 170 -2.60 10.56 29.87
C THR G 170 -3.71 10.50 28.82
N GLN G 171 -3.82 11.56 28.01
CA GLN G 171 -4.86 11.66 26.98
C GLN G 171 -5.00 10.45 26.05
N LYS G 172 -6.25 10.02 25.92
CA LYS G 172 -6.67 8.93 25.02
C LYS G 172 -7.01 9.44 23.63
N SER G 173 -6.67 8.67 22.61
CA SER G 173 -6.95 9.11 21.26
C SER G 173 -8.44 9.22 20.99
N LEU G 174 -8.77 9.91 19.91
CA LEU G 174 -10.16 10.15 19.55
C LEU G 174 -10.82 8.90 18.97
N ALA G 175 -10.13 8.29 18.01
CA ALA G 175 -10.65 7.13 17.30
C ALA G 175 -10.98 5.96 18.22
N LEU G 176 -10.21 5.81 19.29
CA LEU G 176 -10.47 4.78 20.29
C LEU G 176 -11.80 5.04 20.99
N MET G 177 -11.94 6.23 21.55
CA MET G 177 -13.15 6.62 22.26
C MET G 177 -14.40 6.56 21.39
N GLU G 178 -14.27 6.99 20.13
CA GLU G 178 -15.39 6.93 19.20
C GLU G 178 -15.82 5.49 18.92
N LYS G 179 -14.84 4.59 18.84
CA LYS G 179 -15.14 3.20 18.54
C LYS G 179 -15.78 2.54 19.77
N ILE G 180 -15.29 2.88 20.95
CA ILE G 180 -15.89 2.43 22.21
C ILE G 180 -17.37 2.82 22.25
N ILE G 181 -17.64 4.08 21.90
CA ILE G 181 -18.99 4.63 21.94
C ILE G 181 -19.89 4.03 20.86
N SER G 182 -19.33 3.87 19.66
CA SER G 182 -20.07 3.25 18.55
C SER G 182 -20.61 1.88 18.94
N ILE G 183 -19.83 1.17 19.76
CA ILE G 183 -20.22 -0.14 20.25
C ILE G 183 -21.22 -0.05 21.41
N HIS G 184 -20.77 0.52 22.53
CA HIS G 184 -21.49 0.38 23.81
C HIS G 184 -22.59 1.39 24.08
N THR G 185 -22.84 2.29 23.12
CA THR G 185 -23.97 3.21 23.24
C THR G 185 -24.79 3.29 21.97
N ASN G 186 -25.97 3.89 22.08
CA ASN G 186 -26.86 4.11 20.95
C ASN G 186 -26.98 5.61 20.70
N PRO G 187 -27.34 6.01 19.46
CA PRO G 187 -27.20 7.39 18.97
C PRO G 187 -27.66 8.53 19.90
N ASN G 188 -28.76 8.38 20.63
CA ASN G 188 -29.20 9.40 21.59
C ASN G 188 -28.95 9.18 23.09
N ASP G 189 -28.16 8.18 23.45
CA ASP G 189 -27.94 7.84 24.86
C ASP G 189 -27.15 8.93 25.57
N ILE G 190 -27.18 8.94 26.90
CA ILE G 190 -26.44 9.93 27.69
C ILE G 190 -25.17 9.35 28.31
N VAL G 191 -24.02 9.89 27.90
CA VAL G 191 -22.72 9.39 28.33
C VAL G 191 -22.06 10.28 29.40
N LEU G 192 -21.59 9.65 30.47
CA LEU G 192 -20.99 10.37 31.59
C LEU G 192 -19.52 10.01 31.80
N ASP G 193 -18.66 11.03 31.87
CA ASP G 193 -17.24 10.83 32.09
C ASP G 193 -16.79 11.66 33.29
N PRO G 194 -16.90 11.10 34.50
CA PRO G 194 -16.60 11.80 35.76
C PRO G 194 -15.19 12.36 35.82
N PHE G 195 -14.24 11.67 35.18
CA PHE G 195 -12.93 12.27 34.98
C PHE G 195 -12.72 12.41 33.48
N MET G 196 -12.91 13.61 32.95
CA MET G 196 -12.91 13.74 31.50
C MET G 196 -11.56 14.21 30.96
N GLY G 197 -10.69 14.66 31.86
CA GLY G 197 -9.37 15.09 31.43
C GLY G 197 -9.41 16.18 30.37
N SER G 198 -8.85 15.83 29.23
CA SER G 198 -8.78 16.67 28.04
C SER G 198 -10.09 16.60 27.27
N GLY G 199 -11.11 16.02 27.91
CA GLY G 199 -12.33 15.62 27.24
C GLY G 199 -12.10 14.37 26.43
N THR G 200 -12.27 14.46 25.11
CA THR G 200 -12.08 13.35 24.18
C THR G 200 -13.13 12.24 24.33
N THR G 201 -13.80 12.19 25.48
CA THR G 201 -14.98 11.34 25.61
C THR G 201 -16.17 12.13 25.08
N GLY G 202 -16.20 13.41 25.43
CA GLY G 202 -17.19 14.33 24.97
C GLY G 202 -17.16 14.58 23.47
N LEU G 203 -15.96 14.83 22.96
CA LEU G 203 -15.79 15.09 21.54
C LEU G 203 -16.25 13.88 20.73
N ALA G 204 -15.97 12.70 21.26
CA ALA G 204 -16.42 11.47 20.63
C ALA G 204 -17.94 11.43 20.63
N CYS G 205 -18.53 11.77 21.77
CA CYS G 205 -19.97 11.88 21.89
C CYS G 205 -20.55 12.93 20.95
N LYS G 206 -19.89 14.08 20.89
CA LYS G 206 -20.34 15.19 20.05
C LYS G 206 -20.34 14.80 18.58
N ASN G 207 -19.24 14.21 18.12
CA ASN G 207 -19.14 13.80 16.72
C ASN G 207 -20.12 12.66 16.41
N LEU G 208 -20.44 11.87 17.43
CA LEU G 208 -21.40 10.78 17.27
C LEU G 208 -22.80 11.15 17.77
N GLU G 209 -22.97 12.41 18.20
CA GLU G 209 -24.26 12.94 18.66
C GLU G 209 -24.80 12.20 19.89
N ARG G 210 -23.91 11.90 20.82
CA ARG G 210 -24.18 11.02 21.96
C ARG G 210 -24.55 11.64 23.32
N ASN G 211 -24.84 12.94 23.39
CA ASN G 211 -25.35 13.54 24.63
C ASN G 211 -24.41 13.38 25.83
N PHE G 212 -23.33 14.16 25.84
CA PHE G 212 -22.28 13.99 26.84
C PHE G 212 -22.43 14.84 28.11
N ILE G 213 -22.08 14.23 29.24
CA ILE G 213 -21.85 14.94 30.50
C ILE G 213 -20.46 14.57 31.01
N GLY G 214 -19.70 15.56 31.48
CA GLY G 214 -18.36 15.29 31.98
C GLY G 214 -17.88 16.22 33.06
N ILE G 215 -16.92 15.76 33.84
CA ILE G 215 -16.39 16.53 34.98
C ILE G 215 -14.86 16.50 34.96
N GLU G 216 -14.25 17.61 35.40
CA GLU G 216 -12.81 17.70 35.53
C GLU G 216 -12.38 18.52 36.74
N SER G 217 -11.34 18.06 37.42
CA SER G 217 -10.84 18.69 38.63
C SER G 217 -9.89 19.84 38.32
N GLU G 218 -9.06 19.66 37.29
CA GLU G 218 -7.99 20.61 36.98
C GLU G 218 -8.35 21.67 35.97
N LYS G 219 -7.73 22.84 36.14
CA LYS G 219 -8.16 24.06 35.45
C LYS G 219 -7.78 24.10 33.96
N GLU G 220 -6.54 23.74 33.64
CA GLU G 220 -6.03 23.72 32.28
C GLU G 220 -6.71 22.67 31.41
N TYR G 221 -6.98 21.53 32.02
CA TYR G 221 -7.60 20.41 31.33
C TYR G 221 -9.06 20.74 31.03
N PHE G 222 -9.76 21.28 32.03
CA PHE G 222 -11.15 21.70 31.84
C PHE G 222 -11.32 22.71 30.72
N GLN G 223 -10.42 23.69 30.68
CA GLN G 223 -10.51 24.76 29.71
C GLN G 223 -10.14 24.23 28.33
N THR G 224 -9.19 23.30 28.32
CA THR G 224 -8.81 22.62 27.09
C THR G 224 -10.02 21.85 26.53
N ALA G 225 -10.69 21.11 27.39
CA ALA G 225 -11.89 20.36 27.03
C ALA G 225 -12.98 21.29 26.48
N LYS G 226 -13.15 22.42 27.14
CA LYS G 226 -14.13 23.42 26.72
C LYS G 226 -13.78 24.03 25.38
N LYS G 227 -12.49 24.19 25.15
CA LYS G 227 -12.02 24.82 23.93
C LYS G 227 -12.04 23.77 22.81
N ARG G 228 -12.07 22.50 23.21
CA ARG G 228 -12.24 21.38 22.28
C ARG G 228 -13.72 21.15 21.91
N LEU G 229 -14.60 21.59 22.80
CA LEU G 229 -16.04 21.44 22.63
C LEU G 229 -16.74 22.76 22.34
N MET H 1 -24.51 -46.87 10.88
CA MET H 1 -24.32 -48.09 10.10
C MET H 1 -22.90 -48.21 9.56
N ILE H 2 -22.34 -49.42 9.63
CA ILE H 2 -21.02 -49.71 9.08
C ILE H 2 -20.98 -51.08 8.39
N GLN H 3 -20.61 -51.10 7.12
CA GLN H 3 -20.51 -52.37 6.40
C GLN H 3 -19.14 -52.55 5.78
N ILE H 4 -18.51 -53.68 6.07
CA ILE H 4 -17.21 -54.02 5.47
C ILE H 4 -17.19 -55.35 4.75
N TYR H 5 -16.48 -55.38 3.63
CA TYR H 5 -16.32 -56.60 2.83
C TYR H 5 -14.86 -57.01 2.74
N HIS H 6 -14.59 -58.31 2.73
CA HIS H 6 -13.26 -58.78 2.41
C HIS H 6 -13.34 -59.34 1.00
N ALA H 7 -12.84 -58.57 0.04
CA ALA H 7 -12.97 -58.93 -1.37
C ALA H 7 -11.99 -58.18 -2.26
N ASP H 8 -11.86 -58.65 -3.49
CA ASP H 8 -11.15 -57.89 -4.51
C ASP H 8 -12.11 -56.87 -5.07
N ALA H 9 -11.75 -55.60 -4.91
CA ALA H 9 -12.60 -54.49 -5.31
C ALA H 9 -13.02 -54.53 -6.78
N PHE H 10 -12.21 -55.12 -7.65
CA PHE H 10 -12.51 -55.05 -9.07
C PHE H 10 -13.67 -55.89 -9.62
N GLU H 11 -13.90 -57.08 -9.07
CA GLU H 11 -15.11 -57.82 -9.43
C GLU H 11 -16.24 -57.78 -8.35
N ILE H 12 -15.99 -57.18 -7.18
CA ILE H 12 -17.08 -57.04 -6.20
C ILE H 12 -17.92 -55.86 -6.66
N ILE H 13 -17.33 -55.05 -7.53
CA ILE H 13 -18.03 -53.92 -8.12
C ILE H 13 -19.19 -54.48 -8.96
N LYS H 14 -19.00 -55.68 -9.50
CA LYS H 14 -20.03 -56.35 -10.28
C LYS H 14 -21.18 -56.77 -9.39
N ASP H 15 -20.85 -57.15 -8.16
CA ASP H 15 -21.87 -57.47 -7.16
C ASP H 15 -22.68 -56.22 -6.85
N PHE H 16 -21.96 -55.10 -6.71
CA PHE H 16 -22.59 -53.81 -6.45
C PHE H 16 -23.48 -53.38 -7.62
N TYR H 17 -23.17 -53.86 -8.83
CA TYR H 17 -23.92 -53.49 -10.02
C TYR H 17 -25.38 -53.97 -9.97
N GLN H 18 -25.59 -55.26 -9.74
CA GLN H 18 -26.92 -55.86 -9.49
C GLN H 18 -27.59 -55.41 -8.20
N GLN H 19 -26.80 -55.18 -7.16
CA GLN H 19 -27.37 -54.65 -5.92
C GLN H 19 -27.90 -53.23 -6.09
N ASN H 20 -27.60 -52.63 -7.26
CA ASN H 20 -28.05 -51.28 -7.58
C ASN H 20 -27.64 -50.30 -6.49
N LEU H 21 -26.45 -50.51 -5.95
CA LEU H 21 -25.92 -49.68 -4.89
C LEU H 21 -25.61 -48.28 -5.37
N LYS H 22 -25.99 -47.29 -4.57
CA LYS H 22 -25.62 -45.92 -4.83
C LYS H 22 -25.10 -45.30 -3.54
N VAL H 23 -23.85 -44.84 -3.57
CA VAL H 23 -23.21 -44.27 -2.39
C VAL H 23 -22.95 -42.78 -2.63
N ASP H 24 -22.86 -42.02 -1.55
CA ASP H 24 -22.70 -40.57 -1.66
C ASP H 24 -21.28 -40.12 -1.98
N ALA H 25 -20.29 -40.66 -1.29
CA ALA H 25 -18.91 -40.22 -1.53
C ALA H 25 -17.90 -41.36 -1.46
N ILE H 26 -17.04 -41.42 -2.47
CA ILE H 26 -15.94 -42.36 -2.44
C ILE H 26 -14.70 -41.70 -1.89
N ILE H 27 -14.30 -42.13 -0.70
CA ILE H 27 -13.13 -41.59 -0.05
C ILE H 27 -12.15 -42.72 0.13
N THR H 28 -11.06 -42.68 -0.63
CA THR H 28 -10.18 -43.83 -0.70
C THR H 28 -8.72 -43.46 -0.79
N ASP H 29 -7.89 -44.45 -0.48
CA ASP H 29 -6.45 -44.34 -0.53
C ASP H 29 -5.94 -45.50 -1.34
N PRO H 30 -5.97 -45.42 -2.67
CA PRO H 30 -5.52 -46.58 -3.43
C PRO H 30 -4.06 -46.91 -3.11
N PRO H 31 -3.62 -48.15 -3.41
CA PRO H 31 -2.25 -48.53 -3.08
C PRO H 31 -1.29 -48.11 -4.17
N ASN H 59 0.44 -51.81 -14.36
CA ASN H 59 -0.40 -51.25 -13.32
C ASN H 59 -1.30 -50.16 -13.90
N PHE H 60 -2.29 -50.63 -14.65
CA PHE H 60 -3.30 -49.80 -15.31
C PHE H 60 -4.48 -49.77 -14.37
N LYS H 61 -4.41 -50.64 -13.37
CA LYS H 61 -5.45 -50.80 -12.36
C LYS H 61 -5.75 -49.50 -11.63
N LEU H 62 -4.70 -48.76 -11.28
CA LEU H 62 -4.80 -47.68 -10.29
C LEU H 62 -5.58 -46.53 -10.84
N LEU H 63 -5.62 -46.48 -12.17
CA LEU H 63 -6.51 -45.58 -12.87
C LEU H 63 -7.77 -46.32 -13.33
N GLU H 64 -7.74 -47.65 -13.27
CA GLU H 64 -8.88 -48.42 -13.75
C GLU H 64 -10.09 -48.41 -12.82
N TRP H 65 -9.83 -48.63 -11.53
CA TRP H 65 -10.88 -48.71 -10.52
C TRP H 65 -11.84 -47.53 -10.53
N ILE H 66 -11.32 -46.35 -10.86
CA ILE H 66 -12.13 -45.15 -10.94
C ILE H 66 -13.27 -45.29 -11.95
N ALA H 67 -12.94 -45.80 -13.13
CA ALA H 67 -13.92 -45.99 -14.18
C ALA H 67 -15.06 -46.91 -13.77
N ARG H 68 -14.72 -47.95 -13.00
CA ARG H 68 -15.69 -48.96 -12.60
C ARG H 68 -16.57 -48.54 -11.42
N TYR H 69 -16.02 -47.73 -10.52
CA TYR H 69 -16.74 -47.31 -9.33
C TYR H 69 -17.46 -45.97 -9.48
N ALA H 70 -17.25 -45.31 -10.61
CA ALA H 70 -17.92 -44.05 -10.91
C ALA H 70 -19.46 -44.15 -10.89
N PRO H 71 -20.05 -45.21 -11.49
CA PRO H 71 -21.51 -45.30 -11.47
C PRO H 71 -22.16 -45.33 -10.09
N LEU H 72 -21.41 -45.76 -9.07
CA LEU H 72 -21.99 -45.91 -7.73
C LEU H 72 -22.29 -44.58 -7.04
N VAL H 73 -21.83 -43.48 -7.62
CA VAL H 73 -21.93 -42.19 -6.95
C VAL H 73 -23.24 -41.48 -7.27
N ASN H 74 -23.90 -40.99 -6.23
CA ASN H 74 -25.15 -40.24 -6.37
C ASN H 74 -24.94 -38.93 -7.14
N PRO H 75 -26.00 -38.41 -7.77
CA PRO H 75 -25.94 -37.20 -8.60
C PRO H 75 -25.25 -36.01 -7.93
N ASN H 76 -25.37 -35.88 -6.62
CA ASN H 76 -24.73 -34.79 -5.88
C ASN H 76 -23.42 -35.20 -5.23
N GLY H 77 -22.98 -36.42 -5.49
CA GLY H 77 -21.82 -36.98 -4.81
C GLY H 77 -20.46 -36.53 -5.30
N CYS H 78 -19.41 -37.09 -4.70
CA CYS H 78 -18.04 -36.68 -4.99
C CYS H 78 -17.04 -37.80 -4.69
N MET H 79 -15.82 -37.64 -5.19
CA MET H 79 -14.73 -38.55 -4.85
C MET H 79 -13.58 -37.81 -4.19
N VAL H 80 -12.93 -38.47 -3.23
CA VAL H 80 -11.68 -37.97 -2.67
C VAL H 80 -10.64 -39.09 -2.70
N ILE H 81 -9.61 -38.91 -3.51
CA ILE H 81 -8.63 -39.96 -3.77
C ILE H 81 -7.21 -39.55 -3.36
N PHE H 82 -6.63 -40.27 -2.42
CA PHE H 82 -5.24 -40.01 -2.04
C PHE H 82 -4.32 -40.38 -3.18
N CYS H 83 -3.34 -39.53 -3.46
CA CYS H 83 -2.38 -39.81 -4.51
C CYS H 83 -1.07 -39.03 -4.33
N SER H 84 0.00 -39.54 -4.92
CA SER H 84 1.26 -38.82 -5.03
C SER H 84 1.22 -37.85 -6.22
N TYR H 85 2.06 -36.82 -6.16
CA TYR H 85 2.12 -35.83 -7.24
C TYR H 85 2.57 -36.44 -8.58
N ARG H 86 3.09 -37.66 -8.54
CA ARG H 86 3.51 -38.34 -9.76
C ARG H 86 2.29 -38.88 -10.52
N PHE H 87 1.26 -39.27 -9.79
CA PHE H 87 0.00 -39.70 -10.41
C PHE H 87 -1.13 -38.67 -10.47
N ILE H 88 -1.02 -37.55 -9.75
CA ILE H 88 -2.19 -36.71 -9.51
C ILE H 88 -2.79 -36.15 -10.80
N SER H 89 -1.95 -35.81 -11.78
CA SER H 89 -2.43 -35.30 -13.05
C SER H 89 -3.14 -36.37 -13.86
N TYR H 90 -2.58 -37.59 -13.86
CA TYR H 90 -3.19 -38.71 -14.56
C TYR H 90 -4.58 -38.98 -14.03
N ILE H 91 -4.66 -39.12 -12.71
CA ILE H 91 -5.92 -39.37 -12.02
C ILE H 91 -6.92 -38.24 -12.28
N ALA H 92 -6.44 -37.00 -12.25
CA ALA H 92 -7.28 -35.84 -12.48
C ALA H 92 -7.94 -35.82 -13.85
N ASP H 93 -7.14 -36.05 -14.89
CA ASP H 93 -7.67 -36.04 -16.25
C ASP H 93 -8.62 -37.21 -16.46
N PHE H 94 -8.28 -38.36 -15.89
CA PHE H 94 -9.13 -39.55 -16.00
C PHE H 94 -10.49 -39.34 -15.34
N LEU H 95 -10.46 -38.80 -14.13
CA LEU H 95 -11.69 -38.46 -13.41
C LEU H 95 -12.62 -37.60 -14.27
N GLU H 96 -12.05 -36.65 -14.98
CA GLU H 96 -12.85 -35.72 -15.78
C GLU H 96 -13.36 -36.34 -17.07
N GLU H 97 -12.81 -37.50 -17.44
CA GLU H 97 -13.35 -38.25 -18.57
C GLU H 97 -14.46 -39.21 -18.16
N ASN H 98 -14.54 -39.50 -16.86
CA ASN H 98 -15.50 -40.46 -16.30
C ASN H 98 -16.77 -39.88 -15.67
N GLY H 99 -17.00 -38.59 -15.85
CA GLY H 99 -18.19 -37.99 -15.30
C GLY H 99 -17.97 -37.24 -14.00
N PHE H 100 -16.72 -36.89 -13.75
CA PHE H 100 -16.47 -36.04 -12.58
C PHE H 100 -15.76 -34.73 -12.94
N VAL H 101 -15.96 -33.71 -12.11
CA VAL H 101 -15.27 -32.44 -12.27
C VAL H 101 -14.30 -32.25 -11.13
N VAL H 102 -13.02 -32.06 -11.45
CA VAL H 102 -12.04 -31.90 -10.40
C VAL H 102 -12.12 -30.48 -9.86
N LYS H 103 -12.50 -30.37 -8.60
CA LYS H 103 -12.65 -29.08 -7.95
C LYS H 103 -11.31 -28.58 -7.42
N ASP H 104 -10.54 -29.48 -6.84
CA ASP H 104 -9.31 -29.12 -6.16
C ASP H 104 -8.51 -30.32 -5.66
N PHE H 105 -7.34 -30.02 -5.11
CA PHE H 105 -6.53 -31.00 -4.39
C PHE H 105 -6.52 -30.59 -2.93
N ILE H 106 -6.39 -31.57 -2.03
CA ILE H 106 -6.17 -31.24 -0.64
C ILE H 106 -4.89 -31.92 -0.18
N GLN H 107 -4.32 -31.46 0.93
CA GLN H 107 -3.06 -32.02 1.38
C GLN H 107 -2.93 -31.99 2.91
N TRP H 108 -2.18 -32.97 3.42
CA TRP H 108 -1.95 -33.09 4.84
C TRP H 108 -0.47 -33.06 5.12
N VAL H 109 -0.08 -32.35 6.16
CA VAL H 109 1.34 -32.20 6.49
C VAL H 109 1.59 -32.70 7.89
N LYS H 110 2.62 -33.51 8.06
CA LYS H 110 2.93 -34.04 9.38
C LYS H 110 3.61 -33.00 10.26
N ASN H 111 3.29 -33.03 11.55
CA ASN H 111 3.97 -32.21 12.54
C ASN H 111 5.26 -32.90 12.94
N ASN H 112 5.30 -34.20 12.68
CA ASN H 112 6.43 -35.01 13.08
C ASN H 112 7.00 -35.78 11.90
N PRO H 113 7.84 -35.09 11.10
CA PRO H 113 8.48 -35.79 9.99
C PRO H 113 9.51 -36.77 10.53
N MET H 114 10.10 -37.56 9.65
CA MET H 114 10.88 -38.73 10.06
C MET H 114 12.19 -38.42 10.84
N PRO H 115 13.11 -37.57 10.30
CA PRO H 115 13.49 -37.00 9.00
C PRO H 115 14.47 -37.89 8.23
N ARG H 116 14.48 -37.86 6.90
CA ARG H 116 15.56 -38.57 6.20
C ARG H 116 16.42 -37.75 5.25
N ASN H 117 17.71 -37.97 5.42
CA ASN H 117 18.87 -37.37 4.75
C ASN H 117 19.21 -35.95 5.19
N ILE H 118 18.17 -35.19 5.52
CA ILE H 118 18.22 -33.80 6.04
C ILE H 118 19.23 -32.85 5.36
N HIS H 119 20.33 -33.40 4.87
CA HIS H 119 21.40 -32.63 4.25
C HIS H 119 21.30 -32.55 2.73
N ARG H 120 20.87 -33.64 2.11
CA ARG H 120 20.82 -33.73 0.67
C ARG H 120 19.44 -33.54 0.05
N ARG H 121 18.40 -33.43 0.88
CA ARG H 121 17.04 -33.50 0.37
C ARG H 121 16.01 -32.88 1.29
N TYR H 122 14.83 -32.62 0.73
CA TYR H 122 13.69 -32.14 1.50
C TYR H 122 13.16 -33.28 2.35
N VAL H 123 12.69 -32.97 3.55
CA VAL H 123 12.06 -33.97 4.39
C VAL H 123 10.69 -34.27 3.78
N GLN H 124 10.11 -35.43 4.07
CA GLN H 124 8.81 -35.73 3.48
C GLN H 124 7.73 -35.52 4.54
N ASP H 125 7.08 -34.36 4.47
CA ASP H 125 6.01 -34.03 5.40
C ASP H 125 4.60 -34.09 4.81
N THR H 126 4.50 -34.34 3.51
CA THR H 126 3.24 -34.08 2.80
C THR H 126 2.56 -35.35 2.27
N GLU H 127 1.23 -35.36 2.34
CA GLU H 127 0.42 -36.37 1.69
C GLU H 127 -0.65 -35.67 0.86
N PHE H 128 -0.79 -36.07 -0.40
CA PHE H 128 -1.72 -35.40 -1.30
C PHE H 128 -2.98 -36.21 -1.54
N ALA H 129 -4.09 -35.51 -1.78
CA ALA H 129 -5.32 -36.16 -2.21
C ALA H 129 -6.03 -35.29 -3.25
N LEU H 130 -6.83 -35.93 -4.09
CA LEU H 130 -7.54 -35.22 -5.14
C LEU H 130 -9.04 -35.20 -4.87
N TRP H 131 -9.64 -34.02 -4.99
CA TRP H 131 -11.07 -33.85 -4.75
C TRP H 131 -11.84 -33.51 -6.03
N ALA H 132 -12.70 -34.42 -6.46
CA ALA H 132 -13.56 -34.17 -7.61
C ALA H 132 -15.04 -34.34 -7.26
N VAL H 133 -15.90 -33.70 -8.05
CA VAL H 133 -17.34 -33.82 -7.83
C VAL H 133 -18.02 -34.24 -9.11
N LYS H 134 -19.24 -34.74 -9.01
CA LYS H 134 -19.99 -35.13 -10.19
C LYS H 134 -20.39 -33.85 -10.91
N LYS H 135 -20.67 -33.93 -12.22
CA LYS H 135 -20.67 -32.75 -13.09
C LYS H 135 -21.58 -31.56 -12.74
N LYS H 136 -22.89 -31.82 -12.71
CA LYS H 136 -23.92 -30.85 -12.36
C LYS H 136 -24.31 -30.99 -10.90
N ALA H 137 -23.52 -31.80 -10.19
CA ALA H 137 -23.73 -32.09 -8.79
C ALA H 137 -23.77 -30.82 -7.96
N LYS H 138 -24.50 -30.89 -6.87
CA LYS H 138 -24.44 -29.88 -5.84
C LYS H 138 -23.61 -30.52 -4.75
N TRP H 139 -22.37 -30.09 -4.60
CA TRP H 139 -21.43 -30.83 -3.76
C TRP H 139 -21.62 -30.40 -2.32
N VAL H 140 -20.82 -31.01 -1.44
CA VAL H 140 -21.03 -30.82 0.00
C VAL H 140 -20.21 -29.66 0.57
N PHE H 141 -18.89 -29.85 0.62
CA PHE H 141 -17.98 -28.86 1.17
C PHE H 141 -18.23 -28.59 2.66
N ASN H 142 -18.99 -27.55 3.02
CA ASN H 142 -19.25 -27.28 4.44
C ASN H 142 -18.01 -26.78 5.18
N LYS H 143 -17.78 -25.48 5.11
CA LYS H 143 -16.73 -24.84 5.88
C LYS H 143 -17.12 -24.55 7.34
N PRO H 144 -16.40 -25.19 8.28
CA PRO H 144 -16.48 -25.09 9.75
C PRO H 144 -15.85 -23.82 10.32
N LYS H 145 -16.61 -22.73 10.36
CA LYS H 145 -16.12 -21.49 10.97
C LYS H 145 -14.91 -21.11 10.11
N ASN H 146 -13.76 -20.80 10.71
CA ASN H 146 -12.60 -20.34 9.98
C ASN H 146 -12.93 -19.27 8.95
N GLU H 147 -12.35 -19.47 7.76
CA GLU H 147 -12.52 -18.66 6.55
C GLU H 147 -11.82 -19.46 5.44
N LYS H 148 -12.05 -19.09 4.19
CA LYS H 148 -11.45 -19.72 3.01
C LYS H 148 -11.39 -21.27 3.02
N TYR H 149 -10.21 -21.81 2.66
CA TYR H 149 -9.62 -23.09 3.10
C TYR H 149 -8.44 -23.50 2.22
N LEU H 150 -7.69 -24.50 2.71
CA LEU H 150 -6.92 -25.47 1.93
C LEU H 150 -6.09 -26.26 2.92
N ARG H 151 -5.55 -27.40 2.49
CA ARG H 151 -4.67 -28.21 3.33
C ARG H 151 -5.42 -28.49 4.64
N PRO H 152 -6.31 -29.49 4.63
CA PRO H 152 -7.26 -29.69 5.73
C PRO H 152 -6.58 -29.67 7.09
N LEU H 153 -5.44 -30.34 7.21
CA LEU H 153 -4.83 -30.49 8.52
C LEU H 153 -3.31 -30.68 8.56
N ILE H 154 -2.68 -30.10 9.57
CA ILE H 154 -1.29 -30.38 9.92
C ILE H 154 -1.18 -31.10 11.30
N LEU H 155 -0.78 -32.37 11.30
CA LEU H 155 -0.57 -33.07 12.59
C LEU H 155 0.35 -34.28 12.54
N LYS H 156 0.36 -34.99 13.65
CA LYS H 156 1.59 -35.58 14.18
C LYS H 156 1.87 -36.95 13.57
N SER H 157 0.81 -37.75 13.44
CA SER H 157 0.84 -39.09 12.84
C SER H 157 1.41 -40.12 13.81
N PRO H 158 0.99 -41.39 13.67
CA PRO H 158 -0.10 -41.90 12.83
C PRO H 158 -1.48 -41.60 13.41
N PRO H 169 1.21 -50.23 8.24
CA PRO H 169 1.39 -50.14 6.78
C PRO H 169 1.57 -48.68 6.33
N THR H 170 0.60 -48.15 5.60
CA THR H 170 0.46 -46.72 5.22
C THR H 170 -0.49 -45.83 6.09
N GLN H 171 -0.65 -46.10 7.39
CA GLN H 171 -1.86 -45.91 8.25
C GLN H 171 -2.90 -44.75 8.07
N LYS H 172 -2.47 -43.54 7.71
CA LYS H 172 -3.40 -42.39 7.51
C LYS H 172 -4.13 -42.03 8.80
N SER H 173 -3.56 -41.13 9.59
CA SER H 173 -4.12 -40.77 10.89
C SER H 173 -5.60 -40.41 10.80
N LEU H 174 -6.31 -40.62 11.90
CA LEU H 174 -7.77 -40.47 11.95
C LEU H 174 -8.25 -39.03 11.82
N ALA H 175 -7.59 -38.12 12.52
CA ALA H 175 -7.99 -36.71 12.53
C ALA H 175 -8.00 -36.11 11.13
N LEU H 176 -7.11 -36.58 10.26
CA LEU H 176 -7.12 -36.15 8.86
C LEU H 176 -8.40 -36.64 8.20
N MET H 177 -8.63 -37.95 8.29
CA MET H 177 -9.80 -38.60 7.71
C MET H 177 -11.09 -37.99 8.24
N GLU H 178 -11.11 -37.68 9.54
CA GLU H 178 -12.28 -37.04 10.15
C GLU H 178 -12.54 -35.63 9.58
N LYS H 179 -11.45 -34.90 9.32
CA LYS H 179 -11.53 -33.54 8.81
C LYS H 179 -11.95 -33.57 7.33
N ILE H 180 -11.38 -34.51 6.59
CA ILE H 180 -11.74 -34.76 5.19
C ILE H 180 -13.24 -35.01 5.08
N ILE H 181 -13.72 -35.87 5.96
CA ILE H 181 -15.12 -36.29 6.00
C ILE H 181 -16.05 -35.18 6.48
N SER H 182 -15.64 -34.47 7.53
CA SER H 182 -16.41 -33.36 8.07
C SER H 182 -16.74 -32.36 6.97
N ILE H 183 -15.79 -32.21 6.05
CA ILE H 183 -15.99 -31.33 4.92
C ILE H 183 -16.84 -31.99 3.83
N HIS H 184 -16.32 -33.01 3.17
CA HIS H 184 -16.90 -33.41 1.90
C HIS H 184 -18.11 -34.36 2.01
N THR H 185 -18.53 -34.65 3.24
CA THR H 185 -19.78 -35.40 3.41
C THR H 185 -20.69 -34.78 4.46
N ASN H 186 -21.95 -35.22 4.47
CA ASN H 186 -22.93 -34.79 5.45
C ASN H 186 -23.37 -35.98 6.31
N PRO H 187 -23.88 -35.73 7.53
CA PRO H 187 -24.07 -36.75 8.57
C PRO H 187 -24.69 -38.10 8.16
N ASN H 188 -25.69 -38.13 7.28
CA ASN H 188 -26.23 -39.42 6.81
C ASN H 188 -25.73 -39.91 5.45
N ASP H 189 -24.70 -39.27 4.91
CA ASP H 189 -24.23 -39.64 3.58
C ASP H 189 -23.59 -41.02 3.64
N ILE H 190 -23.47 -41.67 2.49
CA ILE H 190 -22.85 -42.99 2.44
C ILE H 190 -21.44 -42.94 1.86
N VAL H 191 -20.45 -43.28 2.68
CA VAL H 191 -19.06 -43.19 2.26
C VAL H 191 -18.48 -44.56 1.92
N LEU H 192 -17.86 -44.66 0.75
CA LEU H 192 -17.32 -45.94 0.27
C LEU H 192 -15.80 -45.88 0.11
N ASP H 193 -15.12 -46.86 0.71
CA ASP H 193 -13.66 -46.95 0.62
C ASP H 193 -13.26 -48.34 0.12
N PRO H 194 -13.20 -48.50 -1.21
CA PRO H 194 -12.90 -49.79 -1.88
C PRO H 194 -11.57 -50.40 -1.47
N PHE H 195 -10.60 -49.57 -1.11
CA PHE H 195 -9.41 -50.05 -0.44
C PHE H 195 -9.40 -49.42 0.94
N MET H 196 -9.82 -50.15 1.96
CA MET H 196 -10.02 -49.51 3.26
C MET H 196 -8.84 -49.67 4.21
N GLY H 197 -7.90 -50.55 3.88
CA GLY H 197 -6.74 -50.75 4.73
C GLY H 197 -7.08 -51.10 6.16
N SER H 198 -6.65 -50.23 7.07
CA SER H 198 -6.90 -50.36 8.50
C SER H 198 -8.27 -49.77 8.84
N GLY H 199 -9.06 -49.50 7.81
CA GLY H 199 -10.25 -48.70 7.96
C GLY H 199 -9.87 -47.24 8.10
N THR H 200 -10.19 -46.65 9.25
CA THR H 200 -9.92 -45.24 9.55
C THR H 200 -10.73 -44.30 8.67
N THR H 201 -11.24 -44.81 7.54
CA THR H 201 -12.24 -44.09 6.78
C THR H 201 -13.57 -44.43 7.44
N GLY H 202 -13.69 -45.71 7.78
CA GLY H 202 -14.83 -46.22 8.52
C GLY H 202 -14.90 -45.66 9.91
N LEU H 203 -13.77 -45.71 10.62
CA LEU H 203 -13.69 -45.24 11.98
C LEU H 203 -13.98 -43.74 12.05
N ALA H 204 -13.47 -43.00 11.06
CA ALA H 204 -13.73 -41.57 10.96
C ALA H 204 -15.21 -41.33 10.67
N CYS H 205 -15.75 -42.11 9.74
CA CYS H 205 -17.16 -42.07 9.45
C CYS H 205 -17.98 -42.41 10.69
N LYS H 206 -17.52 -43.41 11.43
CA LYS H 206 -18.23 -43.87 12.62
C LYS H 206 -18.35 -42.83 13.72
N ASN H 207 -17.24 -42.20 14.10
CA ASN H 207 -17.28 -41.17 15.15
C ASN H 207 -18.03 -39.94 14.69
N LEU H 208 -18.03 -39.72 13.38
CA LEU H 208 -18.78 -38.61 12.81
C LEU H 208 -20.14 -39.10 12.33
N GLU H 209 -20.42 -40.38 12.58
CA GLU H 209 -21.74 -40.97 12.30
C GLU H 209 -22.11 -40.91 10.81
N ARG H 210 -21.14 -41.20 9.95
CA ARG H 210 -21.24 -40.99 8.51
C ARG H 210 -21.60 -42.18 7.60
N ASN H 211 -22.02 -43.32 8.16
CA ASN H 211 -22.50 -44.44 7.33
C ASN H 211 -21.50 -45.01 6.33
N PHE H 212 -20.54 -45.78 6.83
CA PHE H 212 -19.42 -46.30 6.03
C PHE H 212 -19.64 -47.66 5.34
N ILE H 213 -19.10 -47.77 4.13
CA ILE H 213 -18.91 -49.05 3.46
C ILE H 213 -17.43 -49.19 3.07
N GLY H 214 -16.85 -50.37 3.24
CA GLY H 214 -15.45 -50.57 2.89
C GLY H 214 -15.08 -51.96 2.42
N ILE H 215 -13.98 -52.02 1.67
CA ILE H 215 -13.52 -53.26 1.06
C ILE H 215 -12.02 -53.45 1.30
N GLU H 216 -11.58 -54.69 1.48
CA GLU H 216 -10.16 -54.99 1.64
C GLU H 216 -9.81 -56.33 1.01
N SER H 217 -8.64 -56.42 0.37
CA SER H 217 -8.27 -57.66 -0.33
C SER H 217 -7.64 -58.72 0.56
N GLU H 218 -6.72 -58.32 1.45
CA GLU H 218 -6.01 -59.27 2.30
C GLU H 218 -6.69 -59.31 3.67
N LYS H 219 -6.68 -60.48 4.31
CA LYS H 219 -7.47 -60.67 5.54
C LYS H 219 -6.92 -60.04 6.81
N GLU H 220 -5.60 -60.02 6.96
CA GLU H 220 -4.99 -59.45 8.16
C GLU H 220 -5.30 -57.97 8.31
N TYR H 221 -5.29 -57.26 7.20
CA TYR H 221 -5.65 -55.86 7.20
C TYR H 221 -7.15 -55.76 7.43
N PHE H 222 -7.91 -56.61 6.75
CA PHE H 222 -9.36 -56.66 6.89
C PHE H 222 -9.79 -56.86 8.34
N GLN H 223 -9.14 -57.78 9.05
CA GLN H 223 -9.52 -58.04 10.43
C GLN H 223 -9.09 -56.93 11.37
N THR H 224 -7.97 -56.27 11.07
CA THR H 224 -7.55 -55.11 11.86
C THR H 224 -8.65 -54.08 11.78
N ALA H 225 -9.11 -53.82 10.56
CA ALA H 225 -10.24 -52.93 10.33
C ALA H 225 -11.51 -53.42 11.03
N LYS H 226 -11.78 -54.73 10.97
CA LYS H 226 -12.98 -55.25 11.62
C LYS H 226 -12.89 -55.10 13.14
N LYS H 227 -11.69 -55.24 13.69
CA LYS H 227 -11.49 -55.13 15.13
C LYS H 227 -11.41 -53.65 15.53
N ARG H 228 -11.10 -52.79 14.55
CA ARG H 228 -11.12 -51.36 14.81
C ARG H 228 -12.55 -50.85 14.74
N LEU H 229 -13.38 -51.55 13.98
CA LEU H 229 -14.78 -51.18 13.84
C LEU H 229 -15.66 -52.12 14.66
N ASN H 230 -15.02 -52.94 15.50
CA ASN H 230 -15.70 -53.88 16.39
C ASN H 230 -16.48 -54.94 15.60
N SAM I . -7.75 30.08 -30.60
CA SAM I . -7.86 31.53 -30.67
C SAM I . -7.23 32.23 -29.46
O SAM I . -7.10 33.45 -29.44
OXT SAM I . -6.84 31.59 -28.49
CB SAM I . -9.31 31.97 -30.80
CG SAM I . -10.16 31.14 -31.75
SD SAM I . -11.86 31.76 -31.81
CE SAM I . -12.76 30.32 -31.17
C5' SAM I . -12.29 31.73 -33.56
C4' SAM I . -11.86 32.98 -34.33
O4' SAM I . -12.14 32.80 -35.70
C3' SAM I . -12.59 34.25 -33.92
O3' SAM I . -11.64 35.19 -33.49
C2' SAM I . -13.24 34.79 -35.18
O2' SAM I . -13.01 36.17 -35.30
C1' SAM I . -12.50 34.04 -36.27
N9 SAM I . -13.31 33.82 -37.48
C8 SAM I . -14.68 33.82 -37.63
N7 SAM I . -14.96 33.56 -38.93
C5 SAM I . -13.80 33.38 -39.60
C6 SAM I . -13.51 33.09 -40.92
N6 SAM I . -14.47 32.93 -41.82
N1 SAM I . -12.18 32.97 -41.32
C2 SAM I . -11.16 33.14 -40.40
N3 SAM I . -11.46 33.42 -39.09
C4 SAM I . -12.76 33.54 -38.70
N SAM J . -24.30 -0.57 -16.59
CA SAM J . -24.41 -2.02 -16.48
C SAM J . -23.49 -2.60 -15.39
O SAM J . -23.07 -1.90 -14.48
OXT SAM J . -23.18 -3.79 -15.41
CB SAM J . -24.16 -2.70 -17.83
CG SAM J . -24.38 -1.84 -19.07
SD SAM J . -24.44 -2.83 -20.59
CE SAM J . -23.65 -1.71 -21.77
C5' SAM J . -26.16 -2.66 -21.10
C4' SAM J . -27.00 -3.90 -20.82
O4' SAM J . -28.30 -3.76 -21.36
C3' SAM J . -26.41 -5.16 -21.43
O3' SAM J . -25.88 -5.98 -20.43
C2' SAM J . -27.57 -5.86 -22.12
O2' SAM J . -27.71 -7.17 -21.62
C1' SAM J . -28.79 -5.02 -21.75
N9 SAM J . -29.71 -4.91 -22.89
C8 SAM J . -29.40 -4.97 -24.23
N7 SAM J . -30.53 -4.83 -24.94
C5 SAM J . -31.57 -4.70 -24.10
C6 SAM J . -32.94 -4.53 -24.30
N6 SAM J . -33.43 -4.48 -25.52
N1 SAM J . -33.77 -4.42 -23.20
C2 SAM J . -33.25 -4.47 -21.92
N3 SAM J . -31.89 -4.64 -21.73
C4 SAM J . -31.06 -4.75 -22.80
N SAM K . 14.75 37.79 -8.19
CA SAM K . 14.41 39.15 -8.55
C SAM K . 13.58 39.24 -9.84
O SAM K . 13.65 40.22 -10.57
OXT SAM K . 12.85 38.31 -10.16
CB SAM K . 15.66 40.02 -8.68
CG SAM K . 17.01 39.31 -8.67
SD SAM K . 18.06 39.91 -7.32
CE SAM K . 16.94 41.11 -6.57
C5' SAM K . 19.31 41.04 -8.02
C4' SAM K . 19.05 42.50 -7.65
O4' SAM K . 19.58 42.94 -6.40
C3' SAM K . 19.63 43.42 -8.71
O3' SAM K . 18.57 44.00 -9.44
C2' SAM K . 20.36 44.50 -7.94
O2' SAM K . 20.06 45.78 -8.45
C1' SAM K . 19.81 44.34 -6.53
N9 SAM K . 20.73 44.97 -5.56
C8 SAM K . 22.09 44.81 -5.50
N7 SAM K . 22.57 45.57 -4.49
C5 SAM K . 21.55 46.23 -3.92
C6 SAM K . 21.50 47.13 -2.86
N6 SAM K . 22.61 47.48 -2.21
N1 SAM K . 20.28 47.67 -2.48
C2 SAM K . 19.13 47.31 -3.14
N3 SAM K . 19.20 46.40 -4.20
C4 SAM K . 20.38 45.88 -4.58
N SAM L . 8.38 -15.62 -13.40
CA SAM L . 8.60 -14.48 -14.27
C SAM L . 8.49 -13.14 -13.54
O SAM L . 8.07 -12.14 -14.12
OXT SAM L . 8.81 -13.04 -12.37
CB SAM L . 7.67 -14.52 -15.49
CG SAM L . 7.11 -15.90 -15.83
SD SAM L . 5.72 -15.79 -17.01
CE SAM L . 4.66 -17.11 -16.36
C5' SAM L . 6.37 -16.57 -18.49
C4' SAM L . 6.90 -15.59 -19.54
O4' SAM L . 7.41 -16.29 -20.66
C3' SAM L . 5.83 -14.65 -20.07
O3' SAM L . 6.08 -13.33 -19.63
C2' SAM L . 5.94 -14.71 -21.59
O2' SAM L . 6.06 -13.43 -22.14
C1' SAM L . 7.22 -15.52 -21.83
N9 SAM L . 7.10 -16.34 -23.05
C8 SAM L . 5.95 -16.86 -23.58
N7 SAM L . 6.27 -17.54 -24.71
C5 SAM L . 7.61 -17.45 -24.91
C6 SAM L . 8.43 -17.95 -25.90
N6 SAM L . 7.93 -18.68 -26.89
N1 SAM L . 9.79 -17.69 -25.85
C2 SAM L . 10.31 -16.93 -24.81
N3 SAM L . 9.47 -16.44 -23.84
C4 SAM L . 8.14 -16.69 -23.88
N SAM M . 25.61 3.74 7.81
CA SAM M . 25.40 4.69 6.72
C SAM M . 25.55 4.01 5.37
O SAM M . 26.02 4.61 4.41
OXT SAM M . 25.20 2.84 5.22
CB SAM M . 26.35 5.88 6.87
CG SAM M . 27.41 5.72 7.95
SD SAM M . 26.87 6.33 9.57
CE SAM M . 26.07 7.89 9.10
C5' SAM M . 28.46 6.91 10.22
C4' SAM M . 29.13 5.82 11.06
O4' SAM M . 30.54 5.93 11.03
C3' SAM M . 28.70 5.87 12.52
O3' SAM M . 28.19 4.62 12.89
C2' SAM M . 29.98 6.13 13.29
O2' SAM M . 30.03 5.39 14.48
C1' SAM M . 31.04 5.63 12.32
N9 SAM M . 32.43 6.10 12.54
C8 SAM M . 33.44 5.85 11.65
N7 SAM M . 34.59 6.38 12.12
C5 SAM M . 34.33 6.99 13.30
C6 SAM M . 35.15 7.66 14.19
N6 SAM M . 36.44 7.83 13.91
N1 SAM M . 34.61 8.18 15.35
C2 SAM M . 33.27 8.00 15.63
N3 SAM M . 32.47 7.31 14.74
C4 SAM M . 32.97 6.80 13.60
N SAM N . -1.83 -26.58 30.53
CA SAM N . -2.36 -27.93 30.39
C SAM N . -2.81 -28.23 28.96
O SAM N . -3.43 -29.26 28.68
OXT SAM N . -2.58 -27.44 28.05
CB SAM N . -3.47 -28.18 31.41
CG SAM N . -4.32 -26.97 31.73
SD SAM N . -5.76 -27.31 32.78
CE SAM N . -6.38 -25.63 32.91
C5' SAM N . -5.06 -27.39 34.44
C4' SAM N . -4.79 -28.83 34.81
O4' SAM N . -4.35 -28.91 36.14
C3' SAM N . -6.06 -29.64 34.70
O3' SAM N . -5.98 -30.52 33.59
C2' SAM N . -6.15 -30.40 36.00
O2' SAM N . -6.26 -31.78 35.74
C1' SAM N . -4.82 -30.12 36.70
N9 SAM N . -4.97 -29.99 38.16
C8 SAM N . -6.08 -29.61 38.85
N7 SAM N . -5.77 -29.63 40.17
C5 SAM N . -4.48 -30.01 40.32
C6 SAM N . -3.68 -30.20 41.44
N6 SAM N . -4.16 -29.98 42.66
N1 SAM N . -2.37 -30.61 41.27
C2 SAM N . -1.88 -30.84 40.01
N3 SAM N . -2.68 -30.65 38.90
C4 SAM N . -3.97 -30.25 39.06
N SAM O . -7.98 12.95 29.57
CA SAM O . -7.97 11.56 29.20
C SAM O . -8.74 11.36 27.89
O SAM O . -9.49 10.40 27.72
OXT SAM O . -8.61 12.18 26.98
CB SAM O . -8.51 10.69 30.35
CG SAM O . -8.77 11.43 31.66
SD SAM O . -7.30 11.52 32.73
CE SAM O . -6.76 9.80 32.74
C5' SAM O . -8.03 11.60 34.39
C4' SAM O . -8.46 12.99 34.81
O4' SAM O . -9.20 12.94 36.02
C3' SAM O . -7.30 13.94 35.05
O3' SAM O . -7.30 14.95 34.08
C2' SAM O . -7.56 14.54 36.41
O2' SAM O . -7.44 15.95 36.36
C1' SAM O . -9.00 14.15 36.72
N9 SAM O . -9.23 14.02 38.17
C8 SAM O . -8.35 13.59 39.12
N7 SAM O . -8.96 13.64 40.33
C5 SAM O . -10.22 14.11 40.16
C6 SAM O . -11.25 14.36 41.05
N6 SAM O . -11.09 14.13 42.35
N1 SAM O . -12.45 14.85 40.58
C2 SAM O . -12.61 15.10 39.23
N3 SAM O . -11.58 14.84 38.35
C4 SAM O . -10.40 14.36 38.81
N SAM P . -5.64 -46.07 3.90
CA SAM P . -5.66 -47.32 4.67
C SAM P . -5.53 -47.08 6.18
O SAM P . -6.32 -46.34 6.77
OXT SAM P . -4.65 -47.64 6.83
CB SAM P . -4.60 -48.27 4.12
CG SAM P . -3.86 -47.73 2.90
SD SAM P . -4.38 -48.28 1.25
CE SAM P . -6.06 -48.84 1.55
C5' SAM P . -3.47 -49.82 1.03
C4' SAM P . -4.41 -51.02 1.01
O4' SAM P . -5.06 -51.22 -0.23
C3' SAM P . -3.66 -52.30 1.32
O3' SAM P . -3.96 -52.70 2.64
C2' SAM P . -4.19 -53.31 0.32
O2' SAM P . -4.60 -54.49 0.97
C1' SAM P . -5.40 -52.59 -0.29
N9 SAM P . -5.69 -53.15 -1.63
C8 SAM P . -4.82 -53.28 -2.67
N7 SAM P . -5.47 -53.86 -3.71
C5 SAM P . -6.75 -54.12 -3.32
C6 SAM P . -7.82 -54.70 -3.98
N6 SAM P . -7.69 -55.12 -5.23
N1 SAM P . -9.03 -54.84 -3.32
C2 SAM P . -9.15 -54.40 -2.02
N3 SAM P . -8.08 -53.82 -1.37
C4 SAM P . -6.89 -53.68 -2.02
#